data_6NUD
#
_entry.id   6NUD
#
loop_
_entity.id
_entity.type
_entity.pdbx_description
1 polymer 'CRISPR system Cms protein Csm2'
2 polymer crRNA
3 polymer 'CRISPR type III-associated RAMP protein Csm4'
4 polymer 'CRISPR system single-strand-specific deoxyribonuclease Cas10/Csm1 (subtype III-A)'
5 polymer 'target ssRNA'
6 polymer 'CRISPR type III-associated RAMP protein Csm3'
7 non-polymer "ADENOSINE-5'-TRIPHOSPHATE"
#
loop_
_entity_poly.entity_id
_entity_poly.type
_entity_poly.pdbx_seq_one_letter_code
_entity_poly.pdbx_strand_id
1 'polypeptide(L)'
;MAILTDENYVDKAERAISLLEKDNKGNYLLTTSQIRKLLSLCSSLYDRSKERKFDELINDVSYLRVQFVYQAGREIAVKD
LIEKAQILEALKEIKDRETLQRFCRYMEALVAYFKFYGGKD
;
A,B,M
2 'polyribonucleotide' ACGGAAACUUUCGUAACUGUUUAAUUCUGUUCACUUAUUCCACCGAUAUAAACCUAAUUACCUCGAGAGGGG H
3 'polypeptide(L)'
;MTYKLYIMTFQNAHFGSGTLDSSKLTFSADRIFSALVLESLKMGKLDAFLAEANQDKFTLTDAFPFQFGPFLPKPIGYPK
HDQIDQSVDVKEVRRQAKLSKKLQFLALENVDDYLNGELFENEEHAVIDTVTKNQPHKDGNLYQVATTRFSNDTSLYVIA
NESDLLNELMSSLQYSGLGGKRSSGFGRFELDIQNIPLELSDRLTKNHSDKVMSLTTALPVDADLEEAMEDGHYLLTKSS
GFAFSHATNENYRKQDLYKFASGSTFSKTFEGQIVDVRPLDFPHAVLNYAKPLFFKLEV
;
I
4 'polypeptide(L)'
;MKKEKIDLFYGALLHDIGKVIQRATGERKKHALVGADWFDEIADNQVISDQIRYHMANYQSDKLGNDHLAYITYIADNIA
SGVDRRQSNEESDEDASAKIWDTYTNQADIFNVFGAQTDKRYFKPTVLNLKSKPNFASATYEPFSKGDYAAIATRIKNEL
AEFEFNQAQIDSLLNLFEAILSFVPSSTNSKEIADISLAEHSRLTAAFALAIYDYLEDKGRHNYKEDLFTKASAFYEEEA
FLLASFDLSGIQDFIYNIATSGAAKQLKARSLYLDFMSEYIADSLLDKLGLNRANLLYVGGGHAYFVLANTEKTVETLVQ
FEKDFNQFLLANFQTRLYVAFGWGSFAAKDIMSELNSPESYRQIYQKASRMISEKKISRYDYRTLMLLNRGGKSSERECE
ICHSVENLVSYHDQKVCDICRGLYQFSKEIAHDHFIITENEGLPIGPNACLKGVAFEKLSQESFSRVYVKNDYKAGTIKA
THVFVGDYQCDEIHKYAALSKNEDGLGIKRLAVVRLDVDDLGAAFMAGFSRQGNGQYSTLSRSATFSRSMSLFFKVYINQ
FASDKKLSIIYAGGDDVFAIGSWQDIIAFTVELRQNFIKWTNGKLTLSAGIGLFADKTPISLMAHQTGELEEAAKGNEKD
SISLFSSDYTFKFDRFITNVYDDKLEQIRYFFNHQDERGKNFIYKLIELLRNYESEEKMNVARLAYYLTRLEELTDKDER
DKFKQFKKLFFKWYTNNESDRKEAELALLLYVYEIRKD
;
J
5 'polyribonucleotide' GGGAAUAAGUGAACAGAAUUAAACAGUUACGAAAAAAAAAAAGGGUACC U
6 'polypeptide(L)'
;MTFAKIKFSAQIRLETGLHIGGSDAFAAIGAIASPVIKDPITNIPIIPGSSLKGKMRTLLAKVYNEKVAEKPSDDSDILS
RLFGNSKDKRFKMGRLIFRDAFLSNADELDSLGVRSYTEVKFENTIDRITAEANPRQIERAIRNSTFDFELIYEITDENE
NQVEEDFKVIRDGLKLLELDYLGGSGSRGYGKVAFEKLKATTVFGNYDVKTLNELLTAEV
;
C,E,N,O,P
#
loop_
_chem_comp.id
_chem_comp.type
_chem_comp.name
_chem_comp.formula
A RNA linking ADENOSINE-5'-MONOPHOSPHATE 'C10 H14 N5 O7 P'
ATP non-polymer ADENOSINE-5'-TRIPHOSPHATE 'C10 H16 N5 O13 P3'
C RNA linking CYTIDINE-5'-MONOPHOSPHATE 'C9 H14 N3 O8 P'
G RNA linking GUANOSINE-5'-MONOPHOSPHATE 'C10 H14 N5 O8 P'
U RNA linking URIDINE-5'-MONOPHOSPHATE 'C9 H13 N2 O9 P'
#
# COMPACT_ATOMS: atom_id res chain seq x y z
N LYS A 12 -18.74 19.13 -4.72
CA LYS A 12 -17.39 18.67 -5.02
C LYS A 12 -17.40 17.20 -5.45
N ALA A 13 -17.70 16.32 -4.50
CA ALA A 13 -17.75 14.89 -4.77
C ALA A 13 -19.14 14.28 -4.61
N GLU A 14 -20.13 15.06 -4.17
CA GLU A 14 -21.48 14.52 -4.01
C GLU A 14 -22.24 14.54 -5.33
N ARG A 15 -22.06 15.59 -6.12
CA ARG A 15 -22.76 15.71 -7.40
C ARG A 15 -22.12 14.88 -8.51
N ALA A 16 -20.98 14.24 -8.25
CA ALA A 16 -20.31 13.43 -9.26
C ALA A 16 -20.98 12.07 -9.46
N ILE A 17 -21.84 11.63 -8.54
CA ILE A 17 -22.50 10.35 -8.67
C ILE A 17 -23.79 10.44 -9.49
N SER A 18 -24.39 11.63 -9.59
CA SER A 18 -25.63 11.81 -10.34
C SER A 18 -25.41 12.40 -11.73
N LEU A 19 -24.48 13.35 -11.85
CA LEU A 19 -24.24 13.97 -13.15
C LEU A 19 -23.54 13.02 -14.11
N LEU A 20 -22.67 12.15 -13.59
CA LEU A 20 -21.96 11.21 -14.45
C LEU A 20 -22.83 10.01 -14.84
N GLU A 21 -23.75 9.61 -13.95
CA GLU A 21 -24.59 8.46 -14.25
C GLU A 21 -25.63 8.79 -15.30
N LYS A 22 -26.22 9.99 -15.23
CA LYS A 22 -27.24 10.41 -16.18
C LYS A 22 -26.59 10.67 -17.54
N ASP A 23 -26.64 9.68 -18.43
CA ASP A 23 -26.07 9.81 -19.76
C ASP A 23 -27.11 9.51 -20.82
N ASN A 24 -26.79 8.57 -21.72
CA ASN A 24 -27.72 8.21 -22.79
C ASN A 24 -27.81 6.69 -22.94
N LYS A 25 -27.28 6.15 -24.03
CA LYS A 25 -27.32 4.72 -24.28
C LYS A 25 -26.30 4.00 -23.41
N GLY A 26 -26.67 2.83 -22.92
CA GLY A 26 -25.79 2.04 -22.09
C GLY A 26 -24.63 1.44 -22.88
N ASN A 27 -23.89 0.58 -22.20
CA ASN A 27 -22.71 -0.09 -22.76
C ASN A 27 -21.70 0.94 -23.26
N TYR A 28 -20.93 1.51 -22.35
CA TYR A 28 -19.95 2.53 -22.72
C TYR A 28 -18.78 1.88 -23.46
N LEU A 29 -18.53 2.37 -24.68
CA LEU A 29 -17.42 1.86 -25.48
C LEU A 29 -16.07 2.46 -25.09
N LEU A 30 -16.07 3.52 -24.27
CA LEU A 30 -14.83 4.16 -23.85
C LEU A 30 -14.35 3.54 -22.54
N THR A 31 -13.09 3.10 -22.52
CA THR A 31 -12.52 2.48 -21.34
C THR A 31 -11.54 3.42 -20.65
N THR A 32 -10.52 2.87 -20.00
CA THR A 32 -9.52 3.66 -19.29
C THR A 32 -8.19 3.76 -20.03
N SER A 33 -8.05 3.06 -21.16
CA SER A 33 -6.80 3.10 -21.92
C SER A 33 -6.78 4.20 -22.97
N GLN A 34 -7.93 4.53 -23.55
CA GLN A 34 -8.01 5.58 -24.55
C GLN A 34 -8.03 6.98 -23.96
N ILE A 35 -8.12 7.10 -22.64
CA ILE A 35 -8.14 8.39 -21.97
C ILE A 35 -6.85 8.62 -21.16
N ARG A 36 -5.77 7.94 -21.53
CA ARG A 36 -4.51 8.06 -20.82
C ARG A 36 -3.70 9.28 -21.27
N LYS A 37 -4.21 10.07 -22.22
CA LYS A 37 -3.51 11.25 -22.72
C LYS A 37 -3.90 12.51 -21.96
N LEU A 38 -5.19 12.77 -21.79
CA LEU A 38 -5.64 13.95 -21.06
C LEU A 38 -5.57 13.78 -19.55
N LEU A 39 -5.44 12.54 -19.06
CA LEU A 39 -5.36 12.28 -17.63
C LEU A 39 -3.92 12.11 -17.15
N SER A 40 -2.93 12.38 -18.01
CA SER A 40 -1.53 12.25 -17.63
C SER A 40 -0.96 13.55 -17.07
N LEU A 41 -1.50 14.69 -17.47
CA LEU A 41 -1.03 15.98 -16.98
C LEU A 41 -1.72 16.42 -15.70
N CYS A 42 -2.92 15.91 -15.42
CA CYS A 42 -3.62 16.28 -14.19
C CYS A 42 -2.93 15.69 -12.96
N SER A 43 -2.47 14.43 -13.06
CA SER A 43 -1.78 13.80 -11.95
C SER A 43 -0.34 14.28 -11.79
N SER A 44 0.26 14.81 -12.86
CA SER A 44 1.62 15.32 -12.81
C SER A 44 1.69 16.81 -12.49
N LEU A 45 0.57 17.41 -12.09
CA LEU A 45 0.52 18.83 -11.75
C LEU A 45 0.27 19.08 -10.27
N TYR A 46 -0.55 18.24 -9.62
CA TYR A 46 -0.81 18.43 -8.20
C TYR A 46 0.41 18.10 -7.35
N ASP A 47 1.22 17.15 -7.78
CA ASP A 47 2.42 16.74 -7.04
C ASP A 47 3.64 17.59 -7.35
N ARG A 48 3.52 18.56 -8.26
CA ARG A 48 4.62 19.45 -8.60
C ARG A 48 4.36 20.91 -8.26
N SER A 49 3.11 21.34 -8.16
CA SER A 49 2.79 22.73 -7.82
C SER A 49 3.00 23.04 -6.35
N LYS A 50 3.17 22.03 -5.50
CA LYS A 50 3.37 22.27 -4.08
C LYS A 50 4.82 22.56 -3.74
N GLU A 51 5.76 22.21 -4.61
CA GLU A 51 7.18 22.46 -4.34
C GLU A 51 7.54 23.92 -4.60
N ARG A 52 7.46 24.34 -5.87
CA ARG A 52 7.78 25.71 -6.24
C ARG A 52 6.50 26.55 -6.25
N LYS A 53 6.65 27.81 -6.65
CA LYS A 53 5.53 28.73 -6.69
C LYS A 53 4.66 28.47 -7.92
N PHE A 54 3.50 29.13 -7.95
CA PHE A 54 2.58 28.98 -9.07
C PHE A 54 2.92 29.92 -10.23
N ASP A 55 3.54 31.06 -9.93
CA ASP A 55 3.90 32.02 -10.97
C ASP A 55 5.10 31.58 -11.80
N GLU A 56 5.82 30.53 -11.38
CA GLU A 56 6.97 30.05 -12.13
C GLU A 56 6.58 29.11 -13.26
N LEU A 57 5.65 28.19 -13.01
CA LEU A 57 5.19 27.24 -14.02
C LEU A 57 4.15 27.94 -14.89
N ILE A 58 4.61 28.53 -15.99
CA ILE A 58 3.73 29.22 -16.92
C ILE A 58 3.60 28.51 -18.26
N ASN A 59 4.33 27.41 -18.47
CA ASN A 59 4.26 26.67 -19.72
C ASN A 59 3.35 25.45 -19.65
N ASP A 60 3.18 24.87 -18.47
CA ASP A 60 2.30 23.70 -18.32
C ASP A 60 0.85 24.09 -18.11
N VAL A 61 0.59 25.30 -17.61
CA VAL A 61 -0.79 25.71 -17.37
C VAL A 61 -1.50 25.96 -18.70
N SER A 62 -0.84 26.67 -19.62
CA SER A 62 -1.45 26.94 -20.92
C SER A 62 -1.56 25.68 -21.77
N TYR A 63 -0.65 24.72 -21.57
CA TYR A 63 -0.69 23.47 -22.33
C TYR A 63 -1.76 22.52 -21.82
N LEU A 64 -2.20 22.67 -20.57
CA LEU A 64 -3.22 21.78 -20.04
C LEU A 64 -4.58 22.03 -20.70
N ARG A 65 -4.85 23.29 -21.07
CA ARG A 65 -6.12 23.60 -21.72
C ARG A 65 -6.16 23.08 -23.15
N VAL A 66 -4.99 22.92 -23.79
CA VAL A 66 -4.96 22.45 -25.16
C VAL A 66 -5.40 20.98 -25.24
N GLN A 67 -5.11 20.19 -24.21
CA GLN A 67 -5.49 18.78 -24.23
C GLN A 67 -7.00 18.59 -24.20
N PHE A 68 -7.72 19.53 -23.60
CA PHE A 68 -9.18 19.46 -23.52
C PHE A 68 -9.87 20.08 -24.73
N VAL A 69 -9.11 20.45 -25.77
CA VAL A 69 -9.65 21.05 -26.98
C VAL A 69 -9.33 20.20 -28.21
N TYR A 70 -8.09 19.75 -28.32
CA TYR A 70 -7.70 18.93 -29.47
C TYR A 70 -8.35 17.56 -29.41
N GLN A 71 -8.46 16.98 -28.22
CA GLN A 71 -9.07 15.66 -28.04
C GLN A 71 -10.59 15.73 -27.94
N ALA A 72 -11.19 16.92 -28.01
CA ALA A 72 -12.64 17.05 -27.91
C ALA A 72 -13.33 16.95 -29.26
N GLY A 73 -12.62 17.20 -30.35
CA GLY A 73 -13.18 17.15 -31.68
C GLY A 73 -12.85 15.89 -32.47
N ARG A 74 -12.20 14.91 -31.86
CA ARG A 74 -11.85 13.66 -32.53
C ARG A 74 -12.75 12.50 -32.15
N GLU A 75 -13.05 12.34 -30.86
CA GLU A 75 -13.89 11.26 -30.38
C GLU A 75 -15.21 11.82 -29.84
N ILE A 76 -16.31 11.12 -30.14
CA ILE A 76 -17.62 11.56 -29.69
C ILE A 76 -17.81 11.34 -28.20
N ALA A 77 -17.01 10.46 -27.59
CA ALA A 77 -17.09 10.16 -26.17
C ALA A 77 -16.33 11.16 -25.30
N VAL A 78 -15.95 12.31 -25.85
CA VAL A 78 -15.21 13.33 -25.12
C VAL A 78 -16.00 14.63 -25.01
N LYS A 79 -16.64 15.05 -26.10
CA LYS A 79 -17.42 16.29 -26.07
C LYS A 79 -18.65 16.16 -25.16
N ASP A 80 -19.26 14.97 -25.11
CA ASP A 80 -20.44 14.78 -24.29
C ASP A 80 -20.13 14.79 -22.80
N LEU A 81 -18.86 14.62 -22.42
CA LEU A 81 -18.46 14.62 -21.02
C LEU A 81 -17.95 15.98 -20.54
N ILE A 82 -17.30 16.75 -21.42
CA ILE A 82 -16.79 18.05 -21.01
C ILE A 82 -17.92 19.06 -20.84
N GLU A 83 -18.92 19.01 -21.73
CA GLU A 83 -20.02 19.96 -21.64
C GLU A 83 -20.91 19.70 -20.42
N LYS A 84 -20.99 18.45 -19.97
CA LYS A 84 -21.81 18.12 -18.81
C LYS A 84 -21.07 18.36 -17.49
N ALA A 85 -19.79 18.00 -17.41
CA ALA A 85 -19.02 18.19 -16.19
C ALA A 85 -18.46 19.60 -16.05
N GLN A 86 -18.56 20.43 -17.10
CA GLN A 86 -18.06 21.81 -17.08
C GLN A 86 -16.56 21.84 -16.75
N ILE A 87 -15.77 21.28 -17.65
CA ILE A 87 -14.32 21.24 -17.44
C ILE A 87 -13.69 22.55 -17.86
N LEU A 88 -14.12 23.11 -19.00
CA LEU A 88 -13.54 24.36 -19.48
C LEU A 88 -13.97 25.56 -18.63
N GLU A 89 -15.04 25.43 -17.84
CA GLU A 89 -15.49 26.55 -17.01
C GLU A 89 -14.59 26.73 -15.80
N ALA A 90 -14.12 25.63 -15.21
CA ALA A 90 -13.26 25.70 -14.03
C ALA A 90 -11.82 26.07 -14.37
N LEU A 91 -11.43 26.04 -15.64
CA LEU A 91 -10.07 26.41 -16.02
C LEU A 91 -9.82 27.90 -15.98
N LYS A 92 -10.87 28.71 -15.97
CA LYS A 92 -10.73 30.17 -15.91
C LYS A 92 -10.84 30.73 -14.49
N GLU A 93 -11.62 30.09 -13.62
CA GLU A 93 -11.75 30.58 -12.26
C GLU A 93 -10.47 30.39 -11.45
N ILE A 94 -9.69 29.36 -11.76
CA ILE A 94 -8.45 29.10 -11.03
C ILE A 94 -7.43 30.17 -11.37
N LYS A 95 -6.62 30.54 -10.38
CA LYS A 95 -5.59 31.56 -10.58
C LYS A 95 -4.54 31.48 -9.48
N ASP A 96 -4.87 30.80 -8.39
CA ASP A 96 -3.96 30.66 -7.25
C ASP A 96 -3.54 29.20 -7.10
N ARG A 97 -2.44 29.01 -6.37
CA ARG A 97 -1.94 27.65 -6.14
C ARG A 97 -2.89 26.85 -5.27
N GLU A 98 -3.54 27.49 -4.29
CA GLU A 98 -4.48 26.77 -3.44
C GLU A 98 -5.76 26.43 -4.20
N THR A 99 -6.17 27.28 -5.13
CA THR A 99 -7.38 26.99 -5.92
C THR A 99 -7.12 25.85 -6.91
N LEU A 100 -5.91 25.75 -7.45
CA LEU A 100 -5.60 24.68 -8.39
C LEU A 100 -5.63 23.32 -7.71
N GLN A 101 -5.35 23.27 -6.40
CA GLN A 101 -5.38 21.99 -5.69
C GLN A 101 -6.79 21.42 -5.62
N ARG A 102 -7.81 22.27 -5.65
CA ARG A 102 -9.19 21.80 -5.61
C ARG A 102 -9.62 21.21 -6.96
N PHE A 103 -9.14 21.77 -8.06
CA PHE A 103 -9.50 21.25 -9.38
C PHE A 103 -8.87 19.89 -9.65
N CYS A 104 -7.71 19.63 -9.03
CA CYS A 104 -7.06 18.33 -9.24
C CYS A 104 -7.82 17.20 -8.56
N ARG A 105 -8.57 17.50 -7.51
CA ARG A 105 -9.34 16.48 -6.82
C ARG A 105 -10.70 16.22 -7.48
N TYR A 106 -11.21 17.19 -8.25
CA TYR A 106 -12.49 17.00 -8.92
C TYR A 106 -12.37 16.07 -10.11
N MET A 107 -11.19 16.00 -10.73
CA MET A 107 -11.00 15.11 -11.87
C MET A 107 -11.01 13.64 -11.45
N GLU A 108 -10.56 13.35 -10.23
CA GLU A 108 -10.55 11.97 -9.75
C GLU A 108 -11.95 11.43 -9.49
N ALA A 109 -12.94 12.30 -9.30
CA ALA A 109 -14.30 11.85 -9.05
C ALA A 109 -14.99 11.37 -10.32
N LEU A 110 -14.57 11.87 -11.48
CA LEU A 110 -15.17 11.47 -12.75
C LEU A 110 -14.62 10.14 -13.27
N VAL A 111 -13.61 9.57 -12.60
CA VAL A 111 -13.02 8.31 -13.02
C VAL A 111 -13.45 7.17 -12.11
N ALA A 112 -13.57 7.42 -10.81
CA ALA A 112 -13.97 6.37 -9.88
C ALA A 112 -15.40 5.91 -10.14
N TYR A 113 -16.32 6.84 -10.32
CA TYR A 113 -17.71 6.50 -10.59
C TYR A 113 -17.95 6.03 -12.01
N PHE A 114 -16.98 6.20 -12.91
CA PHE A 114 -17.16 5.75 -14.29
C PHE A 114 -16.92 4.25 -14.43
N LYS A 115 -16.00 3.70 -13.64
CA LYS A 115 -15.70 2.28 -13.68
C LYS A 115 -16.61 1.45 -12.80
N PHE A 116 -17.43 2.09 -11.95
CA PHE A 116 -18.33 1.34 -11.07
C PHE A 116 -19.53 0.81 -11.84
N TYR A 117 -20.05 1.58 -12.80
CA TYR A 117 -21.20 1.16 -13.58
C TYR A 117 -20.83 0.33 -14.79
N GLY A 118 -19.56 0.30 -15.17
CA GLY A 118 -19.12 -0.48 -16.32
C GLY A 118 -17.62 -0.67 -16.39
N GLY A 119 -16.96 0.10 -17.25
CA GLY A 119 -15.53 0.01 -17.41
C GLY A 119 -14.95 1.10 -18.29
N LYS B 12 19.66 37.58 -46.18
CA LYS B 12 19.26 36.36 -46.85
C LYS B 12 17.78 36.41 -47.24
N ALA B 13 16.91 36.38 -46.22
CA ALA B 13 15.47 36.44 -46.44
C ALA B 13 14.84 37.76 -46.04
N GLU B 14 15.58 38.62 -45.34
CA GLU B 14 15.01 39.92 -44.93
C GLU B 14 15.15 40.95 -46.03
N ARG B 15 16.28 40.98 -46.74
CA ARG B 15 16.49 41.94 -47.80
C ARG B 15 15.85 41.52 -49.12
N ALA B 16 15.29 40.31 -49.20
CA ALA B 16 14.65 39.84 -50.42
C ALA B 16 13.19 40.24 -50.53
N ILE B 17 12.55 40.57 -49.41
CA ILE B 17 11.14 40.95 -49.44
C ILE B 17 10.94 42.38 -49.94
N SER B 18 11.98 43.22 -49.87
CA SER B 18 11.89 44.60 -50.31
C SER B 18 12.48 44.83 -51.70
N LEU B 19 13.53 44.09 -52.05
CA LEU B 19 14.15 44.27 -53.37
C LEU B 19 13.28 43.67 -54.47
N LEU B 20 12.58 42.57 -54.19
CA LEU B 20 11.74 41.95 -55.20
C LEU B 20 10.46 42.74 -55.43
N GLU B 21 9.95 43.41 -54.40
CA GLU B 21 8.72 44.18 -54.54
C GLU B 21 8.95 45.44 -55.36
N LYS B 22 10.09 46.10 -55.16
CA LYS B 22 10.41 47.33 -55.88
C LYS B 22 10.74 46.99 -57.33
N ASP B 23 9.75 47.13 -58.22
CA ASP B 23 9.95 46.87 -59.63
C ASP B 23 9.53 48.06 -60.48
N ASN B 24 8.55 47.85 -61.37
CA ASN B 24 8.07 48.92 -62.24
C ASN B 24 6.55 48.89 -62.34
N LYS B 25 6.04 48.65 -63.55
CA LYS B 25 4.60 48.62 -63.75
C LYS B 25 4.01 47.32 -63.20
N GLY B 26 2.79 47.42 -62.68
CA GLY B 26 2.11 46.27 -62.12
C GLY B 26 1.70 45.27 -63.19
N ASN B 27 0.98 44.24 -62.73
CA ASN B 27 0.53 43.15 -63.59
C ASN B 27 1.70 42.49 -64.29
N TYR B 28 2.43 41.64 -63.57
CA TYR B 28 3.61 40.99 -64.12
C TYR B 28 3.20 39.94 -65.16
N LEU B 29 3.74 40.08 -66.37
CA LEU B 29 3.45 39.11 -67.44
C LEU B 29 4.24 37.83 -67.29
N LEU B 30 5.33 37.84 -66.53
CA LEU B 30 6.16 36.65 -66.32
C LEU B 30 5.46 35.76 -65.30
N THR B 31 4.74 34.75 -65.78
CA THR B 31 4.03 33.82 -64.92
C THR B 31 4.97 32.68 -64.52
N THR B 32 4.41 31.57 -64.04
CA THR B 32 5.20 30.42 -63.63
C THR B 32 5.43 29.42 -64.76
N SER B 33 5.12 29.79 -66.00
CA SER B 33 5.31 28.90 -67.13
C SER B 33 6.67 29.09 -67.79
N GLN B 34 7.14 30.34 -67.89
CA GLN B 34 8.42 30.63 -68.51
C GLN B 34 9.60 30.48 -67.58
N ILE B 35 9.37 30.04 -66.34
CA ILE B 35 10.44 29.85 -65.36
C ILE B 35 10.59 28.37 -64.99
N ARG B 36 10.04 27.48 -65.80
CA ARG B 36 10.13 26.05 -65.55
C ARG B 36 11.39 25.42 -66.15
N LYS B 37 12.37 26.23 -66.52
CA LYS B 37 13.63 25.74 -67.10
C LYS B 37 14.84 26.01 -66.22
N LEU B 38 14.93 27.20 -65.63
CA LEU B 38 16.05 27.55 -64.77
C LEU B 38 15.83 27.16 -63.32
N LEU B 39 14.58 26.89 -62.91
CA LEU B 39 14.27 26.51 -61.55
C LEU B 39 14.33 25.01 -61.33
N SER B 40 14.71 24.23 -62.34
CA SER B 40 14.80 22.78 -62.20
C SER B 40 16.22 22.33 -61.85
N LEU B 41 17.23 23.03 -62.35
CA LEU B 41 18.61 22.65 -62.04
C LEU B 41 19.00 23.06 -60.64
N CYS B 42 18.44 24.16 -60.12
CA CYS B 42 18.76 24.58 -58.76
C CYS B 42 18.13 23.65 -57.73
N SER B 43 16.91 23.17 -58.00
CA SER B 43 16.27 22.24 -57.07
C SER B 43 16.92 20.87 -57.12
N SER B 44 17.53 20.50 -58.25
CA SER B 44 18.21 19.23 -58.40
C SER B 44 19.70 19.32 -58.05
N LEU B 45 20.11 20.39 -57.38
CA LEU B 45 21.51 20.59 -56.99
C LEU B 45 21.72 20.52 -55.49
N TYR B 46 20.77 21.05 -54.69
CA TYR B 46 20.92 21.00 -53.25
C TYR B 46 20.75 19.59 -52.71
N ASP B 47 19.92 18.78 -53.36
CA ASP B 47 19.67 17.42 -52.90
C ASP B 47 20.69 16.41 -53.43
N ARG B 48 21.52 16.80 -54.39
CA ARG B 48 22.55 15.91 -54.92
C ARG B 48 23.95 16.24 -54.42
N SER B 49 24.20 17.50 -54.05
CA SER B 49 25.52 17.88 -53.56
C SER B 49 25.79 17.39 -52.13
N LYS B 50 24.75 16.99 -51.41
CA LYS B 50 24.93 16.51 -50.04
C LYS B 50 25.35 15.06 -49.96
N GLU B 51 25.17 14.29 -51.05
CA GLU B 51 25.54 12.88 -51.04
C GLU B 51 27.04 12.70 -51.31
N ARG B 52 27.45 12.92 -52.56
CA ARG B 52 28.85 12.79 -52.94
C ARG B 52 29.60 14.10 -52.70
N LYS B 53 30.87 14.12 -53.07
CA LYS B 53 31.69 15.30 -52.88
C LYS B 53 31.39 16.35 -53.95
N PHE B 54 31.94 17.54 -53.76
CA PHE B 54 31.73 18.63 -54.71
C PHE B 54 32.69 18.55 -55.89
N ASP B 55 33.88 17.97 -55.69
CA ASP B 55 34.85 17.87 -56.76
C ASP B 55 34.47 16.85 -57.83
N GLU B 56 33.50 15.97 -57.54
CA GLU B 56 33.09 14.97 -58.52
C GLU B 56 32.10 15.55 -59.53
N LEU B 57 31.12 16.33 -59.04
CA LEU B 57 30.12 16.94 -59.91
C LEU B 57 30.74 18.15 -60.59
N ILE B 58 31.25 17.95 -61.80
CA ILE B 58 31.86 19.02 -62.56
C ILE B 58 31.08 19.36 -63.84
N ASN B 59 30.20 18.49 -64.30
CA ASN B 59 29.42 18.73 -65.51
C ASN B 59 28.13 19.50 -65.24
N ASP B 60 27.75 19.68 -63.97
CA ASP B 60 26.54 20.42 -63.63
C ASP B 60 26.80 21.81 -63.10
N VAL B 61 27.97 22.05 -62.51
CA VAL B 61 28.29 23.37 -61.98
C VAL B 61 28.52 24.35 -63.12
N SER B 62 29.31 23.96 -64.13
CA SER B 62 29.57 24.84 -65.26
C SER B 62 28.34 24.98 -66.15
N TYR B 63 27.47 23.96 -66.17
CA TYR B 63 26.26 24.01 -66.98
C TYR B 63 25.20 24.93 -66.39
N LEU B 64 25.24 25.16 -65.08
CA LEU B 64 24.25 26.03 -64.45
C LEU B 64 24.48 27.49 -64.83
N ARG B 65 25.74 27.89 -65.04
CA ARG B 65 26.02 29.27 -65.41
C ARG B 65 25.62 29.57 -66.84
N VAL B 66 25.59 28.55 -67.70
CA VAL B 66 25.22 28.75 -69.10
C VAL B 66 23.74 29.11 -69.21
N GLN B 67 22.90 28.58 -68.31
CA GLN B 67 21.47 28.85 -68.38
C GLN B 67 21.16 30.33 -68.10
N PHE B 68 22.02 31.00 -67.33
CA PHE B 68 21.84 32.42 -67.02
C PHE B 68 22.51 33.33 -68.04
N VAL B 69 22.98 32.79 -69.16
CA VAL B 69 23.64 33.56 -70.21
C VAL B 69 22.91 33.42 -71.54
N TYR B 70 22.67 32.17 -71.96
CA TYR B 70 21.99 31.95 -73.24
C TYR B 70 20.51 32.27 -73.15
N GLN B 71 19.84 31.79 -72.09
CA GLN B 71 18.42 32.03 -71.91
C GLN B 71 18.11 33.44 -71.42
N ALA B 72 19.13 34.20 -70.98
CA ALA B 72 18.88 35.55 -70.50
C ALA B 72 18.68 36.54 -71.64
N GLY B 73 19.18 36.23 -72.83
CA GLY B 73 19.03 37.08 -73.99
C GLY B 73 17.87 36.77 -74.90
N ARG B 74 17.03 35.80 -74.53
CA ARG B 74 15.88 35.44 -75.34
C ARG B 74 14.62 36.22 -74.99
N GLU B 75 14.61 36.92 -73.86
CA GLU B 75 13.44 37.69 -73.45
C GLU B 75 13.89 38.83 -72.54
N ILE B 76 13.25 39.99 -72.69
CA ILE B 76 13.60 41.14 -71.88
C ILE B 76 13.13 40.98 -70.44
N ALA B 77 12.20 40.07 -70.18
CA ALA B 77 11.68 39.84 -68.84
C ALA B 77 12.55 38.89 -68.02
N VAL B 78 13.80 38.66 -68.46
CA VAL B 78 14.71 37.77 -67.75
C VAL B 78 15.95 38.52 -67.25
N LYS B 79 16.52 39.38 -68.09
CA LYS B 79 17.71 40.14 -67.68
C LYS B 79 17.40 41.15 -66.59
N ASP B 80 16.17 41.70 -66.59
CA ASP B 80 15.81 42.68 -65.58
C ASP B 80 15.71 42.09 -64.18
N LEU B 81 15.52 40.77 -64.07
CA LEU B 81 15.44 40.13 -62.76
C LEU B 81 16.78 39.61 -62.28
N ILE B 82 17.67 39.22 -63.21
CA ILE B 82 18.97 38.70 -62.81
C ILE B 82 19.88 39.84 -62.32
N GLU B 83 19.82 40.99 -62.98
CA GLU B 83 20.68 42.10 -62.60
C GLU B 83 20.27 42.68 -61.25
N LYS B 84 18.98 42.62 -60.91
CA LYS B 84 18.52 43.16 -59.64
C LYS B 84 18.79 42.20 -58.49
N ALA B 85 18.56 40.91 -58.70
CA ALA B 85 18.79 39.91 -57.67
C ALA B 85 20.26 39.53 -57.52
N GLN B 86 21.10 39.92 -58.46
CA GLN B 86 22.54 39.62 -58.44
C GLN B 86 22.77 38.10 -58.36
N ILE B 87 22.44 37.44 -59.47
CA ILE B 87 22.59 35.99 -59.57
C ILE B 87 23.96 35.60 -60.11
N LEU B 88 24.45 36.33 -61.12
CA LEU B 88 25.75 36.02 -61.70
C LEU B 88 26.90 36.34 -60.75
N GLU B 89 26.68 37.20 -59.77
CA GLU B 89 27.75 37.55 -58.83
C GLU B 89 28.01 36.41 -57.85
N ALA B 90 26.95 35.73 -57.41
CA ALA B 90 27.08 34.65 -56.45
C ALA B 90 27.58 33.35 -57.09
N LEU B 91 27.59 33.26 -58.42
CA LEU B 91 28.06 32.05 -59.07
C LEU B 91 29.58 31.92 -59.03
N LYS B 92 30.30 33.01 -58.79
CA LYS B 92 31.75 32.98 -58.72
C LYS B 92 32.27 32.85 -57.30
N GLU B 93 31.56 33.39 -56.31
CA GLU B 93 32.01 33.30 -54.93
C GLU B 93 31.92 31.87 -54.39
N ILE B 94 30.95 31.09 -54.87
CA ILE B 94 30.80 29.72 -54.40
C ILE B 94 31.94 28.87 -54.92
N LYS B 95 32.39 27.92 -54.09
CA LYS B 95 33.49 27.04 -54.45
C LYS B 95 33.50 25.79 -53.56
N ASP B 96 32.81 25.86 -52.44
CA ASP B 96 32.75 24.77 -51.49
C ASP B 96 31.34 24.17 -51.46
N ARG B 97 31.26 22.94 -50.94
CA ARG B 97 29.96 22.26 -50.85
C ARG B 97 29.05 22.96 -49.84
N GLU B 98 29.63 23.47 -48.76
CA GLU B 98 28.83 24.17 -47.76
C GLU B 98 28.36 25.53 -48.27
N THR B 99 29.17 26.21 -49.08
CA THR B 99 28.77 27.50 -49.63
C THR B 99 27.68 27.35 -50.68
N LEU B 100 27.72 26.26 -51.46
CA LEU B 100 26.70 26.03 -52.48
C LEU B 100 25.33 25.80 -51.85
N GLN B 101 25.28 25.25 -50.64
CA GLN B 101 24.00 25.03 -49.98
C GLN B 101 23.32 26.33 -49.60
N ARG B 102 24.08 27.40 -49.41
CA ARG B 102 23.51 28.70 -49.06
C ARG B 102 22.84 29.37 -50.27
N PHE B 103 23.42 29.20 -51.46
CA PHE B 103 22.83 29.81 -52.65
C PHE B 103 21.54 29.11 -53.07
N CYS B 104 21.41 27.82 -52.74
CA CYS B 104 20.20 27.10 -53.10
C CYS B 104 19.00 27.57 -52.28
N ARG B 105 19.23 28.00 -51.04
CA ARG B 105 18.12 28.49 -50.21
C ARG B 105 17.68 29.89 -50.61
N TYR B 106 18.55 30.67 -51.27
CA TYR B 106 18.18 32.00 -51.70
C TYR B 106 17.28 31.99 -52.91
N MET B 107 17.28 30.90 -53.69
CA MET B 107 16.43 30.83 -54.88
C MET B 107 14.95 30.79 -54.51
N GLU B 108 14.62 30.24 -53.33
CA GLU B 108 13.23 30.17 -52.91
C GLU B 108 12.64 31.55 -52.60
N ALA B 109 13.49 32.54 -52.32
CA ALA B 109 12.99 33.88 -52.03
C ALA B 109 12.45 34.56 -53.29
N LEU B 110 12.99 34.22 -54.46
CA LEU B 110 12.52 34.80 -55.71
C LEU B 110 11.27 34.12 -56.25
N VAL B 111 10.81 33.04 -55.61
CA VAL B 111 9.62 32.32 -56.04
C VAL B 111 8.49 32.44 -55.04
N ALA B 112 8.80 32.31 -53.75
CA ALA B 112 7.77 32.41 -52.72
C ALA B 112 7.25 33.84 -52.60
N TYR B 113 8.16 34.81 -52.52
CA TYR B 113 7.77 36.21 -52.40
C TYR B 113 7.23 36.79 -53.71
N PHE B 114 7.44 36.12 -54.84
CA PHE B 114 6.94 36.62 -56.11
C PHE B 114 5.43 36.44 -56.23
N LYS B 115 4.91 35.34 -55.70
CA LYS B 115 3.48 35.06 -55.73
C LYS B 115 2.72 35.63 -54.54
N PHE B 116 3.41 36.34 -53.64
CA PHE B 116 2.75 36.92 -52.48
C PHE B 116 1.90 38.13 -52.85
N TYR B 117 2.33 38.90 -53.84
CA TYR B 117 1.60 40.08 -54.28
C TYR B 117 0.75 39.84 -55.52
N GLY B 118 0.93 38.70 -56.20
CA GLY B 118 0.15 38.42 -57.39
C GLY B 118 0.22 36.96 -57.80
N GLY B 119 1.23 36.61 -58.59
CA GLY B 119 1.41 35.25 -59.06
C GLY B 119 2.41 35.13 -60.19
N TYR D 3 1.00 33.81 51.47
CA TYR D 3 1.64 32.82 50.61
C TYR D 3 0.91 32.71 49.28
N LYS D 4 1.67 32.44 48.21
CA LYS D 4 1.11 32.32 46.87
C LYS D 4 1.03 30.86 46.46
N LEU D 5 1.05 30.61 45.15
CA LEU D 5 0.98 29.24 44.63
C LEU D 5 1.66 29.20 43.27
N TYR D 6 2.16 28.02 42.92
CA TYR D 6 2.84 27.79 41.65
C TYR D 6 1.94 26.96 40.74
N ILE D 7 1.98 27.27 39.45
CA ILE D 7 1.18 26.58 38.43
C ILE D 7 2.13 25.95 37.43
N MET D 8 2.03 24.63 37.27
CA MET D 8 2.88 23.90 36.34
C MET D 8 2.08 22.76 35.73
N THR D 9 2.45 22.38 34.51
CA THR D 9 1.79 21.30 33.79
C THR D 9 2.81 20.25 33.38
N PHE D 10 2.30 19.06 33.08
CA PHE D 10 3.12 17.93 32.68
C PHE D 10 2.54 17.28 31.43
N GLN D 11 3.43 16.76 30.58
CA GLN D 11 3.02 16.07 29.37
C GLN D 11 4.11 15.10 28.95
N ASN D 12 3.71 13.90 28.56
CA ASN D 12 4.63 12.85 28.12
C ASN D 12 5.67 12.56 29.21
N ALA D 13 5.22 12.53 30.46
CA ALA D 13 6.08 12.29 31.59
C ALA D 13 5.87 10.86 32.12
N HIS D 14 6.25 10.62 33.37
CA HIS D 14 6.10 9.30 33.97
C HIS D 14 6.06 9.45 35.48
N PHE D 15 5.06 8.85 36.11
CA PHE D 15 4.89 8.90 37.57
C PHE D 15 4.53 7.50 38.04
N GLY D 16 5.54 6.74 38.48
CA GLY D 16 5.32 5.39 38.94
C GLY D 16 4.68 5.33 40.31
N SER D 17 4.27 4.12 40.69
CA SER D 17 3.64 3.89 41.98
C SER D 17 3.85 2.43 42.36
N GLY D 18 4.60 2.20 43.43
CA GLY D 18 4.87 0.84 43.90
C GLY D 18 5.93 0.09 43.14
N THR D 19 5.79 -0.04 41.83
CA THR D 19 6.75 -0.75 40.99
C THR D 19 7.15 0.14 39.83
N LEU D 20 8.35 -0.10 39.31
CA LEU D 20 8.89 0.75 38.25
C LEU D 20 8.07 0.64 36.97
N ASP D 21 7.59 -0.57 36.65
CA ASP D 21 6.83 -0.74 35.42
C ASP D 21 5.44 -0.12 35.51
N SER D 22 4.84 -0.11 36.70
CA SER D 22 3.53 0.48 36.88
C SER D 22 3.64 2.00 37.02
N SER D 23 2.52 2.67 36.78
CA SER D 23 2.47 4.13 36.84
C SER D 23 1.04 4.57 37.10
N LYS D 24 0.91 5.76 37.66
CA LYS D 24 -0.41 6.33 37.94
C LYS D 24 -0.53 7.72 37.31
N LEU D 25 -1.56 8.48 37.71
CA LEU D 25 -1.80 9.80 37.15
C LEU D 25 -1.19 10.89 38.03
N THR D 26 -1.56 10.92 39.30
CA THR D 26 -1.07 11.94 40.23
C THR D 26 0.23 11.47 40.86
N PHE D 27 0.62 12.09 41.98
CA PHE D 27 1.85 11.71 42.67
C PHE D 27 1.72 12.12 44.14
N SER D 28 2.55 11.51 44.97
CA SER D 28 2.52 11.74 46.40
C SER D 28 3.12 13.11 46.75
N ALA D 29 2.98 13.50 48.02
CA ALA D 29 3.47 14.79 48.46
C ALA D 29 4.97 14.76 48.76
N ASP D 30 5.50 13.63 49.19
CA ASP D 30 6.92 13.53 49.50
C ASP D 30 7.80 13.48 48.26
N ARG D 31 7.21 13.42 47.06
CA ARG D 31 8.00 13.39 45.84
C ARG D 31 8.60 14.77 45.53
N ILE D 32 7.89 15.84 45.86
CA ILE D 32 8.39 17.18 45.59
C ILE D 32 9.46 17.57 46.61
N PHE D 33 9.25 17.21 47.88
CA PHE D 33 10.21 17.58 48.92
C PHE D 33 11.54 16.87 48.72
N SER D 34 11.54 15.67 48.16
CA SER D 34 12.77 14.94 47.93
C SER D 34 13.58 15.48 46.76
N ALA D 35 13.01 16.40 45.97
CA ALA D 35 13.72 16.97 44.84
C ALA D 35 14.43 18.28 45.18
N LEU D 36 13.88 19.08 46.08
CA LEU D 36 14.52 20.33 46.45
C LEU D 36 15.73 20.11 47.35
N VAL D 37 15.77 18.99 48.09
CA VAL D 37 16.90 18.71 48.94
C VAL D 37 18.09 18.21 48.13
N LEU D 38 17.82 17.45 47.07
CA LEU D 38 18.91 16.94 46.24
C LEU D 38 19.63 18.06 45.49
N GLU D 39 18.88 19.04 44.99
CA GLU D 39 19.47 20.16 44.29
C GLU D 39 20.07 21.21 45.22
N SER D 40 19.78 21.14 46.52
CA SER D 40 20.35 22.11 47.45
C SER D 40 21.82 21.83 47.70
N LEU D 41 22.20 20.56 47.80
CA LEU D 41 23.60 20.22 48.01
C LEU D 41 24.43 20.45 46.75
N LYS D 42 23.84 20.24 45.57
CA LYS D 42 24.56 20.46 44.33
C LYS D 42 24.77 21.95 44.06
N MET D 43 23.81 22.79 44.42
CA MET D 43 23.94 24.22 44.19
C MET D 43 24.92 24.85 45.18
N GLY D 44 24.71 24.61 46.48
CA GLY D 44 25.60 25.15 47.49
C GLY D 44 24.86 25.82 48.64
N LYS D 45 23.83 25.15 49.16
CA LYS D 45 23.06 25.70 50.27
C LYS D 45 22.37 24.58 51.06
N LEU D 46 23.09 23.49 51.31
CA LEU D 46 22.52 22.37 52.05
C LEU D 46 22.24 22.75 53.50
N ASP D 47 23.07 23.63 54.08
CA ASP D 47 22.89 24.06 55.46
C ASP D 47 21.89 25.20 55.61
N ALA D 48 21.16 25.54 54.55
CA ALA D 48 20.17 26.61 54.58
C ALA D 48 18.75 26.13 54.29
N PHE D 49 18.58 25.05 53.52
CA PHE D 49 17.24 24.57 53.21
C PHE D 49 16.71 23.64 54.29
N LEU D 50 17.59 23.00 55.06
CA LEU D 50 17.15 22.09 56.11
C LEU D 50 16.50 22.86 57.26
N ALA D 51 17.02 24.04 57.58
CA ALA D 51 16.48 24.86 58.66
C ALA D 51 15.29 25.70 58.23
N GLU D 52 14.83 25.56 56.99
CA GLU D 52 13.70 26.33 56.49
C GLU D 52 12.43 25.50 56.39
N ALA D 53 12.53 24.21 56.06
CA ALA D 53 11.33 23.39 55.92
C ALA D 53 10.68 23.12 57.27
N ASN D 54 11.47 23.08 58.35
CA ASN D 54 10.95 22.84 59.70
C ASN D 54 10.62 24.13 60.43
N GLN D 55 10.01 25.09 59.75
CA GLN D 55 9.65 26.37 60.35
C GLN D 55 8.15 26.51 60.59
N ASP D 56 7.44 25.37 60.69
CA ASP D 56 6.01 25.35 60.98
C ASP D 56 5.18 26.02 59.88
N LYS D 57 5.39 27.31 59.65
CA LYS D 57 4.57 28.04 58.68
C LYS D 57 4.83 27.58 57.25
N PHE D 58 5.98 26.96 56.98
CA PHE D 58 6.31 26.48 55.65
C PHE D 58 5.75 25.08 55.45
N THR D 59 4.90 24.91 54.43
CA THR D 59 4.27 23.63 54.16
C THR D 59 4.15 23.44 52.65
N LEU D 60 3.78 22.23 52.26
CA LEU D 60 3.59 21.86 50.86
C LEU D 60 2.26 21.14 50.71
N THR D 61 1.85 20.94 49.46
CA THR D 61 0.60 20.28 49.13
C THR D 61 0.87 19.04 48.28
N ASP D 62 -0.20 18.31 47.99
CA ASP D 62 -0.12 17.10 47.18
C ASP D 62 -0.39 17.46 45.73
N ALA D 63 -0.65 16.44 44.90
CA ALA D 63 -0.95 16.66 43.49
C ALA D 63 -2.43 17.01 43.31
N PHE D 64 -2.70 18.12 42.62
CA PHE D 64 -4.05 18.58 42.39
C PHE D 64 -4.20 18.95 40.92
N PRO D 65 -5.15 18.36 40.19
CA PRO D 65 -5.32 18.71 38.78
C PRO D 65 -5.78 20.16 38.62
N PHE D 66 -5.53 20.68 37.42
CA PHE D 66 -5.90 22.06 37.08
C PHE D 66 -6.36 22.09 35.64
N GLN D 67 -7.68 22.20 35.44
CA GLN D 67 -8.28 22.27 34.10
C GLN D 67 -9.42 23.28 34.18
N PHE D 68 -9.12 24.53 33.83
CA PHE D 68 -10.09 25.63 33.90
C PHE D 68 -10.66 25.78 35.30
N GLY D 69 -9.80 25.63 36.31
CA GLY D 69 -10.22 25.72 37.68
C GLY D 69 -9.56 24.66 38.55
N PRO D 70 -9.30 24.99 39.81
CA PRO D 70 -8.67 24.02 40.71
C PRO D 70 -9.61 22.89 41.08
N PHE D 71 -9.03 21.74 41.42
CA PHE D 71 -9.78 20.56 41.79
C PHE D 71 -9.42 20.14 43.21
N LEU D 72 -10.39 19.57 43.91
CA LEU D 72 -10.21 19.11 45.27
C LEU D 72 -10.67 17.66 45.40
N PRO D 73 -10.00 16.87 46.23
CA PRO D 73 -10.40 15.46 46.39
C PRO D 73 -11.75 15.35 47.08
N LYS D 74 -12.36 14.17 46.91
CA LYS D 74 -13.65 13.91 47.52
C LYS D 74 -13.48 13.53 48.99
N PRO D 75 -14.45 13.89 49.84
CA PRO D 75 -14.35 13.55 51.26
C PRO D 75 -14.57 12.05 51.48
N ILE D 76 -13.70 11.45 52.28
CA ILE D 76 -13.79 10.03 52.58
C ILE D 76 -14.79 9.81 53.69
N GLY D 77 -15.83 9.03 53.41
CA GLY D 77 -16.89 8.73 54.36
C GLY D 77 -18.20 9.43 54.06
N TYR D 78 -18.14 10.58 53.38
CA TYR D 78 -19.35 11.32 53.05
C TYR D 78 -19.87 10.90 51.67
N PRO D 79 -21.19 10.72 51.53
CA PRO D 79 -22.18 10.87 52.60
C PRO D 79 -22.30 9.62 53.48
N LYS D 80 -22.89 9.77 54.65
CA LYS D 80 -23.07 8.67 55.59
C LYS D 80 -24.36 7.94 55.25
N HIS D 81 -24.86 7.12 56.18
CA HIS D 81 -26.10 6.38 55.93
C HIS D 81 -27.33 7.27 56.09
N ASP D 82 -27.25 8.31 56.91
CA ASP D 82 -28.38 9.21 57.10
C ASP D 82 -28.33 10.42 56.18
N GLN D 83 -27.13 10.85 55.78
CA GLN D 83 -27.02 12.01 54.90
C GLN D 83 -27.49 11.68 53.48
N ILE D 84 -27.18 10.47 53.01
CA ILE D 84 -27.58 10.08 51.67
C ILE D 84 -29.08 9.75 51.66
N ASP D 85 -29.68 9.85 50.49
CA ASP D 85 -31.10 9.56 50.34
C ASP D 85 -31.36 8.07 50.56
N GLN D 86 -32.59 7.76 50.98
CA GLN D 86 -32.97 6.38 51.24
C GLN D 86 -33.03 5.59 49.93
N SER D 87 -32.37 4.43 49.92
CA SER D 87 -32.32 3.57 48.73
C SER D 87 -33.66 2.85 48.61
N VAL D 88 -34.61 3.48 47.93
CA VAL D 88 -35.91 2.86 47.73
C VAL D 88 -35.83 1.77 46.67
N ASP D 89 -35.23 2.08 45.52
CA ASP D 89 -35.04 1.12 44.44
C ASP D 89 -33.55 0.80 44.35
N VAL D 90 -33.20 -0.45 44.63
CA VAL D 90 -31.80 -0.85 44.62
C VAL D 90 -31.21 -0.85 43.21
N LYS D 91 -32.05 -0.95 42.18
CA LYS D 91 -31.54 -0.95 40.82
C LYS D 91 -31.04 0.42 40.39
N GLU D 92 -31.69 1.49 40.86
CA GLU D 92 -31.31 2.84 40.48
C GLU D 92 -30.26 3.44 41.40
N VAL D 93 -29.94 2.78 42.51
CA VAL D 93 -28.93 3.31 43.44
C VAL D 93 -27.57 2.68 43.18
N ARG D 94 -27.52 1.36 42.97
CA ARG D 94 -26.24 0.69 42.74
C ARG D 94 -25.60 1.10 41.41
N ARG D 95 -26.38 1.60 40.46
CA ARG D 95 -25.83 2.03 39.18
C ARG D 95 -25.12 3.38 39.28
N GLN D 96 -25.38 4.16 40.32
CA GLN D 96 -24.75 5.46 40.50
C GLN D 96 -23.85 5.55 41.73
N ALA D 97 -24.00 4.65 42.69
CA ALA D 97 -23.16 4.67 43.88
C ALA D 97 -21.76 4.14 43.63
N LYS D 98 -21.58 3.29 42.60
CA LYS D 98 -20.26 2.76 42.31
C LYS D 98 -19.35 3.80 41.69
N LEU D 99 -19.92 4.74 40.92
CA LEU D 99 -19.11 5.78 40.30
C LEU D 99 -18.54 6.75 41.32
N SER D 100 -19.18 6.91 42.48
CA SER D 100 -18.66 7.81 43.50
C SER D 100 -17.45 7.21 44.20
N LYS D 101 -17.35 5.89 44.26
CA LYS D 101 -16.21 5.25 44.90
C LYS D 101 -14.96 5.37 44.03
N LYS D 102 -15.11 5.21 42.72
CA LYS D 102 -14.00 5.32 41.79
C LYS D 102 -13.72 6.75 41.35
N LEU D 103 -14.31 7.73 42.03
CA LEU D 103 -14.10 9.13 41.66
C LEU D 103 -12.70 9.57 42.08
N GLN D 104 -12.10 10.42 41.24
CA GLN D 104 -10.73 10.90 41.50
C GLN D 104 -10.77 12.23 42.26
N PHE D 105 -11.22 13.29 41.60
CA PHE D 105 -11.26 14.61 42.18
C PHE D 105 -12.57 15.30 41.82
N LEU D 106 -12.92 16.32 42.60
CA LEU D 106 -14.13 17.10 42.39
C LEU D 106 -13.77 18.50 41.91
N ALA D 107 -14.74 19.14 41.26
CA ALA D 107 -14.54 20.49 40.74
C ALA D 107 -14.62 21.51 41.88
N LEU D 108 -14.21 22.74 41.57
CA LEU D 108 -14.23 23.81 42.56
C LEU D 108 -15.63 24.35 42.82
N GLU D 109 -16.57 24.12 41.90
CA GLU D 109 -17.94 24.58 42.06
C GLU D 109 -18.86 23.51 42.65
N ASN D 110 -18.35 22.32 42.93
CA ASN D 110 -19.13 21.25 43.49
C ASN D 110 -18.70 20.88 44.91
N VAL D 111 -17.91 21.72 45.56
CA VAL D 111 -17.46 21.44 46.92
C VAL D 111 -18.54 21.72 47.95
N ASP D 112 -19.59 22.46 47.58
CA ASP D 112 -20.68 22.77 48.50
C ASP D 112 -21.98 22.04 48.17
N ASP D 113 -22.12 21.51 46.96
CA ASP D 113 -23.32 20.79 46.56
C ASP D 113 -23.16 19.28 46.61
N TYR D 114 -21.94 18.77 46.83
CA TYR D 114 -21.74 17.32 46.89
C TYR D 114 -22.28 16.74 48.19
N LEU D 115 -22.24 17.50 49.28
CA LEU D 115 -22.74 17.03 50.56
C LEU D 115 -24.25 17.01 50.65
N ASN D 116 -24.94 17.71 49.74
CA ASN D 116 -26.41 17.74 49.73
C ASN D 116 -27.02 16.72 48.80
N GLY D 117 -26.24 16.11 47.91
CA GLY D 117 -26.77 15.13 46.99
C GLY D 117 -26.40 15.41 45.55
N GLU D 118 -25.26 14.89 45.11
CA GLU D 118 -24.80 15.09 43.74
C GLU D 118 -23.90 13.92 43.35
N LEU D 119 -24.30 13.18 42.33
CA LEU D 119 -23.56 12.02 41.84
C LEU D 119 -23.41 12.14 40.33
N PHE D 120 -22.17 12.26 39.87
CA PHE D 120 -21.90 12.38 38.44
C PHE D 120 -20.56 11.73 38.14
N GLU D 121 -20.29 11.53 36.85
CA GLU D 121 -19.06 10.92 36.40
C GLU D 121 -17.96 11.97 36.29
N ASN D 122 -16.77 11.63 36.79
CA ASN D 122 -15.65 12.56 36.75
C ASN D 122 -15.13 12.69 35.32
N GLU D 123 -14.58 13.87 35.02
CA GLU D 123 -14.04 14.14 33.69
C GLU D 123 -12.74 13.37 33.49
N GLU D 124 -12.61 12.76 32.31
CA GLU D 124 -11.41 12.00 31.98
C GLU D 124 -10.24 12.96 31.76
N HIS D 125 -9.18 12.79 32.55
CA HIS D 125 -8.01 13.66 32.43
C HIS D 125 -7.17 13.28 31.20
N ALA D 126 -6.59 12.08 31.23
CA ALA D 126 -5.76 11.62 30.12
C ALA D 126 -5.80 10.10 30.07
N VAL D 127 -5.43 9.56 28.92
CA VAL D 127 -5.41 8.12 28.70
C VAL D 127 -4.03 7.58 29.06
N ILE D 128 -4.00 6.37 29.60
CA ILE D 128 -2.75 5.73 30.00
C ILE D 128 -2.09 5.13 28.78
N ASP D 129 -0.88 5.61 28.47
CA ASP D 129 -0.11 5.13 27.32
C ASP D 129 1.20 4.51 27.81
N THR D 130 1.61 3.44 27.14
CA THR D 130 2.83 2.73 27.49
C THR D 130 3.60 2.39 26.23
N VAL D 131 4.92 2.21 26.40
CA VAL D 131 5.80 1.84 25.29
C VAL D 131 6.62 0.64 25.70
N THR D 132 7.64 0.32 24.90
CA THR D 132 8.52 -0.82 25.19
C THR D 132 9.90 -0.55 24.63
N LYS D 133 10.91 -1.11 25.29
CA LYS D 133 12.30 -0.96 24.87
C LYS D 133 13.01 -2.30 25.08
N ASN D 134 14.31 -2.31 24.79
CA ASN D 134 15.13 -3.50 24.98
C ASN D 134 16.57 -3.06 25.18
N GLN D 135 17.51 -3.96 24.92
CA GLN D 135 18.93 -3.66 25.08
C GLN D 135 19.76 -4.59 24.20
N PRO D 136 20.21 -4.13 23.04
CA PRO D 136 21.03 -4.98 22.16
C PRO D 136 22.39 -5.25 22.79
N HIS D 137 23.13 -6.15 22.13
CA HIS D 137 24.47 -6.55 22.57
C HIS D 137 24.44 -7.12 23.99
N LYS D 138 23.38 -7.88 24.31
CA LYS D 138 23.24 -8.48 25.63
C LYS D 138 22.39 -9.74 25.56
N ASP D 139 21.25 -9.66 24.85
CA ASP D 139 20.34 -10.77 24.68
C ASP D 139 19.87 -11.32 26.02
N GLY D 140 18.91 -10.65 26.65
CA GLY D 140 18.39 -11.09 27.93
C GLY D 140 17.89 -9.95 28.79
N ASN D 141 17.19 -9.00 28.18
CA ASN D 141 16.64 -7.85 28.90
C ASN D 141 15.44 -7.33 28.13
N LEU D 142 14.28 -7.30 28.79
CA LEU D 142 13.06 -6.82 28.15
C LEU D 142 12.16 -6.25 29.25
N TYR D 143 12.12 -4.93 29.36
CA TYR D 143 11.31 -4.24 30.36
C TYR D 143 10.21 -3.45 29.69
N GLN D 144 9.22 -3.06 30.49
CA GLN D 144 8.07 -2.29 30.02
C GLN D 144 7.89 -1.07 30.89
N VAL D 145 7.76 0.10 30.25
CA VAL D 145 7.54 1.36 30.94
C VAL D 145 6.29 2.02 30.38
N ALA D 146 5.70 2.90 31.19
CA ALA D 146 4.48 3.61 30.82
C ALA D 146 4.74 5.11 30.83
N THR D 147 3.88 5.84 30.13
CA THR D 147 3.97 7.29 30.03
C THR D 147 2.66 7.92 30.47
N THR D 148 2.74 9.19 30.85
CA THR D 148 1.58 9.97 31.30
C THR D 148 1.43 11.18 30.36
N ARG D 149 0.93 10.91 29.16
CA ARG D 149 0.73 11.96 28.16
C ARG D 149 -0.59 12.66 28.45
N PHE D 150 -0.50 13.86 29.03
CA PHE D 150 -1.69 14.64 29.36
C PHE D 150 -2.09 15.51 28.18
N SER D 151 -3.40 15.72 28.06
CA SER D 151 -3.96 16.54 26.98
C SER D 151 -5.18 17.29 27.52
N ASN D 152 -5.84 18.03 26.62
CA ASN D 152 -7.03 18.82 26.96
C ASN D 152 -6.72 19.82 28.08
N ASP D 153 -5.52 20.41 28.03
CA ASP D 153 -5.08 21.39 29.02
C ASP D 153 -5.17 20.84 30.44
N THR D 154 -4.19 20.01 30.81
CA THR D 154 -4.14 19.41 32.15
C THR D 154 -2.90 19.91 32.86
N SER D 155 -3.09 20.55 34.01
CA SER D 155 -2.00 21.08 34.81
C SER D 155 -2.08 20.54 36.23
N LEU D 156 -0.94 20.59 36.92
CA LEU D 156 -0.82 20.11 38.30
C LEU D 156 -0.17 21.21 39.12
N TYR D 157 -0.99 22.12 39.65
CA TYR D 157 -0.48 23.23 40.44
C TYR D 157 -0.05 22.76 41.82
N VAL D 158 0.64 23.65 42.54
CA VAL D 158 1.11 23.36 43.89
C VAL D 158 1.07 24.66 44.69
N ILE D 159 0.74 24.54 45.97
CA ILE D 159 0.64 25.68 46.87
C ILE D 159 1.76 25.58 47.90
N ALA D 160 2.57 26.64 48.00
CA ALA D 160 3.68 26.68 48.94
C ALA D 160 3.76 28.09 49.53
N ASN D 161 4.77 28.33 50.34
CA ASN D 161 4.99 29.61 50.99
C ASN D 161 6.01 30.40 50.17
N GLU D 162 5.53 31.39 49.43
CA GLU D 162 6.41 32.21 48.61
C GLU D 162 7.25 33.13 49.46
N SER D 163 8.56 33.08 49.26
CA SER D 163 9.50 33.90 50.00
C SER D 163 10.57 34.39 49.03
N ASP D 164 11.70 34.86 49.58
CA ASP D 164 12.80 35.35 48.77
C ASP D 164 13.89 34.31 48.54
N LEU D 165 13.55 33.02 48.61
CA LEU D 165 14.52 31.96 48.41
C LEU D 165 13.90 30.80 47.65
N LEU D 166 12.60 30.56 47.87
CA LEU D 166 11.93 29.46 47.18
C LEU D 166 11.77 29.74 45.69
N ASN D 167 11.70 31.01 45.30
CA ASN D 167 11.55 31.35 43.89
C ASN D 167 12.78 31.00 43.07
N GLU D 168 13.94 30.86 43.70
CA GLU D 168 15.18 30.51 43.00
C GLU D 168 15.51 29.04 43.08
N LEU D 169 14.76 28.26 43.87
CA LEU D 169 14.99 26.83 44.01
C LEU D 169 14.15 26.01 43.03
N MET D 170 12.84 26.23 43.00
CA MET D 170 11.97 25.50 42.10
C MET D 170 12.00 26.02 40.67
N SER D 171 12.68 27.14 40.42
CA SER D 171 12.77 27.66 39.06
C SER D 171 13.68 26.82 38.19
N SER D 172 14.72 26.22 38.77
CA SER D 172 15.65 25.37 38.05
C SER D 172 15.18 23.92 37.99
N LEU D 173 14.08 23.57 38.65
CA LEU D 173 13.58 22.20 38.63
C LEU D 173 12.89 21.85 37.32
N GLN D 174 12.38 22.85 36.59
CA GLN D 174 11.70 22.57 35.33
C GLN D 174 12.66 22.06 34.26
N TYR D 175 13.96 22.31 34.40
CA TYR D 175 14.97 21.82 33.47
C TYR D 175 15.64 20.53 33.94
N SER D 176 14.96 19.77 34.79
CA SER D 176 15.49 18.52 35.31
C SER D 176 14.49 17.39 35.16
N GLY D 177 14.08 16.81 36.28
CA GLY D 177 13.12 15.72 36.25
C GLY D 177 12.42 15.57 37.58
N LEU D 178 11.31 14.83 37.57
CA LEU D 178 10.52 14.61 38.77
C LEU D 178 9.71 13.33 38.56
N GLY D 179 10.24 12.22 39.06
CA GLY D 179 9.56 10.94 38.94
C GLY D 179 9.72 10.32 37.57
N GLY D 180 9.60 8.99 37.54
CA GLY D 180 9.71 8.27 36.29
C GLY D 180 11.14 8.20 35.79
N LYS D 181 11.26 7.87 34.50
CA LYS D 181 12.57 7.78 33.86
C LYS D 181 13.18 9.16 33.69
N ARG D 182 13.95 9.60 34.68
CA ARG D 182 14.55 10.93 34.64
C ARG D 182 15.71 11.02 33.66
N SER D 183 16.37 9.89 33.36
CA SER D 183 17.49 9.90 32.44
C SER D 183 17.05 10.22 31.01
N SER D 184 15.81 9.85 30.66
CA SER D 184 15.30 10.12 29.32
C SER D 184 14.72 11.52 29.19
N GLY D 185 14.17 12.08 30.26
CA GLY D 185 13.58 13.40 30.22
C GLY D 185 12.12 13.43 30.61
N PHE D 186 11.77 12.70 31.66
CA PHE D 186 10.40 12.61 32.15
C PHE D 186 10.32 13.33 33.50
N GLY D 187 9.68 14.50 33.50
CA GLY D 187 9.52 15.26 34.73
C GLY D 187 9.62 16.76 34.53
N ARG D 188 9.87 17.20 33.31
CA ARG D 188 9.96 18.62 33.03
C ARG D 188 8.59 19.27 33.04
N PHE D 189 8.54 20.50 33.54
CA PHE D 189 7.30 21.26 33.63
C PHE D 189 7.59 22.70 33.20
N GLU D 190 6.63 23.58 33.45
CA GLU D 190 6.76 25.00 33.10
C GLU D 190 6.24 25.82 34.28
N LEU D 191 7.15 26.51 34.97
CA LEU D 191 6.78 27.30 36.13
C LEU D 191 6.04 28.56 35.68
N ASP D 192 4.82 28.74 36.19
CA ASP D 192 3.99 29.89 35.86
C ASP D 192 3.53 30.55 37.16
N ILE D 193 3.86 31.83 37.31
CA ILE D 193 3.49 32.58 38.51
C ILE D 193 2.46 33.65 38.12
N GLN D 194 1.59 33.99 39.07
CA GLN D 194 0.57 34.99 38.85
C GLN D 194 0.67 36.12 39.87
N ASN D 195 -0.47 36.59 40.37
CA ASN D 195 -0.48 37.66 41.36
C ASN D 195 -1.44 37.34 42.49
N ILE D 196 -2.72 37.60 42.30
CA ILE D 196 -3.73 37.34 43.33
C ILE D 196 -4.19 35.90 43.22
N PRO D 197 -4.08 35.11 44.29
CA PRO D 197 -4.53 33.71 44.22
C PRO D 197 -6.05 33.57 44.13
N LEU D 198 -6.54 32.34 44.20
CA LEU D 198 -7.97 32.11 44.13
C LEU D 198 -8.65 32.55 45.42
N GLU D 199 -9.77 33.26 45.28
CA GLU D 199 -10.53 33.76 46.41
C GLU D 199 -11.48 32.74 47.01
N LEU D 200 -11.53 31.52 46.44
CA LEU D 200 -12.42 30.48 46.93
C LEU D 200 -11.69 29.46 47.81
N SER D 201 -10.50 29.04 47.42
CA SER D 201 -9.73 28.06 48.20
C SER D 201 -8.83 28.79 49.19
N ASP D 202 -9.47 29.43 50.17
CA ASP D 202 -8.78 30.17 51.21
C ASP D 202 -9.18 29.72 52.61
N ARG D 203 -9.66 28.48 52.76
CA ARG D 203 -10.09 27.93 54.03
C ARG D 203 -9.04 27.02 54.65
N LEU D 204 -7.76 27.30 54.43
CA LEU D 204 -6.67 26.50 54.95
C LEU D 204 -6.17 27.14 56.25
N THR D 205 -6.23 26.39 57.34
CA THR D 205 -5.79 26.88 58.64
C THR D 205 -5.30 25.71 59.47
N LYS D 206 -4.56 26.02 60.54
CA LYS D 206 -4.03 25.03 61.47
C LYS D 206 -4.23 25.52 62.90
N ASN D 207 -5.49 25.49 63.35
CA ASN D 207 -5.84 25.93 64.70
C ASN D 207 -7.04 25.17 65.22
N HIS D 208 -8.24 25.59 64.82
CA HIS D 208 -9.45 24.93 65.26
C HIS D 208 -9.65 23.60 64.54
N SER D 209 -10.54 22.78 65.09
CA SER D 209 -10.85 21.46 64.53
C SER D 209 -12.36 21.23 64.69
N ASP D 210 -13.14 21.76 63.75
CA ASP D 210 -14.59 21.63 63.75
C ASP D 210 -15.01 20.97 62.45
N LYS D 211 -14.97 19.63 62.44
CA LYS D 211 -15.33 18.82 61.27
C LYS D 211 -14.47 19.20 60.06
N VAL D 212 -13.17 19.27 60.28
CA VAL D 212 -12.22 19.65 59.24
C VAL D 212 -11.78 18.40 58.49
N MET D 213 -10.78 18.55 57.62
CA MET D 213 -10.26 17.43 56.82
C MET D 213 -8.82 17.72 56.46
N SER D 214 -7.92 16.81 56.82
CA SER D 214 -6.50 16.95 56.53
C SER D 214 -6.15 16.24 55.23
N LEU D 215 -5.22 16.83 54.49
CA LEU D 215 -4.80 16.28 53.21
C LEU D 215 -3.30 16.05 53.17
N THR D 216 -2.71 16.15 51.97
CA THR D 216 -1.28 16.01 51.72
C THR D 216 -0.72 14.66 52.14
N THR D 217 -1.58 13.69 52.46
CA THR D 217 -1.16 12.35 52.89
C THR D 217 -0.14 12.42 54.02
N ALA D 218 -0.46 13.21 55.03
CA ALA D 218 0.44 13.40 56.16
C ALA D 218 0.36 12.24 57.13
N LEU D 219 1.24 12.26 58.13
CA LEU D 219 1.31 11.23 59.15
C LEU D 219 1.11 11.87 60.52
N PRO D 220 0.18 11.35 61.33
CA PRO D 220 -0.05 11.93 62.65
C PRO D 220 1.17 11.78 63.56
N VAL D 221 1.20 12.60 64.61
CA VAL D 221 2.31 12.57 65.56
C VAL D 221 2.22 11.30 66.40
N ASP D 222 3.38 10.82 66.85
CA ASP D 222 3.42 9.60 67.66
C ASP D 222 2.84 9.82 69.06
N ALA D 223 2.81 11.07 69.54
CA ALA D 223 2.27 11.36 70.86
C ALA D 223 0.75 11.26 70.84
N ASP D 224 0.09 12.32 70.36
CA ASP D 224 -1.37 12.34 70.29
C ASP D 224 -1.83 11.48 69.12
N LEU D 225 -2.50 10.38 69.40
CA LEU D 225 -2.97 9.48 68.36
C LEU D 225 -4.22 8.74 68.81
N GLU D 226 -4.36 8.52 70.12
CA GLU D 226 -5.52 7.81 70.63
C GLU D 226 -6.80 8.62 70.44
N GLU D 227 -6.73 9.93 70.62
CA GLU D 227 -7.90 10.79 70.46
C GLU D 227 -8.09 11.28 69.04
N ALA D 228 -7.00 11.50 68.30
CA ALA D 228 -7.12 12.00 66.93
C ALA D 228 -7.66 10.93 66.00
N MET D 229 -7.16 9.70 66.11
CA MET D 229 -7.63 8.62 65.25
C MET D 229 -9.04 8.16 65.61
N GLU D 230 -9.45 8.33 66.85
CA GLU D 230 -10.79 7.93 67.27
C GLU D 230 -11.84 8.78 66.57
N ASP D 231 -12.89 8.11 66.09
CA ASP D 231 -13.99 8.75 65.37
C ASP D 231 -13.46 9.49 64.13
N GLY D 232 -12.73 8.74 63.31
CA GLY D 232 -12.17 9.28 62.09
C GLY D 232 -12.01 8.19 61.05
N HIS D 233 -11.47 8.59 59.89
CA HIS D 233 -11.26 7.67 58.78
C HIS D 233 -9.91 7.98 58.13
N TYR D 234 -9.38 6.98 57.45
CA TYR D 234 -8.09 7.11 56.76
C TYR D 234 -8.03 6.07 55.64
N LEU D 235 -6.88 5.99 54.99
CA LEU D 235 -6.69 5.03 53.90
C LEU D 235 -5.19 4.80 53.75
N LEU D 236 -4.73 3.60 54.08
CA LEU D 236 -3.31 3.29 54.02
C LEU D 236 -2.86 3.13 52.57
N THR D 237 -1.65 3.59 52.28
CA THR D 237 -1.09 3.48 50.93
C THR D 237 0.19 2.65 50.95
N LYS D 238 1.08 2.90 50.01
CA LYS D 238 2.34 2.16 49.92
C LYS D 238 3.36 3.00 49.19
N SER D 239 4.53 3.18 49.80
CA SER D 239 5.60 3.97 49.19
C SER D 239 6.92 3.56 49.84
N SER D 240 7.90 3.18 49.02
CA SER D 240 9.21 2.77 49.52
C SER D 240 10.22 2.96 48.39
N GLY D 241 11.42 2.42 48.58
CA GLY D 241 12.46 2.53 47.59
C GLY D 241 13.85 2.72 48.19
N PHE D 242 14.88 2.68 47.36
CA PHE D 242 16.23 2.86 47.83
C PHE D 242 16.51 4.33 48.16
N ALA D 243 17.63 4.58 48.82
CA ALA D 243 18.01 5.91 49.23
C ALA D 243 18.96 6.52 48.20
N PHE D 244 19.37 7.77 48.45
CA PHE D 244 20.27 8.50 47.57
C PHE D 244 21.54 8.83 48.35
N SER D 245 22.65 8.26 47.93
CA SER D 245 23.94 8.49 48.59
C SER D 245 25.05 8.31 47.58
N HIS D 246 26.27 8.66 48.00
CA HIS D 246 27.45 8.55 47.16
C HIS D 246 28.61 7.81 47.82
N ALA D 247 28.55 7.55 49.12
CA ALA D 247 29.63 6.86 49.83
C ALA D 247 29.36 5.37 49.97
N THR D 248 28.12 4.97 50.22
CA THR D 248 27.78 3.57 50.38
C THR D 248 27.75 2.88 49.02
N ASN D 249 28.24 1.63 48.99
CA ASN D 249 28.28 0.85 47.76
C ASN D 249 27.38 -0.39 47.85
N GLU D 250 26.26 -0.27 48.57
CA GLU D 250 25.32 -1.37 48.73
C GLU D 250 23.87 -1.01 48.43
N ASN D 251 23.50 0.27 48.49
CA ASN D 251 22.13 0.71 48.24
C ASN D 251 21.14 -0.01 49.15
N TYR D 252 21.12 0.38 50.43
CA TYR D 252 20.22 -0.26 51.39
C TYR D 252 18.78 0.15 51.14
N ARG D 253 17.86 -0.76 51.47
CA ARG D 253 16.44 -0.50 51.30
C ARG D 253 15.89 0.27 52.49
N LYS D 254 15.25 1.40 52.22
CA LYS D 254 14.68 2.21 53.29
C LYS D 254 13.43 1.55 53.86
N GLN D 255 13.08 1.94 55.09
CA GLN D 255 11.91 1.40 55.74
C GLN D 255 10.64 2.02 55.15
N ASP D 256 9.59 1.21 55.07
CA ASP D 256 8.32 1.68 54.53
C ASP D 256 7.63 2.64 55.50
N LEU D 257 6.84 3.56 54.95
CA LEU D 257 6.10 4.56 55.73
C LEU D 257 4.67 4.58 55.21
N TYR D 258 3.86 3.62 55.67
CA TYR D 258 2.47 3.54 55.25
C TYR D 258 1.65 4.66 55.89
N LYS D 259 1.60 5.81 55.23
CA LYS D 259 0.85 6.96 55.75
C LYS D 259 -0.62 6.86 55.37
N PHE D 260 -1.29 8.01 55.29
CA PHE D 260 -2.70 8.07 54.96
C PHE D 260 -2.87 8.53 53.51
N ALA D 261 -4.10 8.87 53.14
CA ALA D 261 -4.42 9.32 51.80
C ALA D 261 -4.91 10.76 51.84
N SER D 262 -5.10 11.33 50.65
CA SER D 262 -5.56 12.71 50.54
C SER D 262 -7.08 12.77 50.71
N GLY D 263 -7.53 13.76 51.47
CA GLY D 263 -8.95 13.93 51.71
C GLY D 263 -9.51 13.10 52.83
N SER D 264 -8.72 12.84 53.86
CA SER D 264 -9.16 12.03 55.00
C SER D 264 -9.70 12.95 56.08
N THR D 265 -10.93 12.71 56.51
CA THR D 265 -11.57 13.52 57.54
C THR D 265 -11.17 13.03 58.93
N PHE D 266 -11.06 13.98 59.86
CA PHE D 266 -10.72 13.68 61.24
C PHE D 266 -11.56 14.58 62.14
N SER D 267 -11.09 14.76 63.38
CA SER D 267 -11.83 15.61 64.32
C SER D 267 -10.92 16.29 65.34
N LYS D 268 -9.59 16.24 65.18
CA LYS D 268 -8.68 16.86 66.12
C LYS D 268 -7.47 17.39 65.35
N THR D 269 -6.97 18.55 65.77
CA THR D 269 -5.82 19.15 65.11
C THR D 269 -4.56 18.33 65.40
N PHE D 270 -3.84 17.98 64.34
CA PHE D 270 -2.62 17.19 64.47
C PHE D 270 -1.46 18.11 64.85
N GLU D 271 -0.23 17.58 64.77
CA GLU D 271 0.96 18.36 65.09
C GLU D 271 1.93 18.38 63.92
N GLY D 272 2.19 17.22 63.33
CA GLY D 272 3.10 17.11 62.22
C GLY D 272 4.56 17.22 62.62
N GLN D 273 5.21 16.07 62.79
CA GLN D 273 6.61 16.00 63.18
C GLN D 273 7.44 15.46 62.02
N ILE D 274 8.73 15.27 62.28
CA ILE D 274 9.69 14.78 61.29
C ILE D 274 10.25 13.46 61.80
N VAL D 275 9.94 12.38 61.10
CA VAL D 275 10.40 11.04 61.48
C VAL D 275 11.74 10.77 60.81
N ASP D 276 12.60 10.05 61.50
CA ASP D 276 13.93 9.70 61.01
C ASP D 276 13.93 8.24 60.59
N VAL D 277 14.29 8.00 59.33
CA VAL D 277 14.34 6.65 58.76
C VAL D 277 15.77 6.39 58.32
N ARG D 278 16.48 5.54 59.06
CA ARG D 278 17.86 5.18 58.74
C ARG D 278 18.01 3.67 58.83
N PRO D 279 18.29 2.98 57.71
CA PRO D 279 18.48 1.54 57.76
C PRO D 279 19.68 1.13 58.58
N LEU D 280 20.88 1.30 58.03
CA LEU D 280 22.10 0.96 58.73
C LEU D 280 22.90 2.21 59.09
N ASP D 281 23.61 2.77 58.11
CA ASP D 281 24.40 3.98 58.32
C ASP D 281 24.54 4.72 57.00
N PHE D 282 24.47 6.05 57.06
CA PHE D 282 24.60 6.90 55.89
C PHE D 282 25.19 8.24 56.33
N PRO D 283 26.04 8.84 55.51
CA PRO D 283 26.62 10.15 55.89
C PRO D 283 25.61 11.28 55.88
N HIS D 284 24.51 11.15 55.14
CA HIS D 284 23.48 12.17 55.09
C HIS D 284 22.38 11.85 56.11
N ALA D 285 21.18 12.34 55.87
CA ALA D 285 20.05 12.10 56.77
C ALA D 285 18.76 12.08 55.96
N VAL D 286 18.06 10.95 55.98
CA VAL D 286 16.80 10.80 55.27
C VAL D 286 15.67 11.17 56.22
N LEU D 287 14.95 12.24 55.90
CA LEU D 287 13.85 12.72 56.72
C LEU D 287 12.60 12.86 55.87
N ASN D 288 11.45 12.67 56.50
CA ASN D 288 10.16 12.78 55.85
C ASN D 288 9.50 14.11 56.18
N TYR D 289 8.72 14.62 55.23
CA TYR D 289 8.04 15.89 55.41
C TYR D 289 6.53 15.68 55.54
N ALA D 290 5.79 16.03 54.49
CA ALA D 290 4.34 15.85 54.45
C ALA D 290 3.64 16.50 55.63
N LYS D 291 3.44 17.81 55.58
CA LYS D 291 2.74 18.47 56.67
C LYS D 291 1.23 18.50 56.39
N PRO D 292 0.41 18.25 57.40
CA PRO D 292 -1.04 18.25 57.18
C PRO D 292 -1.59 19.65 56.99
N LEU D 293 -2.68 19.72 56.22
CA LEU D 293 -3.37 20.98 55.97
C LEU D 293 -4.86 20.76 56.12
N PHE D 294 -5.48 21.48 57.05
CA PHE D 294 -6.90 21.32 57.33
C PHE D 294 -7.73 22.24 56.44
N PHE D 295 -8.94 21.77 56.11
CA PHE D 295 -9.86 22.52 55.27
C PHE D 295 -11.19 22.65 56.00
N LYS D 296 -11.78 23.85 55.95
CA LYS D 296 -13.00 24.12 56.69
C LYS D 296 -14.21 23.39 56.12
N LEU D 297 -14.16 22.98 54.86
CA LEU D 297 -15.25 22.27 54.20
C LEU D 297 -16.56 23.05 54.22
N LYS E 3 -24.26 -35.49 71.95
CA LYS E 3 -25.34 -36.45 72.13
C LYS E 3 -26.68 -35.85 71.69
N GLU E 4 -27.17 -34.89 72.47
CA GLU E 4 -28.44 -34.23 72.16
C GLU E 4 -28.31 -33.19 71.05
N LYS E 5 -27.08 -32.80 70.68
CA LYS E 5 -26.88 -31.81 69.64
C LYS E 5 -26.40 -32.41 68.33
N ILE E 6 -25.65 -33.52 68.39
CA ILE E 6 -25.17 -34.14 67.16
C ILE E 6 -26.34 -34.73 66.37
N ASP E 7 -27.27 -35.39 67.05
CA ASP E 7 -28.44 -35.96 66.38
C ASP E 7 -29.41 -34.89 65.91
N LEU E 8 -29.32 -33.67 66.45
CA LEU E 8 -30.22 -32.60 66.02
C LEU E 8 -29.87 -32.11 64.62
N PHE E 9 -28.60 -32.16 64.24
CA PHE E 9 -28.20 -31.70 62.92
C PHE E 9 -28.72 -32.63 61.82
N TYR E 10 -28.87 -33.92 62.12
CA TYR E 10 -29.37 -34.87 61.15
C TYR E 10 -30.89 -34.82 61.00
N GLY E 11 -31.60 -34.29 62.01
CA GLY E 11 -33.05 -34.21 61.92
C GLY E 11 -33.54 -33.16 60.96
N ALA E 12 -32.79 -32.06 60.81
CA ALA E 12 -33.17 -30.98 59.90
C ALA E 12 -32.77 -31.26 58.47
N LEU E 13 -32.06 -32.36 58.20
CA LEU E 13 -31.65 -32.72 56.85
C LEU E 13 -32.51 -33.80 56.22
N LEU E 14 -33.02 -34.73 57.01
CA LEU E 14 -33.84 -35.82 56.52
C LEU E 14 -35.30 -35.68 56.96
N HIS E 15 -35.76 -34.44 57.17
CA HIS E 15 -37.13 -34.22 57.60
C HIS E 15 -38.12 -34.42 56.45
N ASP E 16 -37.67 -34.33 55.20
CA ASP E 16 -38.51 -34.55 54.03
C ASP E 16 -37.89 -35.58 53.10
N ILE E 17 -37.19 -36.56 53.65
CA ILE E 17 -36.56 -37.59 52.83
C ILE E 17 -37.58 -38.58 52.28
N GLY E 18 -38.76 -38.65 52.89
CA GLY E 18 -39.79 -39.57 52.43
C GLY E 18 -40.50 -39.14 51.16
N LYS E 19 -40.29 -37.89 50.71
CA LYS E 19 -40.93 -37.43 49.49
C LYS E 19 -40.30 -38.05 48.25
N VAL E 20 -38.99 -38.33 48.28
CA VAL E 20 -38.33 -38.94 47.14
C VAL E 20 -38.77 -40.39 46.99
N ILE E 21 -38.86 -41.12 48.09
CA ILE E 21 -39.30 -42.52 48.04
C ILE E 21 -40.77 -42.61 47.64
N GLN E 22 -41.57 -41.60 48.02
CA GLN E 22 -42.99 -41.63 47.68
C GLN E 22 -43.21 -41.51 46.18
N ARG E 23 -42.31 -40.84 45.46
CA ARG E 23 -42.46 -40.70 44.01
C ARG E 23 -42.23 -42.03 43.31
N ALA E 24 -41.22 -42.78 43.75
CA ALA E 24 -40.92 -44.07 43.12
C ALA E 24 -41.89 -45.15 43.59
N THR E 25 -41.82 -45.51 44.86
CA THR E 25 -42.70 -46.53 45.42
C THR E 25 -44.11 -45.97 45.61
N GLY E 26 -45.10 -46.67 45.08
CA GLY E 26 -46.48 -46.24 45.20
C GLY E 26 -47.04 -46.39 46.60
N GLU E 27 -46.91 -45.35 47.41
CA GLU E 27 -47.40 -45.35 48.78
C GLU E 27 -48.17 -44.06 49.03
N ARG E 28 -49.46 -44.19 49.35
CA ARG E 28 -50.33 -43.05 49.60
C ARG E 28 -50.62 -43.00 51.10
N LYS E 29 -49.89 -42.13 51.81
CA LYS E 29 -50.07 -41.98 53.25
C LYS E 29 -49.70 -40.58 53.70
N LYS E 30 -48.42 -40.35 53.96
CA LYS E 30 -47.94 -39.05 54.40
C LYS E 30 -46.44 -38.97 54.16
N HIS E 31 -45.97 -37.79 53.76
CA HIS E 31 -44.54 -37.60 53.50
C HIS E 31 -43.70 -37.70 54.76
N ALA E 32 -44.29 -37.45 55.93
CA ALA E 32 -43.56 -37.53 57.19
C ALA E 32 -43.51 -38.94 57.76
N LEU E 33 -44.21 -39.90 57.16
CA LEU E 33 -44.22 -41.28 57.64
C LEU E 33 -43.45 -42.23 56.74
N VAL E 34 -43.18 -41.86 55.48
CA VAL E 34 -42.44 -42.74 54.59
C VAL E 34 -40.96 -42.77 54.95
N GLY E 35 -40.38 -41.59 55.17
CA GLY E 35 -38.97 -41.52 55.52
C GLY E 35 -38.67 -41.96 56.93
N ALA E 36 -39.69 -42.05 57.80
CA ALA E 36 -39.46 -42.47 59.17
C ALA E 36 -39.20 -43.98 59.24
N ASP E 37 -40.07 -44.77 58.60
CA ASP E 37 -39.91 -46.22 58.61
C ASP E 37 -38.80 -46.70 57.68
N TRP E 38 -38.47 -45.91 56.65
CA TRP E 38 -37.42 -46.30 55.73
C TRP E 38 -36.03 -46.13 56.32
N PHE E 39 -35.83 -45.09 57.13
CA PHE E 39 -34.52 -44.87 57.74
C PHE E 39 -34.25 -45.82 58.90
N ASP E 40 -35.31 -46.28 59.58
CA ASP E 40 -35.15 -47.20 60.70
C ASP E 40 -34.76 -48.60 60.26
N GLU E 41 -34.96 -48.95 58.98
CA GLU E 41 -34.61 -50.28 58.51
C GLU E 41 -33.11 -50.43 58.32
N ILE E 42 -32.46 -49.42 57.74
CA ILE E 42 -31.02 -49.49 57.52
C ILE E 42 -30.26 -49.15 58.78
N ALA E 43 -30.56 -48.01 59.39
CA ALA E 43 -29.91 -47.59 60.62
C ALA E 43 -30.58 -48.24 61.83
N ASP E 44 -30.16 -47.82 63.02
CA ASP E 44 -30.70 -48.34 64.28
C ASP E 44 -30.49 -47.27 65.35
N ASN E 45 -31.37 -46.27 65.36
CA ASN E 45 -31.31 -45.19 66.32
C ASN E 45 -32.72 -44.90 66.83
N GLN E 46 -32.79 -44.35 68.04
CA GLN E 46 -34.06 -44.03 68.68
C GLN E 46 -34.31 -42.53 68.80
N VAL E 47 -33.26 -41.74 68.99
CA VAL E 47 -33.43 -40.29 69.15
C VAL E 47 -33.89 -39.68 67.82
N ILE E 48 -33.25 -40.04 66.72
CA ILE E 48 -33.61 -39.50 65.43
C ILE E 48 -34.92 -40.10 64.91
N SER E 49 -35.33 -41.25 65.43
CA SER E 49 -36.56 -41.87 64.99
C SER E 49 -37.80 -41.14 65.48
N ASP E 50 -37.67 -40.33 66.53
CA ASP E 50 -38.80 -39.57 67.07
C ASP E 50 -39.02 -38.25 66.36
N GLN E 51 -37.96 -37.62 65.87
CA GLN E 51 -38.09 -36.34 65.18
C GLN E 51 -38.63 -36.52 63.76
N ILE E 52 -38.21 -37.59 63.08
CA ILE E 52 -38.65 -37.81 61.71
C ILE E 52 -40.09 -38.34 61.69
N ARG E 53 -40.52 -39.01 62.75
CA ARG E 53 -41.86 -39.60 62.82
C ARG E 53 -42.95 -38.53 62.70
N TYR E 54 -43.22 -37.83 63.79
CA TYR E 54 -44.26 -36.81 63.80
C TYR E 54 -43.66 -35.44 63.56
N HIS E 55 -44.39 -34.60 62.83
CA HIS E 55 -43.94 -33.25 62.51
C HIS E 55 -45.12 -32.34 62.20
N MET E 56 -46.00 -32.77 61.30
CA MET E 56 -47.16 -31.99 60.90
C MET E 56 -48.39 -32.88 60.85
N ALA E 57 -49.49 -32.39 61.41
CA ALA E 57 -50.76 -33.10 61.42
C ALA E 57 -50.63 -34.49 62.07
N ASN E 58 -49.89 -34.54 63.18
CA ASN E 58 -49.68 -35.80 63.89
C ASN E 58 -49.81 -35.69 65.40
N TYR E 59 -49.54 -34.52 66.01
CA TYR E 59 -49.64 -34.33 67.45
C TYR E 59 -48.72 -35.31 68.18
N GLN E 60 -49.27 -36.48 68.56
CA GLN E 60 -48.51 -37.53 69.23
C GLN E 60 -47.86 -37.03 70.52
N SER E 61 -48.61 -37.05 71.62
CA SER E 61 -48.10 -36.65 72.93
C SER E 61 -47.55 -37.83 73.72
N ASP E 62 -47.06 -38.87 73.05
CA ASP E 62 -46.53 -40.05 73.70
C ASP E 62 -45.03 -40.15 73.44
N LYS E 63 -44.35 -40.91 74.32
CA LYS E 63 -42.91 -41.12 74.23
C LYS E 63 -42.14 -39.79 74.30
N LEU E 64 -42.55 -38.93 75.24
CA LEU E 64 -41.91 -37.64 75.43
C LEU E 64 -42.14 -37.17 76.85
N GLY E 65 -41.22 -36.34 77.34
CA GLY E 65 -41.33 -35.81 78.67
C GLY E 65 -41.73 -34.35 78.71
N ASN E 66 -40.76 -33.46 78.85
CA ASN E 66 -41.02 -32.02 78.89
C ASN E 66 -40.09 -31.23 77.98
N ASP E 67 -38.83 -31.62 77.88
CA ASP E 67 -37.83 -30.94 77.04
C ASP E 67 -37.17 -31.97 76.14
N HIS E 68 -37.74 -32.16 74.95
CA HIS E 68 -37.21 -33.10 73.98
C HIS E 68 -36.91 -32.39 72.67
N LEU E 69 -35.84 -32.82 72.01
CA LEU E 69 -35.39 -32.21 70.76
C LEU E 69 -36.26 -32.73 69.61
N ALA E 70 -37.46 -32.18 69.52
CA ALA E 70 -38.41 -32.55 68.46
C ALA E 70 -39.44 -31.46 68.23
N TYR E 71 -39.36 -30.39 69.04
CA TYR E 71 -40.31 -29.29 68.93
C TYR E 71 -39.78 -28.11 68.14
N ILE E 72 -38.45 -27.94 68.07
CA ILE E 72 -37.87 -26.83 67.32
C ILE E 72 -37.75 -27.11 65.84
N THR E 73 -38.12 -28.31 65.39
CA THR E 73 -38.05 -28.65 63.97
C THR E 73 -39.21 -28.08 63.16
N TYR E 74 -40.25 -27.58 63.81
CA TYR E 74 -41.39 -27.00 63.10
C TYR E 74 -41.23 -25.51 62.85
N ILE E 75 -40.57 -24.79 63.76
CA ILE E 75 -40.37 -23.36 63.56
C ILE E 75 -39.34 -23.11 62.47
N ALA E 76 -38.25 -23.88 62.46
CA ALA E 76 -37.23 -23.71 61.43
C ALA E 76 -37.70 -24.18 60.07
N ASP E 77 -38.67 -25.10 60.04
CA ASP E 77 -39.17 -25.58 58.76
C ASP E 77 -40.06 -24.54 58.07
N ASN E 78 -40.77 -23.73 58.84
CA ASN E 78 -41.63 -22.69 58.26
C ASN E 78 -40.83 -21.51 57.74
N ILE E 79 -39.57 -21.37 58.16
CA ILE E 79 -38.75 -20.25 57.70
C ILE E 79 -38.33 -20.46 56.25
N ALA E 80 -37.92 -21.69 55.91
CA ALA E 80 -37.51 -21.99 54.55
C ALA E 80 -38.68 -21.99 53.57
N SER E 81 -39.90 -22.19 54.05
CA SER E 81 -41.09 -22.21 53.22
C SER E 81 -41.75 -20.82 53.22
N GLY E 82 -42.82 -20.70 52.45
CA GLY E 82 -43.54 -19.44 52.34
C GLY E 82 -44.99 -19.55 52.78
N SER E 97 -48.15 -32.85 52.34
CA SER E 97 -49.49 -33.29 52.00
C SER E 97 -49.72 -34.74 52.43
N ALA E 98 -50.98 -35.17 52.42
CA ALA E 98 -51.33 -36.53 52.80
C ALA E 98 -51.19 -37.48 51.62
N LYS E 99 -52.33 -37.86 51.03
CA LYS E 99 -52.32 -38.75 49.88
C LYS E 99 -51.97 -38.00 48.61
N ILE E 100 -51.17 -38.63 47.76
CA ILE E 100 -50.75 -38.03 46.49
C ILE E 100 -51.54 -38.67 45.37
N TRP E 101 -51.80 -37.90 44.32
CA TRP E 101 -52.54 -38.39 43.16
C TRP E 101 -51.95 -37.84 41.87
N ASP E 102 -51.64 -36.55 41.85
CA ASP E 102 -51.06 -35.90 40.68
C ASP E 102 -49.92 -35.00 41.12
N THR E 103 -49.28 -34.36 40.15
CA THR E 103 -48.15 -33.46 40.40
C THR E 103 -48.35 -32.19 39.59
N TYR E 104 -48.25 -31.04 40.25
CA TYR E 104 -48.42 -29.76 39.56
C TYR E 104 -47.25 -29.49 38.62
N THR E 105 -46.03 -29.44 39.16
CA THR E 105 -44.86 -29.20 38.34
C THR E 105 -43.68 -29.97 38.93
N ASN E 106 -42.63 -30.10 38.13
CA ASN E 106 -41.40 -30.80 38.52
C ASN E 106 -40.27 -29.79 38.53
N GLN E 107 -39.96 -29.25 39.71
CA GLN E 107 -38.89 -28.27 39.89
C GLN E 107 -39.14 -27.03 39.04
N ALA E 108 -39.85 -26.06 39.59
CA ALA E 108 -40.14 -24.83 38.87
C ALA E 108 -38.87 -24.03 38.63
N ASP E 109 -38.90 -23.18 37.61
CA ASP E 109 -37.74 -22.38 37.25
C ASP E 109 -37.55 -21.24 38.23
N ILE E 110 -36.28 -20.97 38.57
CA ILE E 110 -35.97 -19.89 39.50
C ILE E 110 -35.91 -18.55 38.76
N PHE E 111 -35.31 -18.53 37.57
CA PHE E 111 -35.21 -17.30 36.80
C PHE E 111 -36.55 -16.85 36.23
N ASN E 112 -37.55 -17.73 36.21
CA ASN E 112 -38.85 -17.36 35.66
C ASN E 112 -39.56 -16.36 36.56
N VAL E 113 -39.40 -16.50 37.88
CA VAL E 113 -40.06 -15.60 38.82
C VAL E 113 -39.12 -14.45 39.15
N PHE E 114 -38.07 -14.28 38.35
CA PHE E 114 -37.10 -13.21 38.54
C PHE E 114 -37.13 -12.30 37.31
N GLY E 115 -37.51 -11.06 37.52
CA GLY E 115 -37.57 -10.09 36.42
C GLY E 115 -38.95 -10.07 35.78
N ALA E 116 -39.01 -10.39 34.48
CA ALA E 116 -40.24 -10.42 33.73
C ALA E 116 -40.77 -11.84 33.63
N GLN E 117 -41.90 -12.00 32.95
CA GLN E 117 -42.55 -13.29 32.75
C GLN E 117 -42.46 -13.65 31.27
N THR E 118 -41.69 -14.70 30.97
CA THR E 118 -41.53 -15.15 29.59
C THR E 118 -42.10 -16.54 29.39
N ASP E 119 -41.40 -17.37 28.62
CA ASP E 119 -41.85 -18.74 28.37
C ASP E 119 -41.62 -19.62 29.59
N LYS E 120 -42.48 -20.61 29.75
CA LYS E 120 -42.37 -21.53 30.88
C LYS E 120 -41.14 -22.42 30.73
N ARG E 121 -40.51 -22.74 31.86
CA ARG E 121 -39.31 -23.57 31.88
C ARG E 121 -39.52 -24.72 32.86
N TYR E 122 -38.90 -25.86 32.52
CA TYR E 122 -39.02 -27.06 33.35
C TYR E 122 -37.68 -27.78 33.36
N PHE E 123 -37.16 -28.03 34.56
CA PHE E 123 -35.88 -28.71 34.71
C PHE E 123 -36.09 -30.23 34.61
N LYS E 124 -35.06 -30.99 34.98
CA LYS E 124 -35.12 -32.45 34.93
C LYS E 124 -34.22 -33.03 36.01
N PRO E 125 -34.74 -33.89 36.88
CA PRO E 125 -33.90 -34.49 37.93
C PRO E 125 -32.88 -35.47 37.37
N THR E 126 -31.74 -34.95 36.91
CA THR E 126 -30.68 -35.80 36.35
C THR E 126 -29.63 -36.09 37.39
N VAL E 127 -28.39 -36.29 36.94
CA VAL E 127 -27.26 -36.60 37.81
C VAL E 127 -26.23 -35.50 37.64
N LEU E 128 -25.86 -34.84 38.74
CA LEU E 128 -24.86 -33.78 38.72
C LEU E 128 -23.49 -34.41 38.55
N ASN E 129 -22.96 -34.38 37.33
CA ASN E 129 -21.66 -34.96 37.02
C ASN E 129 -20.92 -34.03 36.07
N LEU E 130 -19.59 -33.98 36.24
CA LEU E 130 -18.77 -33.14 35.37
C LEU E 130 -18.77 -33.65 33.93
N LYS E 131 -18.83 -34.96 33.75
CA LYS E 131 -18.82 -35.54 32.40
C LYS E 131 -20.22 -35.59 31.79
N SER E 132 -21.26 -35.48 32.59
CA SER E 132 -22.62 -35.52 32.08
C SER E 132 -23.04 -34.16 31.53
N LYS E 133 -23.97 -34.19 30.58
CA LYS E 133 -24.45 -32.96 29.96
C LYS E 133 -25.43 -32.26 30.91
N PRO E 134 -25.41 -30.92 30.95
CA PRO E 134 -26.34 -30.20 31.83
C PRO E 134 -27.77 -30.29 31.31
N ASN E 135 -28.71 -30.23 32.25
CA ASN E 135 -30.13 -30.32 31.93
C ASN E 135 -30.71 -28.92 31.84
N PHE E 136 -30.77 -28.40 30.62
CA PHE E 136 -31.32 -27.07 30.39
C PHE E 136 -32.84 -27.08 30.54
N ALA E 137 -33.37 -26.03 31.15
CA ALA E 137 -34.81 -25.93 31.38
C ALA E 137 -35.50 -25.42 30.12
N SER E 138 -36.55 -26.13 29.70
CA SER E 138 -37.32 -25.77 28.52
C SER E 138 -38.70 -26.40 28.63
N ALA E 139 -39.52 -26.19 27.60
CA ALA E 139 -40.86 -26.73 27.55
C ALA E 139 -40.93 -28.09 26.87
N THR E 140 -39.77 -28.75 26.68
CA THR E 140 -39.76 -30.06 26.04
C THR E 140 -40.15 -31.16 27.02
N TYR E 141 -39.69 -31.06 28.27
CA TYR E 141 -40.00 -32.08 29.26
C TYR E 141 -41.48 -32.05 29.62
N GLU E 142 -41.96 -33.18 30.13
CA GLU E 142 -43.37 -33.31 30.50
C GLU E 142 -43.62 -32.58 31.82
N PRO E 143 -44.50 -31.58 31.86
CA PRO E 143 -44.77 -30.88 33.12
C PRO E 143 -45.63 -31.68 34.09
N PHE E 144 -46.23 -32.79 33.65
CA PHE E 144 -47.07 -33.57 34.56
C PHE E 144 -46.24 -34.34 35.58
N SER E 145 -45.00 -34.68 35.23
CA SER E 145 -44.10 -35.41 36.13
C SER E 145 -44.70 -36.74 36.56
N LYS E 146 -44.52 -37.78 35.74
CA LYS E 146 -45.05 -39.09 36.06
C LYS E 146 -44.29 -39.69 37.23
N GLY E 147 -45.04 -40.26 38.18
CA GLY E 147 -44.43 -40.84 39.37
C GLY E 147 -43.66 -42.12 39.08
N ASP E 148 -42.37 -42.00 38.81
CA ASP E 148 -41.53 -43.15 38.56
C ASP E 148 -40.08 -42.87 38.96
N TYR E 149 -39.22 -42.64 37.98
CA TYR E 149 -37.80 -42.33 38.20
C TYR E 149 -37.12 -43.41 39.04
N ALA E 150 -36.71 -44.50 38.40
CA ALA E 150 -36.06 -45.60 39.10
C ALA E 150 -34.59 -45.33 39.39
N ALA E 151 -34.07 -44.16 39.03
CA ALA E 151 -32.67 -43.81 39.27
C ALA E 151 -32.50 -42.74 40.33
N ILE E 152 -33.59 -42.23 40.90
CA ILE E 152 -33.49 -41.20 41.93
C ILE E 152 -33.25 -41.81 43.32
N ALA E 153 -33.60 -43.08 43.51
CA ALA E 153 -33.40 -43.75 44.80
C ALA E 153 -32.47 -44.96 44.70
N THR E 154 -31.92 -45.25 43.53
CA THR E 154 -31.03 -46.39 43.38
C THR E 154 -29.65 -46.09 43.94
N ARG E 155 -29.16 -44.86 43.75
CA ARG E 155 -27.83 -44.50 44.23
C ARG E 155 -27.78 -44.48 45.75
N ILE E 156 -28.82 -43.92 46.38
CA ILE E 156 -28.87 -43.84 47.84
C ILE E 156 -29.30 -45.20 48.38
N LYS E 157 -28.32 -46.02 48.76
CA LYS E 157 -28.60 -47.36 49.29
C LYS E 157 -27.38 -47.90 50.03
N ASN E 158 -26.30 -48.19 49.29
CA ASN E 158 -25.11 -48.74 49.92
C ASN E 158 -24.31 -47.68 50.67
N GLU E 159 -24.41 -46.41 50.25
CA GLU E 159 -23.69 -45.34 50.92
C GLU E 159 -24.28 -45.00 52.28
N LEU E 160 -25.56 -45.31 52.49
CA LEU E 160 -26.20 -45.00 53.77
C LEU E 160 -25.89 -46.06 54.82
N ALA E 161 -25.74 -47.32 54.41
CA ALA E 161 -25.44 -48.38 55.36
C ALA E 161 -24.02 -48.25 55.89
N GLU E 162 -23.82 -48.69 57.13
CA GLU E 162 -22.53 -48.63 57.81
C GLU E 162 -22.00 -47.21 57.84
N PHE E 163 -22.47 -46.40 58.78
CA PHE E 163 -22.03 -45.01 58.89
C PHE E 163 -22.25 -44.56 60.33
N GLU E 164 -21.17 -44.31 61.05
CA GLU E 164 -21.27 -43.88 62.44
C GLU E 164 -21.70 -42.42 62.50
N PHE E 165 -22.73 -42.15 63.31
CA PHE E 165 -23.26 -40.79 63.49
C PHE E 165 -22.64 -40.21 64.75
N ASN E 166 -21.55 -39.48 64.58
CA ASN E 166 -20.85 -38.86 65.70
C ASN E 166 -20.43 -37.45 65.28
N GLN E 167 -19.39 -36.92 65.93
CA GLN E 167 -18.92 -35.58 65.61
C GLN E 167 -17.95 -35.58 64.44
N ALA E 168 -17.12 -36.61 64.32
CA ALA E 168 -16.16 -36.68 63.23
C ALA E 168 -16.81 -36.95 61.89
N GLN E 169 -17.99 -37.58 61.88
CA GLN E 169 -18.70 -37.88 60.64
C GLN E 169 -19.99 -37.08 60.54
N ILE E 170 -19.89 -35.76 60.68
CA ILE E 170 -21.05 -34.89 60.60
C ILE E 170 -21.03 -33.99 59.37
N ASP E 171 -19.86 -33.72 58.79
CA ASP E 171 -19.75 -32.88 57.61
C ASP E 171 -19.72 -33.66 56.30
N SER E 172 -19.48 -34.98 56.36
CA SER E 172 -19.45 -35.78 55.14
C SER E 172 -20.83 -36.04 54.57
N LEU E 173 -21.89 -35.86 55.36
CA LEU E 173 -23.24 -36.08 54.86
C LEU E 173 -23.68 -34.98 53.91
N LEU E 174 -23.24 -33.74 54.16
CA LEU E 174 -23.62 -32.62 53.30
C LEU E 174 -22.95 -32.70 51.94
N ASN E 175 -21.80 -33.36 51.83
CA ASN E 175 -21.10 -33.46 50.55
C ASN E 175 -21.79 -34.44 49.60
N LEU E 176 -22.66 -35.30 50.12
CA LEU E 176 -23.38 -36.27 49.30
C LEU E 176 -24.86 -35.94 49.14
N PHE E 177 -25.46 -35.24 50.11
CA PHE E 177 -26.88 -34.92 50.01
C PHE E 177 -27.17 -33.98 48.84
N GLU E 178 -26.19 -33.15 48.46
CA GLU E 178 -26.34 -32.23 47.34
C GLU E 178 -25.61 -32.69 46.09
N ALA E 179 -25.31 -34.00 46.00
CA ALA E 179 -24.58 -34.52 44.85
C ALA E 179 -25.49 -34.97 43.71
N ILE E 180 -26.74 -35.31 43.99
CA ILE E 180 -27.65 -35.78 42.96
C ILE E 180 -29.06 -35.25 43.25
N LEU E 181 -29.28 -34.83 44.49
CA LEU E 181 -30.57 -34.24 44.89
C LEU E 181 -30.65 -32.75 44.60
N SER E 182 -29.73 -32.21 43.80
CA SER E 182 -29.74 -30.78 43.51
C SER E 182 -30.85 -30.39 42.54
N PHE E 183 -31.41 -31.36 41.81
CA PHE E 183 -32.49 -31.11 40.86
C PHE E 183 -33.77 -31.80 41.29
N VAL E 184 -34.05 -31.77 42.59
CA VAL E 184 -35.24 -32.40 43.18
C VAL E 184 -36.05 -31.29 43.85
N PRO E 185 -37.32 -31.12 43.51
CA PRO E 185 -38.12 -30.08 44.17
C PRO E 185 -38.47 -30.46 45.60
N SER E 186 -38.96 -29.47 46.34
CA SER E 186 -39.33 -29.65 47.74
C SER E 186 -40.65 -28.93 47.98
N SER E 187 -41.67 -29.68 48.37
CA SER E 187 -43.00 -29.14 48.66
C SER E 187 -43.56 -28.39 47.47
N THR E 188 -43.99 -29.11 46.44
CA THR E 188 -44.57 -28.49 45.25
C THR E 188 -45.99 -28.04 45.57
N ASN E 189 -46.18 -26.74 45.77
CA ASN E 189 -47.48 -26.17 46.11
C ASN E 189 -47.68 -24.92 45.28
N SER E 190 -48.58 -25.00 44.30
CA SER E 190 -48.92 -23.88 43.41
C SER E 190 -47.64 -23.43 42.69
N LYS E 191 -47.45 -22.12 42.48
CA LYS E 191 -46.28 -21.62 41.80
C LYS E 191 -45.30 -20.90 42.71
N GLU E 192 -45.78 -20.29 43.79
CA GLU E 192 -44.89 -19.57 44.70
C GLU E 192 -43.93 -20.53 45.40
N ILE E 193 -44.42 -21.68 45.84
CA ILE E 193 -43.58 -22.68 46.49
C ILE E 193 -43.46 -23.90 45.60
N ALA E 194 -42.47 -23.90 44.72
CA ALA E 194 -42.25 -25.01 43.80
C ALA E 194 -40.83 -25.01 43.27
N ASP E 195 -40.24 -23.83 43.12
CA ASP E 195 -38.88 -23.71 42.61
C ASP E 195 -37.82 -23.96 43.67
N ILE E 196 -38.22 -24.16 44.93
CA ILE E 196 -37.27 -24.42 46.01
C ILE E 196 -36.80 -25.87 45.88
N SER E 197 -35.51 -26.06 45.61
CA SER E 197 -34.96 -27.39 45.49
C SER E 197 -34.83 -28.06 46.85
N LEU E 198 -34.82 -29.40 46.83
CA LEU E 198 -34.71 -30.15 48.07
C LEU E 198 -33.31 -30.06 48.67
N ALA E 199 -32.28 -29.93 47.82
CA ALA E 199 -30.92 -29.82 48.33
C ALA E 199 -30.67 -28.50 49.04
N GLU E 200 -31.42 -27.45 48.69
CA GLU E 200 -31.28 -26.15 49.33
C GLU E 200 -32.30 -25.89 50.42
N HIS E 201 -33.43 -26.58 50.39
CA HIS E 201 -34.44 -26.39 51.44
C HIS E 201 -34.00 -27.03 52.75
N SER E 202 -33.49 -28.25 52.69
CA SER E 202 -33.03 -28.94 53.90
C SER E 202 -31.69 -28.42 54.40
N ARG E 203 -30.91 -27.76 53.53
CA ARG E 203 -29.61 -27.24 53.94
C ARG E 203 -29.74 -25.91 54.66
N LEU E 204 -30.67 -25.05 54.20
CA LEU E 204 -30.83 -23.74 54.82
C LEU E 204 -31.54 -23.85 56.17
N THR E 205 -32.48 -24.78 56.30
CA THR E 205 -33.21 -24.95 57.55
C THR E 205 -32.35 -25.59 58.64
N ALA E 206 -31.20 -26.14 58.30
CA ALA E 206 -30.33 -26.74 59.31
C ALA E 206 -29.68 -25.68 60.20
N ALA E 207 -29.45 -24.49 59.66
CA ALA E 207 -28.86 -23.42 60.45
C ALA E 207 -29.87 -22.77 61.39
N PHE E 208 -31.14 -22.71 60.98
CA PHE E 208 -32.17 -22.14 61.85
C PHE E 208 -32.54 -23.08 62.98
N ALA E 209 -32.36 -24.39 62.79
CA ALA E 209 -32.67 -25.33 63.86
C ALA E 209 -31.66 -25.24 65.00
N LEU E 210 -30.43 -24.85 64.70
CA LEU E 210 -29.40 -24.71 65.73
C LEU E 210 -29.41 -23.35 66.39
N ALA E 211 -29.91 -22.32 65.70
CA ALA E 211 -29.96 -20.98 66.30
C ALA E 211 -31.05 -20.88 67.35
N ILE E 212 -32.14 -21.63 67.20
CA ILE E 212 -33.20 -21.61 68.19
C ILE E 212 -32.77 -22.30 69.47
N TYR E 213 -32.07 -23.43 69.35
CA TYR E 213 -31.60 -24.13 70.53
C TYR E 213 -30.51 -23.35 71.26
N ASP E 214 -29.71 -22.56 70.54
CA ASP E 214 -28.67 -21.75 71.16
C ASP E 214 -29.21 -20.45 71.74
N TYR E 215 -30.36 -19.97 71.26
CA TYR E 215 -30.93 -18.73 71.79
C TYR E 215 -31.55 -18.96 73.16
N LEU E 216 -32.32 -20.04 73.31
CA LEU E 216 -32.95 -20.34 74.59
C LEU E 216 -31.98 -20.87 75.63
N GLU E 217 -30.85 -21.44 75.19
CA GLU E 217 -29.87 -21.97 76.14
C GLU E 217 -29.04 -20.86 76.77
N ASP E 218 -28.65 -19.86 75.98
CA ASP E 218 -27.84 -18.76 76.52
C ASP E 218 -28.68 -17.83 77.39
N LYS E 219 -29.96 -17.65 77.06
CA LYS E 219 -30.85 -16.79 77.83
C LYS E 219 -31.51 -17.51 79.00
N GLY E 220 -31.30 -18.81 79.13
CA GLY E 220 -31.91 -19.57 80.21
C GLY E 220 -33.38 -19.81 80.02
N ARG E 221 -33.74 -20.63 79.04
CA ARG E 221 -35.14 -20.93 78.74
C ARG E 221 -35.22 -22.33 78.16
N HIS E 222 -36.25 -23.08 78.58
CA HIS E 222 -36.49 -24.43 78.11
C HIS E 222 -37.75 -24.47 77.25
N ASN E 223 -38.04 -25.64 76.70
CA ASN E 223 -39.21 -25.85 75.85
C ASN E 223 -40.42 -26.13 76.74
N TYR E 224 -40.96 -25.06 77.33
CA TYR E 224 -42.11 -25.20 78.21
C TYR E 224 -43.40 -25.41 77.43
N LYS E 225 -43.49 -24.86 76.22
CA LYS E 225 -44.69 -25.02 75.39
C LYS E 225 -44.77 -26.43 74.82
N GLU E 226 -45.50 -27.31 75.51
CA GLU E 226 -45.62 -28.69 75.07
C GLU E 226 -46.67 -28.80 73.96
N ASP E 227 -46.37 -29.65 72.97
CA ASP E 227 -47.26 -29.92 71.84
C ASP E 227 -47.59 -28.66 71.06
N LEU E 228 -46.75 -28.34 70.06
CA LEU E 228 -46.92 -27.19 69.17
C LEU E 228 -46.75 -25.87 69.92
N PHE E 229 -45.76 -25.09 69.51
CA PHE E 229 -45.50 -23.79 70.14
C PHE E 229 -46.66 -22.85 69.86
N THR E 230 -47.43 -22.52 70.89
CA THR E 230 -48.57 -21.63 70.73
C THR E 230 -48.15 -20.17 70.56
N LYS E 231 -46.93 -19.82 70.94
CA LYS E 231 -46.43 -18.46 70.81
C LYS E 231 -45.67 -18.26 69.51
N ALA E 232 -46.30 -18.65 68.40
CA ALA E 232 -45.66 -18.50 67.09
C ALA E 232 -45.68 -17.06 66.60
N SER E 233 -46.71 -16.29 66.97
CA SER E 233 -46.79 -14.90 66.54
C SER E 233 -45.84 -14.00 67.32
N ALA E 234 -45.56 -14.34 68.57
CA ALA E 234 -44.65 -13.54 69.40
C ALA E 234 -43.18 -13.88 69.16
N PHE E 235 -42.89 -15.13 68.78
CA PHE E 235 -41.50 -15.51 68.53
C PHE E 235 -40.97 -14.94 67.22
N TYR E 236 -41.83 -14.79 66.22
CA TYR E 236 -41.39 -14.25 64.94
C TYR E 236 -41.13 -12.75 64.99
N GLU E 237 -41.75 -12.04 65.94
CA GLU E 237 -41.56 -10.60 66.07
C GLU E 237 -40.33 -10.24 66.87
N GLU E 238 -39.84 -11.13 67.73
CA GLU E 238 -38.65 -10.85 68.53
C GLU E 238 -37.39 -11.13 67.72
N GLU E 239 -36.45 -10.18 67.75
CA GLU E 239 -35.20 -10.32 67.01
C GLU E 239 -34.30 -11.32 67.73
N ALA E 240 -34.17 -12.52 67.17
CA ALA E 240 -33.34 -13.58 67.75
C ALA E 240 -32.43 -14.21 66.71
N PHE E 241 -31.98 -13.41 65.74
CA PHE E 241 -31.09 -13.89 64.69
C PHE E 241 -30.03 -12.84 64.40
N LEU E 242 -28.90 -13.31 63.87
CA LEU E 242 -27.77 -12.45 63.54
C LEU E 242 -27.28 -12.80 62.15
N LEU E 243 -27.03 -11.78 61.34
CA LEU E 243 -26.55 -11.95 59.97
C LEU E 243 -25.12 -11.42 59.91
N ALA E 244 -24.16 -12.33 59.79
CA ALA E 244 -22.75 -11.99 59.73
C ALA E 244 -22.22 -12.17 58.31
N SER E 245 -21.30 -11.29 57.91
CA SER E 245 -20.72 -11.35 56.58
C SER E 245 -19.38 -10.64 56.61
N PHE E 246 -18.45 -11.13 55.79
CA PHE E 246 -17.12 -10.56 55.69
C PHE E 246 -16.87 -10.05 54.28
N ASP E 247 -15.78 -9.29 54.11
CA ASP E 247 -15.42 -8.72 52.82
C ASP E 247 -13.89 -8.72 52.73
N LEU E 248 -13.34 -9.78 52.16
CA LEU E 248 -11.91 -9.92 52.02
C LEU E 248 -11.42 -9.03 50.87
N SER E 249 -10.56 -8.07 51.19
CA SER E 249 -10.01 -7.15 50.20
C SER E 249 -8.57 -7.50 49.91
N GLY E 250 -8.15 -7.23 48.67
CA GLY E 250 -6.80 -7.53 48.24
C GLY E 250 -6.70 -8.79 47.41
N ILE E 251 -7.53 -8.90 46.38
CA ILE E 251 -7.54 -10.06 45.51
C ILE E 251 -7.02 -9.71 44.12
N GLN E 252 -7.55 -8.66 43.50
CA GLN E 252 -7.12 -8.24 42.18
C GLN E 252 -5.82 -7.44 42.19
N ASP E 253 -5.27 -7.15 43.37
CA ASP E 253 -4.03 -6.40 43.49
C ASP E 253 -2.84 -7.23 43.94
N PHE E 254 -3.04 -8.16 44.87
CA PHE E 254 -1.94 -9.00 45.34
C PHE E 254 -1.63 -10.11 44.34
N ILE E 255 -2.65 -10.66 43.70
CA ILE E 255 -2.43 -11.75 42.75
C ILE E 255 -1.84 -11.20 41.45
N TYR E 256 -2.40 -10.11 40.93
CA TYR E 256 -1.94 -9.51 39.67
C TYR E 256 -0.86 -8.47 39.97
N ASN E 257 0.29 -8.99 40.41
CA ASN E 257 1.43 -8.12 40.74
C ASN E 257 2.70 -8.94 40.62
N ILE E 258 3.60 -8.51 39.73
CA ILE E 258 4.86 -9.20 39.51
C ILE E 258 5.84 -8.20 38.90
N ALA E 259 7.14 -8.46 39.08
CA ALA E 259 8.18 -7.59 38.55
C ALA E 259 9.12 -8.27 37.58
N THR E 260 9.13 -9.60 37.52
CA THR E 260 10.00 -10.34 36.61
C THR E 260 9.16 -11.09 35.58
N SER E 261 9.79 -11.39 34.45
CA SER E 261 9.11 -12.11 33.37
C SER E 261 9.18 -13.62 33.52
N GLY E 262 10.18 -14.14 34.24
CA GLY E 262 10.32 -15.56 34.44
C GLY E 262 9.48 -16.15 35.54
N ALA E 263 8.69 -15.33 36.24
CA ALA E 263 7.84 -15.80 37.33
C ALA E 263 6.40 -16.03 36.87
N ALA E 264 6.21 -16.36 35.59
CA ALA E 264 4.87 -16.61 35.06
C ALA E 264 4.36 -18.02 35.37
N LYS E 265 5.23 -18.91 35.83
CA LYS E 265 4.79 -20.27 36.14
C LYS E 265 3.97 -20.33 37.42
N GLN E 266 4.30 -19.49 38.40
CA GLN E 266 3.60 -19.47 39.68
C GLN E 266 2.33 -18.61 39.65
N LEU E 267 1.82 -18.26 38.46
CA LEU E 267 0.60 -17.46 38.39
C LEU E 267 -0.61 -18.27 38.84
N LYS E 268 -0.67 -19.55 38.46
CA LYS E 268 -1.80 -20.38 38.87
C LYS E 268 -1.73 -20.70 40.37
N ALA E 269 -0.52 -20.91 40.90
CA ALA E 269 -0.37 -21.19 42.32
C ALA E 269 -0.65 -19.97 43.17
N ARG E 270 -0.42 -18.77 42.63
CA ARG E 270 -0.69 -17.55 43.39
C ARG E 270 -2.19 -17.27 43.50
N SER E 271 -2.95 -17.59 42.45
CA SER E 271 -4.39 -17.36 42.50
C SER E 271 -5.09 -18.31 43.45
N LEU E 272 -4.55 -19.52 43.62
CA LEU E 272 -5.14 -20.50 44.54
C LEU E 272 -4.76 -20.25 45.99
N TYR E 273 -3.84 -19.31 46.25
CA TYR E 273 -3.47 -19.01 47.63
C TYR E 273 -4.60 -18.30 48.37
N LEU E 274 -5.31 -17.42 47.68
CA LEU E 274 -6.43 -16.70 48.27
C LEU E 274 -7.76 -17.41 48.09
N ASP E 275 -7.82 -18.44 47.25
CA ASP E 275 -9.06 -19.18 47.06
C ASP E 275 -9.38 -20.01 48.30
N PHE E 276 -8.38 -20.72 48.84
CA PHE E 276 -8.58 -21.51 50.04
C PHE E 276 -8.62 -20.68 51.31
N MET E 277 -8.22 -19.41 51.25
CA MET E 277 -8.29 -18.55 52.43
C MET E 277 -9.74 -18.24 52.80
N SER E 278 -10.60 -18.05 51.80
CA SER E 278 -12.00 -17.79 52.08
C SER E 278 -12.71 -19.04 52.59
N GLU E 279 -12.24 -20.23 52.18
CA GLU E 279 -12.84 -21.46 52.66
C GLU E 279 -12.47 -21.74 54.11
N TYR E 280 -11.30 -21.27 54.55
CA TYR E 280 -10.88 -21.46 55.93
C TYR E 280 -11.69 -20.61 56.89
N ILE E 281 -12.25 -19.49 56.42
CA ILE E 281 -13.08 -18.65 57.28
C ILE E 281 -14.36 -19.38 57.68
N ALA E 282 -14.95 -20.10 56.74
CA ALA E 282 -16.16 -20.89 56.99
C ALA E 282 -15.87 -22.25 57.61
N ASP E 283 -14.76 -22.39 58.32
CA ASP E 283 -14.41 -23.65 58.94
C ASP E 283 -13.99 -23.44 60.39
N SER E 284 -13.06 -22.53 60.62
CA SER E 284 -12.59 -22.25 61.98
C SER E 284 -13.58 -21.41 62.76
N LEU E 285 -14.34 -20.55 62.08
CA LEU E 285 -15.31 -19.71 62.78
C LEU E 285 -16.56 -20.50 63.13
N LEU E 286 -16.94 -21.47 62.29
CA LEU E 286 -18.14 -22.26 62.56
C LEU E 286 -17.89 -23.36 63.58
N ASP E 287 -16.65 -23.82 63.71
CA ASP E 287 -16.32 -24.86 64.68
C ASP E 287 -15.98 -24.30 66.05
N LYS E 288 -15.44 -23.09 66.12
CA LYS E 288 -15.10 -22.50 67.42
C LYS E 288 -16.36 -22.04 68.15
N LEU E 289 -17.36 -21.56 67.40
CA LEU E 289 -18.61 -21.12 68.02
C LEU E 289 -19.43 -22.30 68.52
N GLY E 290 -19.38 -23.43 67.82
CA GLY E 290 -20.13 -24.61 68.20
C GLY E 290 -21.21 -24.98 67.21
N LEU E 291 -20.92 -24.81 65.92
CA LEU E 291 -21.89 -25.15 64.88
C LEU E 291 -21.25 -26.06 63.84
N ASN E 292 -21.91 -26.21 62.69
CA ASN E 292 -21.41 -27.06 61.62
C ASN E 292 -21.36 -26.29 60.31
N ARG E 293 -21.49 -27.01 59.18
CA ARG E 293 -21.46 -26.41 57.86
C ARG E 293 -22.84 -25.98 57.38
N ALA E 294 -23.78 -25.75 58.29
CA ALA E 294 -25.12 -25.33 57.91
C ALA E 294 -25.20 -23.87 57.51
N ASN E 295 -24.19 -23.08 57.86
CA ASN E 295 -24.16 -21.65 57.53
C ASN E 295 -23.46 -21.36 56.21
N LEU E 296 -23.04 -22.39 55.48
CA LEU E 296 -22.34 -22.20 54.22
C LEU E 296 -23.34 -21.73 53.16
N LEU E 297 -23.26 -20.45 52.78
CA LEU E 297 -24.14 -19.86 51.77
C LEU E 297 -23.25 -19.12 50.77
N TYR E 298 -22.84 -19.83 49.72
CA TYR E 298 -21.98 -19.28 48.67
C TYR E 298 -20.68 -18.74 49.25
N VAL E 299 -19.69 -19.62 49.45
CA VAL E 299 -18.39 -19.25 49.99
C VAL E 299 -17.37 -19.33 48.87
N GLY E 300 -16.69 -18.23 48.60
CA GLY E 300 -15.69 -18.19 47.56
C GLY E 300 -15.48 -16.80 46.99
N GLY E 301 -14.23 -16.33 47.01
CA GLY E 301 -13.90 -15.03 46.51
C GLY E 301 -14.03 -13.89 47.50
N GLY E 302 -14.12 -14.20 48.80
CA GLY E 302 -14.24 -13.16 49.80
C GLY E 302 -15.61 -12.56 49.92
N HIS E 303 -16.66 -13.26 49.50
CA HIS E 303 -18.03 -12.76 49.57
C HIS E 303 -18.93 -13.91 50.01
N ALA E 304 -19.40 -13.86 51.25
CA ALA E 304 -20.26 -14.91 51.79
C ALA E 304 -21.09 -14.32 52.92
N TYR E 305 -22.24 -14.96 53.17
CA TYR E 305 -23.15 -14.55 54.22
C TYR E 305 -23.32 -15.69 55.23
N PHE E 306 -23.45 -15.34 56.50
CA PHE E 306 -23.59 -16.31 57.57
C PHE E 306 -24.71 -15.86 58.51
N VAL E 307 -25.64 -16.76 58.79
CA VAL E 307 -26.75 -16.48 59.70
C VAL E 307 -26.45 -17.10 61.06
N LEU E 308 -26.76 -16.36 62.12
CA LEU E 308 -26.49 -16.83 63.47
C LEU E 308 -27.70 -16.58 64.37
N ALA E 309 -27.45 -16.15 65.61
CA ALA E 309 -28.51 -15.87 66.56
C ALA E 309 -28.16 -14.60 67.33
N ASN E 310 -29.19 -13.82 67.65
CA ASN E 310 -29.02 -12.56 68.39
C ASN E 310 -28.98 -12.88 69.88
N THR E 311 -27.83 -13.39 70.32
CA THR E 311 -27.59 -13.75 71.70
C THR E 311 -26.53 -12.83 72.30
N GLU E 312 -25.84 -13.31 73.34
CA GLU E 312 -24.78 -12.56 73.99
C GLU E 312 -23.44 -13.25 73.98
N LYS E 313 -23.40 -14.58 73.87
CA LYS E 313 -22.15 -15.31 73.83
C LYS E 313 -21.56 -15.38 72.41
N THR E 314 -22.42 -15.55 71.41
CA THR E 314 -21.95 -15.62 70.03
C THR E 314 -21.44 -14.28 69.51
N VAL E 315 -21.82 -13.18 70.15
CA VAL E 315 -21.36 -11.87 69.71
C VAL E 315 -19.87 -11.69 70.03
N GLU E 316 -19.45 -12.14 71.21
CA GLU E 316 -18.05 -12.02 71.63
C GLU E 316 -17.14 -12.98 70.87
N THR E 317 -17.69 -13.96 70.16
CA THR E 317 -16.84 -14.89 69.42
C THR E 317 -16.27 -14.24 68.16
N LEU E 318 -17.10 -13.53 67.40
CA LEU E 318 -16.62 -12.87 66.19
C LEU E 318 -15.73 -11.67 66.50
N VAL E 319 -15.88 -11.05 67.67
CA VAL E 319 -15.03 -9.92 68.03
C VAL E 319 -13.63 -10.39 68.35
N GLN E 320 -13.50 -11.51 69.07
CA GLN E 320 -12.19 -12.03 69.40
C GLN E 320 -11.53 -12.72 68.21
N PHE E 321 -12.33 -13.28 67.29
CA PHE E 321 -11.76 -13.99 66.15
C PHE E 321 -11.13 -13.00 65.16
N GLU E 322 -11.77 -11.85 64.93
CA GLU E 322 -11.23 -10.87 64.00
C GLU E 322 -9.99 -10.19 64.53
N LYS E 323 -9.76 -10.20 65.84
CA LYS E 323 -8.56 -9.61 66.42
C LYS E 323 -7.36 -10.53 66.33
N ASP E 324 -7.57 -11.84 66.23
CA ASP E 324 -6.48 -12.80 66.11
C ASP E 324 -6.26 -13.27 64.68
N PHE E 325 -7.25 -13.16 63.80
CA PHE E 325 -7.07 -13.58 62.42
C PHE E 325 -6.19 -12.61 61.65
N ASN E 326 -6.15 -11.35 62.07
CA ASN E 326 -5.32 -10.34 61.43
C ASN E 326 -4.00 -10.11 62.15
N GLN E 327 -3.72 -10.88 63.21
CA GLN E 327 -2.47 -10.70 63.94
C GLN E 327 -1.29 -11.32 63.19
N PHE E 328 -1.44 -12.56 62.74
CA PHE E 328 -0.37 -13.23 62.01
C PHE E 328 -0.25 -12.76 60.57
N LEU E 329 -1.23 -12.00 60.07
CA LEU E 329 -1.18 -11.47 58.71
C LEU E 329 -0.49 -10.11 58.63
N LEU E 330 0.21 -9.70 59.69
CA LEU E 330 0.91 -8.42 59.72
C LEU E 330 2.42 -8.57 59.57
N ALA E 331 3.00 -9.61 60.16
CA ALA E 331 4.45 -9.80 60.07
C ALA E 331 4.85 -10.40 58.72
N ASN E 332 4.10 -11.37 58.22
CA ASN E 332 4.44 -11.98 56.94
C ASN E 332 4.05 -11.10 55.77
N PHE E 333 2.88 -10.46 55.83
CA PHE E 333 2.41 -9.57 54.78
C PHE E 333 2.64 -8.12 55.22
N GLN E 334 1.90 -7.19 54.62
CA GLN E 334 2.02 -5.78 54.95
C GLN E 334 0.68 -5.19 55.35
N THR E 335 -0.10 -4.75 54.35
CA THR E 335 -1.42 -4.19 54.65
C THR E 335 -2.44 -4.44 53.55
N ARG E 336 -2.11 -5.22 52.51
CA ARG E 336 -3.05 -5.48 51.42
C ARG E 336 -4.02 -6.60 51.74
N LEU E 337 -3.83 -7.32 52.84
CA LEU E 337 -4.71 -8.41 53.24
C LEU E 337 -5.43 -8.02 54.52
N TYR E 338 -6.77 -7.95 54.44
CA TYR E 338 -7.58 -7.59 55.59
C TYR E 338 -8.98 -8.13 55.39
N VAL E 339 -9.59 -8.60 56.48
CA VAL E 339 -10.95 -9.13 56.46
C VAL E 339 -11.79 -8.29 57.43
N ALA E 340 -12.85 -7.68 56.90
CA ALA E 340 -13.73 -6.83 57.68
C ALA E 340 -15.07 -7.54 57.87
N PHE E 341 -15.41 -7.86 59.11
CA PHE E 341 -16.66 -8.52 59.42
C PHE E 341 -17.82 -7.52 59.39
N GLY E 342 -19.03 -8.05 59.40
CA GLY E 342 -20.23 -7.22 59.38
C GLY E 342 -21.45 -7.92 59.93
N TRP E 343 -21.80 -7.62 61.17
CA TRP E 343 -22.96 -8.22 61.81
C TRP E 343 -24.20 -7.34 61.63
N GLY E 344 -25.36 -7.97 61.72
CA GLY E 344 -26.62 -7.28 61.58
C GLY E 344 -27.81 -8.08 62.05
N SER E 345 -28.36 -7.70 63.21
CA SER E 345 -29.50 -8.41 63.76
C SER E 345 -30.77 -8.08 62.99
N PHE E 346 -31.70 -9.04 62.97
CA PHE E 346 -32.96 -8.86 62.27
C PHE E 346 -34.01 -9.76 62.94
N ALA E 347 -35.23 -9.69 62.43
CA ALA E 347 -36.35 -10.47 62.95
C ALA E 347 -36.83 -11.46 61.90
N ALA E 348 -37.54 -12.48 62.36
CA ALA E 348 -38.07 -13.50 61.47
C ALA E 348 -39.35 -13.08 60.76
N LYS E 349 -39.97 -11.98 61.18
CA LYS E 349 -41.19 -11.49 60.56
C LYS E 349 -40.95 -10.67 59.31
N ASP E 350 -39.69 -10.43 58.94
CA ASP E 350 -39.38 -9.65 57.76
C ASP E 350 -39.44 -10.45 56.46
N ILE E 351 -39.53 -11.78 56.55
CA ILE E 351 -39.57 -12.64 55.37
C ILE E 351 -40.84 -13.48 55.33
N MET E 352 -41.79 -13.22 56.23
CA MET E 352 -43.04 -13.98 56.27
C MET E 352 -44.10 -13.13 56.94
N SER E 353 -45.31 -13.68 57.04
CA SER E 353 -46.46 -13.04 57.68
C SER E 353 -46.75 -11.73 56.97
N GLU E 354 -46.72 -10.59 57.64
CA GLU E 354 -47.03 -9.31 56.99
C GLU E 354 -45.80 -8.73 56.30
N LEU E 355 -45.78 -7.41 56.14
CA LEU E 355 -44.68 -6.70 55.49
C LEU E 355 -44.46 -7.18 54.06
N ASN E 356 -45.27 -6.69 53.13
CA ASN E 356 -45.16 -7.07 51.72
C ASN E 356 -44.25 -6.13 50.93
N SER E 357 -43.84 -5.01 51.52
CA SER E 357 -42.98 -4.08 50.81
C SER E 357 -41.55 -4.59 50.74
N PRO E 358 -40.84 -4.32 49.64
CA PRO E 358 -39.44 -4.78 49.54
C PRO E 358 -38.50 -4.12 50.54
N GLU E 359 -38.92 -3.05 51.22
CA GLU E 359 -38.05 -2.41 52.19
C GLU E 359 -37.81 -3.30 53.41
N SER E 360 -38.80 -4.11 53.79
CA SER E 360 -38.63 -4.98 54.94
C SER E 360 -37.61 -6.08 54.68
N TYR E 361 -37.52 -6.56 53.45
CA TYR E 361 -36.55 -7.60 53.11
C TYR E 361 -35.15 -7.03 52.89
N ARG E 362 -35.06 -5.82 52.32
CA ARG E 362 -33.77 -5.20 52.08
C ARG E 362 -33.17 -4.57 53.33
N GLN E 363 -33.96 -4.40 54.39
CA GLN E 363 -33.43 -3.80 55.62
C GLN E 363 -32.45 -4.74 56.32
N ILE E 364 -32.58 -6.05 56.10
CA ILE E 364 -31.68 -7.00 56.73
C ILE E 364 -30.26 -6.84 56.21
N TYR E 365 -30.11 -6.71 54.89
CA TYR E 365 -28.79 -6.56 54.28
C TYR E 365 -28.18 -5.18 54.51
N GLN E 366 -29.01 -4.15 54.69
CA GLN E 366 -28.48 -2.82 54.91
C GLN E 366 -27.87 -2.66 56.29
N LYS E 367 -28.31 -3.48 57.26
CA LYS E 367 -27.76 -3.40 58.61
C LYS E 367 -26.38 -4.03 58.70
N ALA E 368 -25.97 -4.80 57.69
CA ALA E 368 -24.66 -5.43 57.69
C ALA E 368 -23.79 -4.98 56.51
N SER E 369 -24.18 -3.90 55.82
CA SER E 369 -23.43 -3.39 54.69
C SER E 369 -22.90 -1.98 54.89
N ARG E 370 -23.52 -1.18 55.77
CA ARG E 370 -23.05 0.18 55.99
C ARG E 370 -21.73 0.18 56.77
N MET E 371 -21.52 -0.78 57.65
CA MET E 371 -20.29 -0.86 58.43
C MET E 371 -19.12 -1.41 57.61
N ILE E 372 -19.40 -2.14 56.53
CA ILE E 372 -18.34 -2.69 55.69
C ILE E 372 -17.56 -1.57 55.03
N SER E 373 -18.27 -0.56 54.50
CA SER E 373 -17.61 0.57 53.87
C SER E 373 -16.90 1.46 54.87
N GLU E 374 -17.21 1.32 56.16
CA GLU E 374 -16.58 2.13 57.19
C GLU E 374 -15.39 1.43 57.84
N LYS E 375 -15.47 0.11 57.99
CA LYS E 375 -14.37 -0.63 58.64
C LYS E 375 -13.17 -0.79 57.70
N LYS E 376 -13.40 -0.82 56.39
CA LYS E 376 -12.30 -0.98 55.45
C LYS E 376 -11.42 0.27 55.41
N ILE E 377 -12.00 1.44 55.70
CA ILE E 377 -11.25 2.68 55.72
C ILE E 377 -10.88 3.02 57.16
N SER E 378 -10.87 2.02 58.02
CA SER E 378 -10.48 2.17 59.42
C SER E 378 -10.01 0.81 59.95
N ARG E 379 -8.95 0.29 59.33
CA ARG E 379 -8.44 -1.03 59.67
C ARG E 379 -7.66 -1.00 60.98
N TYR E 380 -6.37 -0.72 60.90
CA TYR E 380 -5.52 -0.74 62.07
C TYR E 380 -5.83 0.45 62.98
N ASP E 381 -5.37 0.35 64.23
CA ASP E 381 -5.59 1.40 65.21
C ASP E 381 -4.29 1.75 65.95
N TYR E 382 -4.40 2.10 67.22
CA TYR E 382 -3.23 2.45 68.01
C TYR E 382 -2.38 1.21 68.29
N ARG E 383 -1.10 1.45 68.55
CA ARG E 383 -0.14 0.41 68.93
C ARG E 383 0.10 -0.60 67.79
N THR E 384 -0.98 -1.17 67.25
CA THR E 384 -0.84 -2.15 66.18
C THR E 384 -0.23 -1.52 64.93
N LEU E 385 -0.57 -0.26 64.65
CA LEU E 385 -0.03 0.41 63.48
C LEU E 385 1.47 0.68 63.64
N MET E 386 1.95 0.80 64.87
CA MET E 386 3.37 1.08 65.12
C MET E 386 4.26 -0.12 64.81
N LEU E 387 3.69 -1.29 64.53
CA LEU E 387 4.51 -2.45 64.21
C LEU E 387 5.16 -2.32 62.85
N LEU E 388 4.45 -1.72 61.88
CA LEU E 388 5.00 -1.54 60.55
C LEU E 388 6.01 -0.39 60.49
N ASN E 389 5.80 0.65 61.28
CA ASN E 389 6.68 1.81 61.31
C ASN E 389 7.74 1.70 62.40
N ARG E 390 8.32 0.50 62.59
CA ARG E 390 9.33 0.32 63.63
C ARG E 390 10.70 0.77 63.12
N GLY E 391 11.26 0.05 62.15
CA GLY E 391 12.55 0.39 61.60
C GLY E 391 13.69 -0.41 62.21
N GLY E 392 14.06 -1.51 61.55
CA GLY E 392 15.14 -2.34 62.04
C GLY E 392 15.83 -3.14 60.95
N LYS E 393 15.17 -3.26 59.79
CA LYS E 393 15.74 -4.00 58.68
C LYS E 393 16.80 -3.16 57.97
N SER E 394 17.93 -3.81 57.65
CA SER E 394 19.05 -3.17 56.97
C SER E 394 19.46 -3.97 55.75
N SER E 395 18.48 -4.51 55.02
CA SER E 395 18.76 -5.29 53.83
C SER E 395 18.90 -4.39 52.60
N GLU E 396 19.52 -4.93 51.56
CA GLU E 396 19.74 -4.21 50.33
C GLU E 396 19.33 -4.97 49.08
N ARG E 397 19.08 -6.28 49.17
CA ARG E 397 18.69 -7.09 48.03
C ARG E 397 17.25 -7.55 48.22
N GLU E 398 16.36 -7.05 47.36
CA GLU E 398 14.95 -7.41 47.43
C GLU E 398 14.69 -8.69 46.64
N CYS E 399 13.42 -9.10 46.60
CA CYS E 399 13.04 -10.32 45.90
C CYS E 399 12.55 -10.06 44.48
N GLU E 400 12.08 -8.84 44.19
CA GLU E 400 11.57 -8.48 42.87
C GLU E 400 10.43 -9.38 42.43
N ILE E 401 9.63 -9.85 43.40
CA ILE E 401 8.51 -10.74 43.11
C ILE E 401 7.25 -10.19 43.79
N CYS E 402 7.31 -10.07 45.11
CA CYS E 402 6.19 -9.56 45.90
C CYS E 402 6.54 -8.28 46.65
N HIS E 403 7.73 -7.71 46.41
CA HIS E 403 8.18 -6.49 47.06
C HIS E 403 8.16 -6.62 48.59
N SER E 404 8.87 -7.64 49.06
CA SER E 404 8.95 -7.91 50.49
C SER E 404 10.25 -8.66 50.77
N VAL E 405 10.96 -8.23 51.82
CA VAL E 405 12.22 -8.82 52.22
C VAL E 405 11.97 -9.55 53.54
N GLU E 406 11.87 -10.89 53.47
CA GLU E 406 11.63 -11.69 54.65
C GLU E 406 12.09 -13.11 54.36
N ASN E 407 13.13 -13.57 55.06
CA ASN E 407 13.71 -14.90 54.90
C ASN E 407 14.14 -15.12 53.44
N LEU E 408 15.22 -14.45 53.08
CA LEU E 408 15.75 -14.53 51.73
C LEU E 408 16.49 -15.84 51.51
N VAL E 409 16.24 -16.47 50.37
CA VAL E 409 16.90 -17.72 50.01
C VAL E 409 17.03 -17.77 48.50
N SER E 410 18.12 -18.38 48.02
CA SER E 410 18.41 -18.49 46.61
C SER E 410 17.99 -19.87 46.11
N TYR E 411 17.08 -19.89 45.14
CA TYR E 411 16.59 -21.13 44.55
C TYR E 411 16.73 -21.14 43.03
N HIS E 412 16.33 -20.07 42.36
CA HIS E 412 16.48 -19.97 40.92
C HIS E 412 17.73 -19.19 40.56
N ASP E 413 17.69 -17.86 40.74
CA ASP E 413 18.83 -17.02 40.44
C ASP E 413 18.83 -15.77 41.30
N GLN E 414 17.65 -15.27 41.65
CA GLN E 414 17.50 -14.12 42.52
C GLN E 414 17.43 -14.60 43.97
N LYS E 415 16.83 -13.79 44.85
CA LYS E 415 16.67 -14.12 46.26
C LYS E 415 15.19 -14.23 46.57
N VAL E 416 14.70 -15.46 46.69
CA VAL E 416 13.30 -15.71 46.99
C VAL E 416 13.06 -15.48 48.48
N CYS E 417 12.00 -14.73 48.80
CA CYS E 417 11.68 -14.43 50.18
C CYS E 417 10.92 -15.59 50.83
N ASP E 418 9.87 -15.27 51.58
CA ASP E 418 9.07 -16.28 52.27
C ASP E 418 7.64 -16.37 51.76
N ILE E 419 7.06 -15.28 51.27
CA ILE E 419 5.69 -15.31 50.77
C ILE E 419 5.62 -16.11 49.46
N CYS E 420 6.52 -15.82 48.53
CA CYS E 420 6.57 -16.49 47.25
C CYS E 420 7.46 -17.73 47.26
N ARG E 421 7.85 -18.21 48.44
CA ARG E 421 8.70 -19.39 48.52
C ARG E 421 7.92 -20.66 48.22
N GLY E 422 6.75 -20.82 48.84
CA GLY E 422 5.94 -22.00 48.62
C GLY E 422 5.12 -21.99 47.35
N LEU E 423 5.11 -20.88 46.61
CA LEU E 423 4.33 -20.82 45.38
C LEU E 423 4.98 -21.64 44.27
N TYR E 424 6.31 -21.76 44.27
CA TYR E 424 6.97 -22.56 43.24
C TYR E 424 6.76 -24.05 43.48
N GLN E 425 6.77 -24.48 44.74
CA GLN E 425 6.52 -25.89 45.04
C GLN E 425 5.05 -26.26 44.85
N PHE E 426 4.14 -25.33 45.14
CA PHE E 426 2.72 -25.59 44.98
C PHE E 426 2.29 -25.60 43.52
N SER E 427 3.11 -25.04 42.62
CA SER E 427 2.75 -25.04 41.19
C SER E 427 2.70 -26.46 40.63
N LYS E 428 3.65 -27.31 41.03
CA LYS E 428 3.68 -28.70 40.61
C LYS E 428 2.91 -29.61 41.57
N GLU E 429 2.01 -29.04 42.38
CA GLU E 429 1.24 -29.80 43.35
C GLU E 429 -0.26 -29.68 43.16
N ILE E 430 -0.72 -28.78 42.30
CA ILE E 430 -2.16 -28.62 42.08
C ILE E 430 -2.75 -29.86 41.41
N ALA E 431 -1.94 -30.61 40.67
CA ALA E 431 -2.42 -31.80 39.97
C ALA E 431 -2.93 -32.86 40.93
N HIS E 432 -2.50 -32.81 42.20
CA HIS E 432 -2.99 -33.77 43.18
C HIS E 432 -4.46 -33.49 43.50
N ASP E 433 -5.29 -34.53 43.43
CA ASP E 433 -6.72 -34.36 43.67
C ASP E 433 -7.01 -34.15 45.15
N HIS E 434 -6.39 -34.95 46.03
CA HIS E 434 -6.63 -34.85 47.46
C HIS E 434 -5.64 -33.90 48.10
N PHE E 435 -6.09 -33.24 49.17
CA PHE E 435 -5.27 -32.28 49.90
C PHE E 435 -5.29 -32.63 51.38
N ILE E 436 -4.22 -32.26 52.08
CA ILE E 436 -4.08 -32.52 53.51
C ILE E 436 -3.77 -31.19 54.20
N ILE E 437 -4.60 -30.82 55.17
CA ILE E 437 -4.41 -29.59 55.93
C ILE E 437 -3.51 -29.91 57.13
N THR E 438 -2.27 -29.42 57.07
CA THR E 438 -1.32 -29.67 58.15
C THR E 438 -1.32 -28.52 59.15
N GLU E 439 -0.21 -28.33 59.86
CA GLU E 439 -0.07 -27.27 60.84
C GLU E 439 1.07 -26.31 60.51
N ASN E 440 2.27 -26.83 60.27
CA ASN E 440 3.43 -26.02 59.95
C ASN E 440 4.19 -26.62 58.77
N GLU E 441 3.46 -27.04 57.74
CA GLU E 441 4.09 -27.63 56.55
C GLU E 441 3.19 -27.33 55.36
N GLY E 442 3.59 -26.36 54.55
CA GLY E 442 2.85 -25.95 53.38
C GLY E 442 2.64 -24.44 53.39
N LEU E 443 1.68 -24.01 52.58
CA LEU E 443 1.36 -22.58 52.49
C LEU E 443 0.57 -22.16 53.72
N PRO E 444 1.04 -21.20 54.50
CA PRO E 444 0.30 -20.77 55.70
C PRO E 444 -0.95 -20.00 55.31
N ILE E 445 -2.11 -20.54 55.67
CA ILE E 445 -3.39 -19.92 55.38
C ILE E 445 -4.15 -19.49 56.62
N GLY E 446 -3.78 -19.99 57.80
CA GLY E 446 -4.44 -19.63 59.03
C GLY E 446 -3.47 -19.38 60.16
N PRO E 447 -3.97 -19.40 61.40
CA PRO E 447 -3.09 -19.18 62.56
C PRO E 447 -2.05 -20.28 62.71
N ASN E 448 -2.50 -21.53 62.84
CA ASN E 448 -1.61 -22.67 62.97
C ASN E 448 -2.11 -23.80 62.08
N ALA E 449 -2.22 -23.51 60.78
CA ALA E 449 -2.69 -24.49 59.81
C ALA E 449 -2.14 -24.14 58.44
N CYS E 450 -1.81 -25.17 57.67
CA CYS E 450 -1.28 -24.97 56.31
C CYS E 450 -2.12 -25.71 55.29
N LEU E 451 -1.58 -25.92 54.10
CA LEU E 451 -2.29 -26.62 53.04
C LEU E 451 -1.28 -27.19 52.07
N LYS E 452 -1.46 -28.47 51.70
CA LYS E 452 -0.56 -29.13 50.76
C LYS E 452 -1.30 -30.31 50.14
N GLY E 453 -0.80 -30.75 48.98
CA GLY E 453 -1.39 -31.87 48.28
C GLY E 453 -0.84 -33.20 48.74
N VAL E 454 -1.41 -34.26 48.18
CA VAL E 454 -1.01 -35.62 48.53
C VAL E 454 -1.36 -36.53 47.34
N ALA E 455 -0.54 -37.55 47.12
CA ALA E 455 -0.75 -38.50 46.04
C ALA E 455 -1.56 -39.71 46.50
N PHE E 456 -2.71 -39.43 47.12
CA PHE E 456 -3.62 -40.47 47.63
C PHE E 456 -2.89 -41.38 48.62
N GLU E 457 -2.41 -40.76 49.70
CA GLU E 457 -1.71 -41.48 50.76
C GLU E 457 -1.72 -40.68 52.05
N LYS E 458 -2.84 -40.77 52.79
CA LYS E 458 -2.98 -40.02 54.05
C LYS E 458 -2.11 -40.66 55.13
N LEU E 459 -1.05 -39.97 55.52
CA LEU E 459 -0.14 -40.45 56.56
C LEU E 459 -0.16 -39.57 57.80
N SER E 460 -0.97 -38.51 57.82
CA SER E 460 -1.04 -37.63 58.98
C SER E 460 -2.48 -37.18 59.23
N GLN E 461 -2.91 -36.13 58.51
CA GLN E 461 -4.26 -35.58 58.63
C GLN E 461 -4.54 -35.15 60.07
N GLU E 462 -4.15 -33.94 60.44
CA GLU E 462 -4.36 -33.41 61.78
C GLU E 462 -5.63 -32.56 61.88
N SER E 463 -5.85 -31.66 60.92
CA SER E 463 -7.03 -30.81 60.94
C SER E 463 -8.14 -31.40 60.06
N PHE E 464 -8.45 -30.73 58.95
CA PHE E 464 -9.48 -31.19 58.05
C PHE E 464 -8.90 -31.50 56.67
N SER E 465 -9.75 -31.51 55.64
CA SER E 465 -9.32 -31.79 54.29
C SER E 465 -10.33 -31.21 53.32
N ARG E 466 -9.84 -30.58 52.25
CA ARG E 466 -10.68 -30.00 51.22
C ARG E 466 -10.22 -30.48 49.86
N VAL E 467 -11.14 -31.09 49.11
CA VAL E 467 -10.84 -31.60 47.78
C VAL E 467 -11.70 -30.90 46.74
N TYR E 468 -11.81 -31.48 45.56
CA TYR E 468 -12.61 -30.91 44.48
C TYR E 468 -13.14 -32.04 43.61
N VAL E 469 -13.93 -31.66 42.60
CA VAL E 469 -14.63 -32.56 41.67
C VAL E 469 -15.13 -33.82 42.36
N LYS E 470 -15.63 -33.69 43.58
CA LYS E 470 -16.16 -34.81 44.36
C LYS E 470 -17.68 -34.77 44.25
N ASN E 471 -18.22 -35.50 43.28
CA ASN E 471 -19.66 -35.55 43.07
C ASN E 471 -20.12 -36.97 42.82
N ASP E 472 -19.85 -37.49 41.63
CA ASP E 472 -20.26 -38.84 41.25
C ASP E 472 -19.04 -39.76 41.18
N TYR E 473 -19.28 -41.04 41.47
CA TYR E 473 -18.23 -42.07 41.46
C TYR E 473 -17.09 -41.71 42.41
N LYS E 474 -17.45 -41.14 43.56
CA LYS E 474 -16.45 -40.75 44.57
C LYS E 474 -17.19 -40.58 45.89
N ALA E 475 -17.34 -41.69 46.63
CA ALA E 475 -18.03 -41.65 47.91
C ALA E 475 -17.55 -42.75 48.85
N GLY E 476 -16.26 -43.08 48.79
CA GLY E 476 -15.71 -44.11 49.65
C GLY E 476 -15.28 -43.59 51.01
N THR E 477 -14.04 -43.86 51.39
CA THR E 477 -13.52 -43.41 52.68
C THR E 477 -12.53 -42.26 52.48
N ILE E 478 -13.02 -41.20 51.84
CA ILE E 478 -12.21 -40.02 51.58
C ILE E 478 -12.26 -39.03 52.73
N LYS E 479 -13.47 -38.70 53.19
CA LYS E 479 -13.67 -37.77 54.29
C LYS E 479 -13.02 -36.42 53.99
N ALA E 480 -13.66 -35.61 53.15
CA ALA E 480 -13.13 -34.30 52.80
C ALA E 480 -14.26 -33.46 52.22
N THR E 481 -14.38 -32.22 52.69
CA THR E 481 -15.40 -31.31 52.20
C THR E 481 -14.92 -30.67 50.90
N HIS E 482 -15.53 -31.06 49.78
CA HIS E 482 -15.13 -30.54 48.48
C HIS E 482 -15.59 -29.10 48.31
N VAL E 483 -14.83 -28.35 47.51
CA VAL E 483 -15.14 -26.95 47.24
C VAL E 483 -15.48 -26.79 45.76
N PHE E 484 -15.59 -25.56 45.30
CA PHE E 484 -15.91 -25.24 43.90
C PHE E 484 -14.80 -24.36 43.35
N VAL E 485 -13.87 -24.98 42.62
CA VAL E 485 -12.74 -24.25 42.04
C VAL E 485 -12.24 -25.05 40.84
N GLY E 486 -11.71 -24.35 39.85
CA GLY E 486 -11.19 -25.01 38.67
C GLY E 486 -9.89 -25.74 38.93
N ASP E 487 -9.53 -26.60 37.98
CA ASP E 487 -8.32 -27.39 38.09
C ASP E 487 -7.79 -27.76 36.71
N TYR E 488 -8.61 -27.57 35.68
CA TYR E 488 -8.22 -27.91 34.31
C TYR E 488 -7.15 -26.93 33.84
N GLN E 489 -5.93 -27.44 33.63
CA GLN E 489 -4.81 -26.63 33.17
C GLN E 489 -4.20 -27.29 31.94
N CYS E 490 -3.26 -26.56 31.31
CA CYS E 490 -2.58 -27.05 30.13
C CYS E 490 -1.12 -27.24 30.47
N ASP E 491 -0.21 -26.41 29.96
CA ASP E 491 1.22 -26.55 30.26
C ASP E 491 1.82 -25.15 30.30
N GLU E 492 2.30 -24.75 31.49
CA GLU E 492 2.94 -23.46 31.69
C GLU E 492 2.01 -22.30 31.32
N ILE E 493 2.58 -21.10 31.25
CA ILE E 493 1.80 -19.90 30.92
C ILE E 493 2.49 -19.14 29.78
N HIS E 494 3.81 -19.04 29.85
CA HIS E 494 4.59 -18.30 28.87
C HIS E 494 4.93 -19.12 27.63
N LYS E 495 3.99 -19.89 27.11
CA LYS E 495 4.25 -20.67 25.91
C LYS E 495 3.02 -20.86 25.02
N TYR E 496 1.89 -20.20 25.31
CA TYR E 496 0.71 -20.35 24.47
C TYR E 496 0.85 -19.64 23.13
N ALA E 497 1.75 -18.66 23.03
CA ALA E 497 1.95 -17.94 21.77
C ALA E 497 2.69 -18.76 20.73
N ALA E 498 3.44 -19.79 21.15
CA ALA E 498 4.18 -20.62 20.22
C ALA E 498 3.39 -21.83 19.75
N LEU E 499 2.46 -22.32 20.56
CA LEU E 499 1.64 -23.47 20.21
C LEU E 499 0.35 -23.08 19.50
N SER E 500 0.22 -21.82 19.08
CA SER E 500 -0.97 -21.34 18.38
C SER E 500 -0.84 -21.46 16.86
N LYS E 501 -0.11 -22.45 16.37
CA LYS E 501 0.09 -22.65 14.95
C LYS E 501 -0.18 -24.12 14.61
N ASN E 502 -0.96 -24.34 13.56
CA ASN E 502 -1.29 -25.70 13.13
C ASN E 502 -0.17 -26.28 12.28
N GLU E 503 -0.46 -26.54 11.01
CA GLU E 503 0.52 -27.10 10.08
C GLU E 503 0.72 -26.28 8.83
N ASP E 504 -0.36 -25.73 8.27
CA ASP E 504 -0.24 -24.93 7.05
C ASP E 504 0.45 -23.60 7.33
N GLY E 505 0.20 -23.00 8.49
CA GLY E 505 0.82 -21.74 8.83
C GLY E 505 -0.17 -20.60 8.99
N LEU E 506 -0.70 -20.44 10.20
CA LEU E 506 -1.65 -19.38 10.49
C LEU E 506 -1.41 -18.86 11.90
N GLY E 507 -1.74 -17.58 12.11
CA GLY E 507 -1.56 -16.96 13.39
C GLY E 507 -0.11 -16.60 13.68
N ILE E 508 0.07 -15.67 14.61
CA ILE E 508 1.40 -15.23 15.01
C ILE E 508 1.60 -15.49 16.49
N LYS E 509 2.71 -14.98 17.05
CA LYS E 509 3.04 -15.21 18.45
C LYS E 509 2.41 -14.13 19.33
N ARG E 510 1.09 -14.22 19.46
CA ARG E 510 0.30 -13.31 20.28
C ARG E 510 -0.61 -14.12 21.18
N LEU E 511 -1.38 -13.41 22.01
CA LEU E 511 -2.32 -14.05 22.92
C LEU E 511 -3.37 -13.03 23.34
N ALA E 512 -4.52 -13.54 23.77
CA ALA E 512 -5.64 -12.72 24.20
C ALA E 512 -5.96 -12.99 25.66
N VAL E 513 -6.38 -11.94 26.37
CA VAL E 513 -6.74 -12.03 27.77
C VAL E 513 -8.15 -11.47 27.94
N VAL E 514 -9.08 -12.32 28.36
CA VAL E 514 -10.47 -11.93 28.55
C VAL E 514 -10.83 -12.10 30.02
N ARG E 515 -11.65 -11.17 30.52
CA ARG E 515 -12.11 -11.18 31.91
C ARG E 515 -13.64 -11.13 31.88
N LEU E 516 -14.26 -12.31 31.90
CA LEU E 516 -15.72 -12.39 31.87
C LEU E 516 -16.30 -12.00 33.22
N ASP E 517 -17.27 -11.09 33.19
CA ASP E 517 -17.92 -10.61 34.41
C ASP E 517 -19.40 -10.41 34.11
N VAL E 518 -20.26 -11.25 34.70
CA VAL E 518 -21.69 -11.15 34.46
C VAL E 518 -22.24 -9.92 35.17
N ASP E 519 -23.21 -9.25 34.54
CA ASP E 519 -23.84 -8.06 35.09
C ASP E 519 -25.21 -8.43 35.66
N ASP E 520 -25.92 -7.40 36.14
CA ASP E 520 -27.24 -7.56 36.75
C ASP E 520 -27.21 -8.55 37.91
N LEU E 521 -26.13 -8.50 38.69
CA LEU E 521 -25.96 -9.38 39.83
C LEU E 521 -25.90 -8.64 41.15
N GLY E 522 -25.15 -7.53 41.21
CA GLY E 522 -25.09 -6.76 42.44
C GLY E 522 -26.33 -5.95 42.70
N ALA E 523 -27.03 -5.55 41.65
CA ALA E 523 -28.25 -4.78 41.76
C ALA E 523 -29.46 -5.63 41.41
N ALA E 524 -30.62 -5.24 41.94
CA ALA E 524 -31.88 -5.95 41.72
C ALA E 524 -31.77 -7.41 42.15
N PHE E 525 -31.10 -7.65 43.28
CA PHE E 525 -30.91 -8.99 43.79
C PHE E 525 -31.88 -9.35 44.91
N MET E 526 -32.27 -8.37 45.73
CA MET E 526 -33.20 -8.62 46.84
C MET E 526 -34.64 -8.31 46.48
N ALA E 527 -34.88 -7.35 45.60
CA ALA E 527 -36.24 -6.98 45.19
C ALA E 527 -36.50 -7.27 43.72
N GLY E 528 -35.79 -8.24 43.15
CA GLY E 528 -35.97 -8.61 41.76
C GLY E 528 -36.98 -9.70 41.50
N PHE E 529 -37.68 -10.17 42.53
CA PHE E 529 -38.67 -11.23 42.38
C PHE E 529 -40.10 -10.71 42.47
N SER E 530 -40.29 -9.40 42.61
CA SER E 530 -41.63 -8.84 42.72
C SER E 530 -42.31 -8.79 41.36
N ARG E 531 -43.51 -9.36 41.28
CA ARG E 531 -44.28 -9.37 40.04
C ARG E 531 -45.77 -9.48 40.32
N GLN E 532 -46.12 -9.89 41.54
CA GLN E 532 -47.51 -10.06 41.93
C GLN E 532 -47.68 -9.61 43.38
N GLY E 533 -48.77 -8.90 43.64
CA GLY E 533 -49.04 -8.41 44.98
C GLY E 533 -49.49 -9.47 45.95
N ASN E 534 -49.83 -10.66 45.47
CA ASN E 534 -50.27 -11.75 46.35
C ASN E 534 -49.10 -12.30 47.14
N GLY E 535 -48.15 -12.92 46.45
CA GLY E 535 -46.99 -13.47 47.12
C GLY E 535 -46.02 -12.38 47.55
N GLN E 536 -45.31 -12.63 48.65
CA GLN E 536 -44.36 -11.66 49.16
C GLN E 536 -43.04 -11.70 48.40
N TYR E 537 -42.65 -12.87 47.90
CA TYR E 537 -41.39 -13.04 47.15
C TYR E 537 -40.20 -12.56 47.96
N SER E 538 -40.22 -12.83 49.28
CA SER E 538 -39.15 -12.44 50.18
C SER E 538 -38.60 -13.62 50.96
N THR E 539 -38.83 -14.84 50.49
CA THR E 539 -38.34 -16.03 51.17
C THR E 539 -36.83 -16.13 51.01
N LEU E 540 -36.14 -16.43 52.12
CA LEU E 540 -34.69 -16.57 52.07
C LEU E 540 -34.26 -17.74 51.21
N SER E 541 -35.07 -18.80 51.16
CA SER E 541 -34.76 -19.95 50.31
C SER E 541 -34.85 -19.61 48.83
N ARG E 542 -35.65 -18.59 48.47
CA ARG E 542 -35.75 -18.20 47.07
C ARG E 542 -34.46 -17.54 46.59
N SER E 543 -33.83 -16.75 47.46
CA SER E 543 -32.57 -16.11 47.10
C SER E 543 -31.38 -17.05 47.25
N ALA E 544 -31.50 -18.11 48.06
CA ALA E 544 -30.39 -19.05 48.20
C ALA E 544 -30.22 -19.90 46.94
N THR E 545 -31.33 -20.39 46.38
CA THR E 545 -31.27 -21.17 45.15
C THR E 545 -31.02 -20.31 43.91
N PHE E 546 -31.20 -18.98 44.02
CA PHE E 546 -30.94 -18.11 42.88
C PHE E 546 -29.43 -17.92 42.65
N SER E 547 -28.68 -17.76 43.73
CA SER E 547 -27.23 -17.60 43.61
C SER E 547 -26.50 -18.94 43.49
N ARG E 548 -27.14 -20.03 43.91
CA ARG E 548 -26.49 -21.35 43.81
C ARG E 548 -26.62 -21.93 42.41
N SER E 549 -27.73 -21.67 41.72
CA SER E 549 -27.90 -22.20 40.38
C SER E 549 -26.94 -21.56 39.40
N MET E 550 -26.66 -20.26 39.57
CA MET E 550 -25.71 -19.58 38.70
C MET E 550 -24.27 -19.88 39.07
N SER E 551 -24.02 -20.23 40.33
CA SER E 551 -22.66 -20.55 40.76
C SER E 551 -22.17 -21.86 40.18
N LEU E 552 -23.07 -22.74 39.75
CA LEU E 552 -22.69 -24.02 39.17
C LEU E 552 -22.19 -23.88 37.73
N PHE E 553 -22.65 -22.86 37.01
CA PHE E 553 -22.28 -22.68 35.61
C PHE E 553 -20.94 -21.97 35.43
N PHE E 554 -20.62 -21.03 36.31
CA PHE E 554 -19.40 -20.24 36.19
C PHE E 554 -18.19 -20.91 36.83
N LYS E 555 -18.31 -22.16 37.27
CA LYS E 555 -17.19 -22.86 37.89
C LYS E 555 -17.14 -24.32 37.43
N VAL E 556 -18.18 -25.08 37.74
CA VAL E 556 -18.19 -26.51 37.41
C VAL E 556 -18.41 -26.72 35.93
N TYR E 557 -19.39 -26.02 35.35
CA TYR E 557 -19.69 -26.19 33.93
C TYR E 557 -18.63 -25.60 33.02
N ILE E 558 -17.69 -24.82 33.56
CA ILE E 558 -16.62 -24.27 32.73
C ILE E 558 -15.61 -25.36 32.36
N ASN E 559 -15.31 -26.25 33.30
CA ASN E 559 -14.38 -27.33 33.02
C ASN E 559 -14.97 -28.35 32.06
N GLN E 560 -16.31 -28.46 32.02
CA GLN E 560 -16.94 -29.38 31.09
C GLN E 560 -16.84 -28.89 29.65
N PHE E 561 -17.03 -27.59 29.44
CA PHE E 561 -16.93 -27.00 28.11
C PHE E 561 -15.50 -26.73 27.68
N ALA E 562 -14.51 -27.07 28.51
CA ALA E 562 -13.12 -26.86 28.19
C ALA E 562 -12.50 -28.03 27.43
N SER E 563 -13.31 -28.97 26.96
CA SER E 563 -12.79 -30.12 26.23
C SER E 563 -12.47 -29.74 24.80
N ASP E 564 -11.53 -30.49 24.20
CA ASP E 564 -11.10 -30.29 22.82
C ASP E 564 -10.56 -28.88 22.59
N LYS E 565 -9.94 -28.29 23.60
CA LYS E 565 -9.38 -26.95 23.49
C LYS E 565 -8.32 -26.78 24.58
N LYS E 566 -7.26 -26.05 24.25
CA LYS E 566 -6.16 -25.80 25.17
C LYS E 566 -6.39 -24.44 25.85
N LEU E 567 -6.72 -24.48 27.14
CA LEU E 567 -6.95 -23.27 27.91
C LEU E 567 -6.42 -23.49 29.32
N SER E 568 -6.54 -22.45 30.16
CA SER E 568 -6.08 -22.53 31.54
C SER E 568 -6.89 -21.50 32.34
N ILE E 569 -7.90 -21.98 33.07
CA ILE E 569 -8.73 -21.08 33.87
C ILE E 569 -7.96 -20.63 35.10
N ILE E 570 -8.16 -19.37 35.48
CA ILE E 570 -7.50 -18.77 36.63
C ILE E 570 -8.55 -18.05 37.46
N TYR E 571 -8.59 -18.36 38.76
CA TYR E 571 -9.54 -17.76 39.69
C TYR E 571 -10.98 -18.00 39.25
N ALA E 572 -11.53 -19.17 39.60
CA ALA E 572 -12.89 -19.53 39.23
C ALA E 572 -13.87 -19.01 40.28
N GLY E 573 -14.95 -18.38 39.82
CA GLY E 573 -15.95 -17.85 40.73
C GLY E 573 -17.19 -17.46 39.98
N GLY E 574 -18.21 -17.07 40.74
CA GLY E 574 -19.47 -16.66 40.16
C GLY E 574 -19.58 -15.16 39.94
N ASP E 575 -18.45 -14.50 39.79
CA ASP E 575 -18.42 -13.07 39.58
C ASP E 575 -17.53 -12.71 38.40
N ASP E 576 -16.21 -12.73 38.61
CA ASP E 576 -15.23 -12.40 37.58
C ASP E 576 -14.20 -13.51 37.50
N VAL E 577 -13.88 -13.94 36.28
CA VAL E 577 -12.89 -15.00 36.07
C VAL E 577 -11.68 -14.41 35.36
N PHE E 578 -10.76 -15.27 34.95
CA PHE E 578 -9.55 -14.84 34.26
C PHE E 578 -9.09 -15.97 33.36
N ALA E 579 -9.14 -15.74 32.05
CA ALA E 579 -8.74 -16.73 31.06
C ALA E 579 -7.53 -16.23 30.28
N ILE E 580 -6.68 -17.18 29.87
CA ILE E 580 -5.48 -16.86 29.12
C ILE E 580 -5.10 -18.08 28.29
N GLY E 581 -4.45 -17.84 27.15
CA GLY E 581 -4.04 -18.92 26.28
C GLY E 581 -3.91 -18.43 24.85
N SER E 582 -3.98 -19.38 23.93
CA SER E 582 -3.89 -19.05 22.51
C SER E 582 -5.16 -18.36 22.04
N TRP E 583 -5.00 -17.25 21.33
CA TRP E 583 -6.13 -16.45 20.86
C TRP E 583 -6.82 -17.06 19.65
N GLN E 584 -6.40 -18.25 19.20
CA GLN E 584 -7.03 -18.88 18.05
C GLN E 584 -8.43 -19.39 18.34
N ASP E 585 -8.82 -19.47 19.61
CA ASP E 585 -10.15 -19.95 19.96
C ASP E 585 -10.79 -19.19 21.12
N ILE E 586 -10.05 -18.39 21.88
CA ILE E 586 -10.64 -17.65 22.99
C ILE E 586 -11.66 -16.65 22.48
N ILE E 587 -11.39 -16.04 21.33
CA ILE E 587 -12.34 -15.09 20.76
C ILE E 587 -13.66 -15.78 20.40
N ALA E 588 -13.56 -17.00 19.85
CA ALA E 588 -14.76 -17.75 19.49
C ALA E 588 -15.40 -18.43 20.70
N PHE E 589 -14.64 -18.71 21.76
CA PHE E 589 -15.18 -19.34 22.95
C PHE E 589 -15.81 -18.35 23.92
N THR E 590 -15.37 -17.08 23.89
CA THR E 590 -15.95 -16.08 24.78
C THR E 590 -17.40 -15.80 24.44
N VAL E 591 -17.69 -15.60 23.15
CA VAL E 591 -19.07 -15.36 22.72
C VAL E 591 -19.89 -16.64 22.73
N GLU E 592 -19.26 -17.81 22.67
CA GLU E 592 -19.99 -19.07 22.71
C GLU E 592 -20.46 -19.39 24.13
N LEU E 593 -19.66 -19.03 25.13
CA LEU E 593 -20.06 -19.29 26.51
C LEU E 593 -21.25 -18.43 26.92
N ARG E 594 -21.38 -17.23 26.35
CA ARG E 594 -22.51 -16.36 26.67
C ARG E 594 -23.81 -16.91 26.10
N GLN E 595 -23.75 -17.64 24.99
CA GLN E 595 -24.96 -18.20 24.41
C GLN E 595 -25.58 -19.27 25.31
N ASN E 596 -24.76 -19.96 26.10
CA ASN E 596 -25.27 -20.95 27.02
C ASN E 596 -25.89 -20.34 28.28
N PHE E 597 -25.51 -19.11 28.62
CA PHE E 597 -26.07 -18.45 29.79
C PHE E 597 -27.40 -17.79 29.48
N ILE E 598 -27.61 -17.36 28.24
CA ILE E 598 -28.89 -16.74 27.86
C ILE E 598 -30.01 -17.78 27.86
N LYS E 599 -29.72 -18.97 27.33
CA LYS E 599 -30.73 -20.04 27.33
C LYS E 599 -31.01 -20.53 28.74
N TRP E 600 -30.01 -20.49 29.62
CA TRP E 600 -30.22 -20.93 31.00
C TRP E 600 -31.09 -19.97 31.77
N THR E 601 -31.05 -18.68 31.43
CA THR E 601 -31.83 -17.66 32.11
C THR E 601 -33.01 -17.17 31.27
N ASN E 602 -33.25 -17.81 30.12
CA ASN E 602 -34.36 -17.45 29.23
C ASN E 602 -34.28 -16.00 28.76
N GLY E 603 -33.05 -15.49 28.61
CA GLY E 603 -32.86 -14.12 28.16
C GLY E 603 -33.32 -13.08 29.15
N LYS E 604 -32.75 -13.11 30.36
CA LYS E 604 -33.11 -12.16 31.41
C LYS E 604 -31.92 -11.50 32.08
N LEU E 605 -30.74 -12.11 32.05
CA LEU E 605 -29.54 -11.56 32.66
C LEU E 605 -28.48 -11.37 31.59
N THR E 606 -28.00 -10.14 31.44
CA THR E 606 -26.98 -9.84 30.45
C THR E 606 -25.60 -10.31 30.92
N LEU E 607 -24.63 -10.22 30.03
CA LEU E 607 -23.26 -10.65 30.33
C LEU E 607 -22.29 -9.71 29.63
N SER E 608 -21.17 -9.45 30.29
CA SER E 608 -20.13 -8.57 29.75
C SER E 608 -18.77 -9.24 29.93
N ALA E 609 -17.79 -8.75 29.17
CA ALA E 609 -16.44 -9.29 29.24
C ALA E 609 -15.43 -8.24 28.81
N GLY E 610 -14.34 -8.67 28.16
CA GLY E 610 -13.31 -7.76 27.71
C GLY E 610 -12.10 -8.46 27.13
N ILE E 611 -12.14 -8.77 25.85
CA ILE E 611 -11.04 -9.45 25.18
C ILE E 611 -9.91 -8.46 24.95
N GLY E 612 -8.73 -8.75 25.51
CA GLY E 612 -7.59 -7.87 25.35
C GLY E 612 -6.34 -8.60 24.88
N LEU E 613 -5.72 -8.09 23.83
CA LEU E 613 -4.52 -8.67 23.27
C LEU E 613 -3.30 -7.84 23.65
N PHE E 614 -2.21 -8.51 23.96
CA PHE E 614 -0.96 -7.84 24.34
C PHE E 614 0.19 -8.57 23.64
N ALA E 615 1.42 -8.30 24.09
CA ALA E 615 2.61 -8.89 23.51
C ALA E 615 3.00 -10.14 24.30
N ASP E 616 4.07 -10.79 23.85
CA ASP E 616 4.57 -11.99 24.49
C ASP E 616 5.67 -11.65 25.49
N LYS E 617 5.70 -12.42 26.59
CA LYS E 617 6.66 -12.21 27.68
C LYS E 617 6.55 -10.79 28.24
N THR E 618 5.37 -10.49 28.77
CA THR E 618 5.08 -9.19 29.36
C THR E 618 4.78 -9.34 30.85
N PRO E 619 5.13 -8.35 31.66
CA PRO E 619 4.84 -8.44 33.10
C PRO E 619 3.34 -8.39 33.38
N ILE E 620 2.90 -9.24 34.31
CA ILE E 620 1.49 -9.34 34.63
C ILE E 620 0.99 -8.09 35.37
N SER E 621 1.90 -7.33 35.99
CA SER E 621 1.49 -6.16 36.74
C SER E 621 0.80 -5.12 35.87
N LEU E 622 1.20 -5.03 34.60
CA LEU E 622 0.57 -4.10 33.66
C LEU E 622 -0.21 -4.78 32.55
N MET E 623 0.07 -6.05 32.26
CA MET E 623 -0.69 -6.75 31.23
C MET E 623 -2.11 -7.04 31.68
N ALA E 624 -2.27 -7.54 32.91
CA ALA E 624 -3.59 -7.82 33.44
C ALA E 624 -4.31 -6.59 33.97
N HIS E 625 -3.62 -5.46 34.08
CA HIS E 625 -4.23 -4.22 34.56
C HIS E 625 -4.82 -3.40 33.44
N GLN E 626 -4.22 -3.43 32.25
CA GLN E 626 -4.74 -2.68 31.12
C GLN E 626 -5.93 -3.38 30.45
N THR E 627 -6.04 -4.70 30.63
CA THR E 627 -7.16 -5.42 30.05
C THR E 627 -8.46 -5.23 30.84
N GLY E 628 -8.37 -4.69 32.05
CA GLY E 628 -9.56 -4.44 32.85
C GLY E 628 -10.19 -3.09 32.64
N GLU E 629 -9.45 -2.15 32.04
CA GLU E 629 -9.99 -0.82 31.78
C GLU E 629 -10.98 -0.82 30.62
N LEU E 630 -10.97 -1.87 29.80
CA LEU E 630 -11.92 -1.93 28.69
C LEU E 630 -13.35 -2.16 29.17
N GLU E 631 -13.51 -2.84 30.31
CA GLU E 631 -14.84 -3.06 30.85
C GLU E 631 -15.40 -1.78 31.46
N GLU E 632 -14.56 -0.99 32.12
CA GLU E 632 -15.02 0.26 32.71
C GLU E 632 -15.31 1.30 31.62
N ALA E 633 -14.50 1.33 30.56
CA ALA E 633 -14.72 2.28 29.49
C ALA E 633 -15.94 1.93 28.65
N ALA E 634 -16.38 0.67 28.68
CA ALA E 634 -17.56 0.26 27.93
C ALA E 634 -18.86 0.60 28.63
N LYS E 635 -18.81 1.14 29.85
CA LYS E 635 -20.00 1.51 30.60
C LYS E 635 -20.56 2.88 30.21
N GLY E 636 -20.00 3.52 29.17
CA GLY E 636 -20.50 4.81 28.76
C GLY E 636 -21.86 4.75 28.10
N ASN E 637 -22.15 3.65 27.39
CA ASN E 637 -23.44 3.48 26.74
C ASN E 637 -24.51 3.15 27.78
N GLU E 638 -24.48 1.93 28.32
CA GLU E 638 -25.45 1.52 29.33
C GLU E 638 -24.84 0.45 30.23
N LYS E 639 -25.13 -0.82 29.94
CA LYS E 639 -24.61 -1.92 30.74
C LYS E 639 -24.22 -3.13 29.91
N ASP E 640 -24.54 -3.16 28.61
CA ASP E 640 -24.24 -4.30 27.75
C ASP E 640 -23.34 -3.80 26.62
N SER E 641 -22.03 -3.89 26.85
CA SER E 641 -21.05 -3.45 25.86
C SER E 641 -19.72 -4.14 26.15
N ILE E 642 -18.83 -4.07 25.16
CA ILE E 642 -17.52 -4.69 25.28
C ILE E 642 -16.58 -3.99 24.31
N SER E 643 -15.29 -4.01 24.62
CA SER E 643 -14.26 -3.39 23.79
C SER E 643 -13.30 -4.46 23.27
N LEU E 644 -12.72 -4.20 22.10
CA LEU E 644 -11.79 -5.13 21.49
C LEU E 644 -10.34 -4.72 21.76
N PHE E 645 -9.67 -4.21 20.74
CA PHE E 645 -8.27 -3.79 20.89
C PHE E 645 -8.18 -2.52 21.72
N SER E 646 -8.48 -1.37 21.11
CA SER E 646 -8.44 -0.09 21.80
C SER E 646 -9.80 0.22 22.40
N SER E 647 -10.00 1.47 22.80
CA SER E 647 -11.26 1.92 23.39
C SER E 647 -12.21 2.51 22.36
N ASP E 648 -12.04 2.17 21.09
CA ASP E 648 -12.90 2.68 20.03
C ASP E 648 -13.95 1.68 19.57
N TYR E 649 -13.65 0.39 19.61
CA TYR E 649 -14.60 -0.64 19.18
C TYR E 649 -15.48 -1.03 20.36
N THR E 650 -16.30 -0.08 20.80
CA THR E 650 -17.23 -0.28 21.92
C THR E 650 -18.63 -0.45 21.33
N PHE E 651 -18.96 -1.69 20.99
CA PHE E 651 -20.28 -1.99 20.42
C PHE E 651 -21.29 -2.28 21.50
N LYS E 652 -22.16 -3.27 21.27
CA LYS E 652 -23.19 -3.65 22.22
C LYS E 652 -23.03 -5.10 22.68
N PHE E 653 -21.80 -5.61 22.63
CA PHE E 653 -21.47 -6.98 23.02
C PHE E 653 -22.29 -7.99 22.23
N ASP E 654 -23.59 -8.07 22.50
CA ASP E 654 -24.45 -9.00 21.76
C ASP E 654 -24.54 -8.63 20.29
N ARG E 655 -24.30 -7.37 19.93
CA ARG E 655 -24.31 -6.95 18.54
C ARG E 655 -23.14 -7.53 17.76
N PHE E 656 -22.06 -7.93 18.45
CA PHE E 656 -20.90 -8.48 17.76
C PHE E 656 -21.21 -9.82 17.09
N ILE E 657 -22.14 -10.60 17.66
CA ILE E 657 -22.47 -11.90 17.09
C ILE E 657 -23.66 -11.81 16.14
N THR E 658 -24.49 -10.79 16.24
CA THR E 658 -25.67 -10.65 15.38
C THR E 658 -25.38 -9.88 14.09
N ASN E 659 -24.18 -9.32 13.95
CA ASN E 659 -23.85 -8.55 12.75
C ASN E 659 -22.43 -8.86 12.27
N VAL E 660 -21.45 -8.68 13.15
CA VAL E 660 -20.06 -8.89 12.76
C VAL E 660 -19.78 -10.39 12.60
N TYR E 661 -20.09 -11.18 13.62
CA TYR E 661 -19.86 -12.62 13.55
C TYR E 661 -20.93 -13.35 12.75
N ASP E 662 -22.07 -12.71 12.51
CA ASP E 662 -23.17 -13.35 11.78
C ASP E 662 -22.82 -13.53 10.31
N ASP E 663 -23.07 -12.49 9.50
CA ASP E 663 -22.82 -12.55 8.06
C ASP E 663 -21.51 -11.90 7.65
N LYS E 664 -20.98 -10.99 8.46
CA LYS E 664 -19.73 -10.32 8.13
C LYS E 664 -18.50 -11.19 8.39
N LEU E 665 -18.67 -12.33 9.05
CA LEU E 665 -17.56 -13.24 9.33
C LEU E 665 -17.75 -14.62 8.71
N GLU E 666 -18.97 -15.13 8.64
CA GLU E 666 -19.19 -16.44 8.05
C GLU E 666 -19.12 -16.39 6.52
N GLN E 667 -19.66 -15.34 5.92
CA GLN E 667 -19.66 -15.20 4.46
C GLN E 667 -18.45 -14.43 3.96
N ILE E 668 -17.26 -14.87 4.36
CA ILE E 668 -16.01 -14.23 3.95
C ILE E 668 -14.87 -15.23 4.13
N ARG E 669 -15.15 -16.34 4.82
CA ARG E 669 -14.13 -17.35 5.06
C ARG E 669 -13.79 -18.15 3.81
N TYR E 670 -14.69 -18.20 2.83
CA TYR E 670 -14.45 -18.94 1.61
C TYR E 670 -14.58 -18.09 0.34
N PHE E 671 -14.83 -16.80 0.47
CA PHE E 671 -14.90 -15.91 -0.70
C PHE E 671 -13.52 -15.35 -1.04
N PHE E 672 -12.88 -14.69 -0.08
CA PHE E 672 -11.56 -14.11 -0.30
C PHE E 672 -10.44 -15.12 -0.07
N ASN E 673 -10.75 -16.30 0.47
CA ASN E 673 -9.71 -17.30 0.71
C ASN E 673 -9.09 -17.78 -0.59
N HIS E 674 -9.87 -17.88 -1.66
CA HIS E 674 -9.33 -18.28 -2.95
C HIS E 674 -8.43 -17.20 -3.55
N GLN E 675 -8.59 -15.95 -3.14
CA GLN E 675 -7.76 -14.85 -3.62
C GLN E 675 -6.60 -14.54 -2.69
N ASP E 676 -6.30 -15.43 -1.75
CA ASP E 676 -5.20 -15.22 -0.82
C ASP E 676 -3.86 -15.53 -1.49
N GLU E 677 -2.78 -15.43 -0.72
CA GLU E 677 -1.43 -15.71 -1.19
C GLU E 677 -1.05 -14.79 -2.34
N ARG E 678 -1.60 -15.06 -3.53
CA ARG E 678 -1.31 -14.22 -4.69
C ARG E 678 -1.93 -12.83 -4.58
N GLY E 679 -2.91 -12.65 -3.71
CA GLY E 679 -3.53 -11.34 -3.53
C GLY E 679 -3.78 -11.01 -2.08
N LYS E 680 -2.84 -11.36 -1.20
CA LYS E 680 -3.00 -11.07 0.22
C LYS E 680 -2.79 -9.59 0.51
N ASN E 681 -1.91 -8.92 -0.25
CA ASN E 681 -1.65 -7.50 -0.02
C ASN E 681 -2.79 -6.61 -0.50
N PHE E 682 -3.80 -7.17 -1.19
CA PHE E 682 -4.92 -6.36 -1.65
C PHE E 682 -5.86 -5.98 -0.52
N ILE E 683 -5.78 -6.64 0.63
CA ILE E 683 -6.64 -6.33 1.77
C ILE E 683 -6.04 -5.26 2.67
N TYR E 684 -4.75 -4.96 2.52
CA TYR E 684 -4.13 -3.94 3.36
C TYR E 684 -4.64 -2.55 3.03
N LYS E 685 -4.99 -2.29 1.77
CA LYS E 685 -5.51 -0.99 1.37
C LYS E 685 -6.94 -0.76 1.83
N LEU E 686 -7.65 -1.82 2.25
CA LEU E 686 -9.03 -1.68 2.71
C LEU E 686 -9.11 -1.28 4.18
N ILE E 687 -8.23 -1.84 5.02
CA ILE E 687 -8.24 -1.49 6.43
C ILE E 687 -7.62 -0.12 6.67
N GLU E 688 -6.82 0.38 5.73
CA GLU E 688 -6.20 1.69 5.87
C GLU E 688 -7.05 2.81 5.29
N LEU E 689 -7.91 2.50 4.31
CA LEU E 689 -8.75 3.51 3.71
C LEU E 689 -9.79 4.04 4.70
N LEU E 690 -10.25 3.20 5.63
CA LEU E 690 -11.23 3.59 6.61
C LEU E 690 -10.62 4.29 7.82
N ARG E 691 -9.33 4.60 7.79
CA ARG E 691 -8.70 5.29 8.91
C ARG E 691 -9.09 6.75 8.94
N ASN E 692 -8.69 7.51 7.92
CA ASN E 692 -9.00 8.94 7.84
C ASN E 692 -10.49 9.09 7.49
N TYR E 693 -11.30 9.21 8.53
CA TYR E 693 -12.74 9.37 8.38
C TYR E 693 -13.26 10.71 8.86
N GLU E 694 -12.62 11.31 9.87
CA GLU E 694 -13.06 12.60 10.39
C GLU E 694 -12.63 13.77 9.53
N SER E 695 -11.84 13.54 8.47
CA SER E 695 -11.38 14.61 7.61
C SER E 695 -12.51 15.10 6.70
N GLU E 696 -12.65 14.49 5.53
CA GLU E 696 -13.68 14.84 4.57
C GLU E 696 -14.55 13.62 4.29
N GLU E 697 -15.86 13.79 4.37
CA GLU E 697 -16.79 12.68 4.14
C GLU E 697 -17.07 12.47 2.66
N LYS E 698 -17.12 13.56 1.87
CA LYS E 698 -17.41 13.42 0.45
C LYS E 698 -16.25 12.75 -0.29
N MET E 699 -15.01 13.02 0.13
CA MET E 699 -13.86 12.42 -0.52
C MET E 699 -13.65 10.97 -0.10
N ASN E 700 -14.06 10.61 1.11
CA ASN E 700 -13.90 9.24 1.58
C ASN E 700 -14.81 8.26 0.85
N VAL E 701 -15.91 8.74 0.27
CA VAL E 701 -16.83 7.87 -0.45
C VAL E 701 -16.40 7.68 -1.89
N ALA E 702 -15.95 8.76 -2.55
CA ALA E 702 -15.53 8.65 -3.95
C ALA E 702 -14.24 7.86 -4.10
N ARG E 703 -13.35 7.93 -3.10
CA ARG E 703 -12.10 7.18 -3.19
C ARG E 703 -12.31 5.69 -2.98
N LEU E 704 -13.34 5.32 -2.19
CA LEU E 704 -13.61 3.90 -1.96
C LEU E 704 -14.16 3.22 -3.21
N ALA E 705 -14.86 3.97 -4.06
CA ALA E 705 -15.44 3.39 -5.27
C ALA E 705 -14.41 3.12 -6.36
N TYR E 706 -13.15 3.52 -6.15
CA TYR E 706 -12.10 3.30 -7.13
C TYR E 706 -11.26 2.06 -6.83
N TYR E 707 -10.87 1.87 -5.57
CA TYR E 707 -10.05 0.74 -5.19
C TYR E 707 -10.86 -0.54 -5.01
N LEU E 708 -12.19 -0.47 -5.06
CA LEU E 708 -13.03 -1.65 -4.90
C LEU E 708 -13.35 -2.29 -6.24
N THR E 709 -13.54 -1.50 -7.29
CA THR E 709 -13.87 -2.04 -8.60
C THR E 709 -12.66 -2.69 -9.28
N ARG E 710 -11.45 -2.42 -8.79
CA ARG E 710 -10.25 -3.02 -9.37
C ARG E 710 -10.04 -4.47 -8.95
N LEU E 711 -10.78 -4.95 -7.95
CA LEU E 711 -10.65 -6.32 -7.48
C LEU E 711 -11.56 -7.29 -8.22
N GLU E 712 -12.28 -6.83 -9.23
CA GLU E 712 -13.18 -7.68 -10.01
C GLU E 712 -12.59 -8.12 -11.34
N GLU E 713 -11.87 -7.24 -12.02
CA GLU E 713 -11.26 -7.57 -13.30
C GLU E 713 -9.89 -8.24 -13.14
N LEU E 714 -9.14 -7.87 -12.11
CA LEU E 714 -7.81 -8.45 -11.92
C LEU E 714 -7.90 -9.92 -11.51
N THR E 715 -8.93 -10.30 -10.77
CA THR E 715 -9.09 -11.68 -10.34
C THR E 715 -9.61 -12.55 -11.49
N ASP E 716 -9.81 -13.83 -11.20
CA ASP E 716 -10.28 -14.77 -12.21
C ASP E 716 -11.75 -14.48 -12.54
N LYS E 717 -12.03 -14.22 -13.80
CA LYS E 717 -13.38 -13.93 -14.26
C LYS E 717 -14.14 -15.19 -14.69
N ASP E 718 -13.59 -16.38 -14.43
CA ASP E 718 -14.28 -17.60 -14.81
C ASP E 718 -15.49 -17.87 -13.92
N GLU E 719 -15.41 -17.50 -12.65
CA GLU E 719 -16.49 -17.71 -11.69
C GLU E 719 -17.15 -16.36 -11.41
N ARG E 720 -18.39 -16.19 -11.90
CA ARG E 720 -19.11 -14.94 -11.68
C ARG E 720 -19.58 -14.80 -10.25
N ASP E 721 -19.92 -15.92 -9.60
CA ASP E 721 -20.39 -15.92 -8.22
C ASP E 721 -19.26 -15.90 -7.20
N LYS E 722 -18.07 -15.45 -7.59
CA LYS E 722 -16.93 -15.39 -6.68
C LYS E 722 -16.78 -14.01 -6.04
N PHE E 723 -16.99 -12.95 -6.81
CA PHE E 723 -16.86 -11.59 -6.33
C PHE E 723 -18.18 -10.82 -6.29
N LYS E 724 -19.22 -11.35 -6.95
CA LYS E 724 -20.50 -10.64 -6.97
C LYS E 724 -21.13 -10.57 -5.59
N GLN E 725 -21.03 -11.65 -4.82
CA GLN E 725 -21.60 -11.64 -3.48
C GLN E 725 -20.80 -10.78 -2.51
N PHE E 726 -19.50 -10.60 -2.78
CA PHE E 726 -18.66 -9.78 -1.92
C PHE E 726 -18.72 -8.30 -2.28
N LYS E 727 -19.00 -7.98 -3.55
CA LYS E 727 -19.06 -6.58 -3.96
C LYS E 727 -20.36 -5.91 -3.51
N LYS E 728 -21.47 -6.65 -3.53
CA LYS E 728 -22.74 -6.07 -3.14
C LYS E 728 -22.82 -5.85 -1.64
N LEU E 729 -22.27 -6.78 -0.86
CA LEU E 729 -22.32 -6.65 0.60
C LEU E 729 -21.35 -5.59 1.10
N PHE E 730 -20.22 -5.41 0.42
CA PHE E 730 -19.24 -4.41 0.88
C PHE E 730 -19.72 -2.99 0.65
N PHE E 731 -20.54 -2.77 -0.38
CA PHE E 731 -21.05 -1.43 -0.66
C PHE E 731 -22.18 -1.04 0.27
N LYS E 732 -23.01 -2.00 0.69
CA LYS E 732 -24.12 -1.69 1.59
C LYS E 732 -23.67 -1.57 3.03
N TRP E 733 -22.67 -2.34 3.45
CA TRP E 733 -22.19 -2.31 4.82
C TRP E 733 -21.40 -1.05 5.13
N TYR E 734 -21.02 -0.26 4.12
CA TYR E 734 -20.23 0.95 4.32
C TYR E 734 -21.06 2.22 4.18
N THR E 735 -22.06 2.22 3.30
CA THR E 735 -22.91 3.39 3.07
C THR E 735 -24.32 3.05 3.52
N ASN E 736 -24.57 3.18 4.83
CA ASN E 736 -25.88 2.89 5.39
C ASN E 736 -26.08 3.64 6.70
N ASN E 737 -25.04 3.72 7.54
CA ASN E 737 -25.12 4.40 8.81
C ASN E 737 -23.72 4.76 9.27
N GLU E 738 -23.62 5.82 10.07
CA GLU E 738 -22.32 6.24 10.57
C GLU E 738 -21.75 5.25 11.56
N SER E 739 -22.59 4.72 12.47
CA SER E 739 -22.14 3.75 13.45
C SER E 739 -22.00 2.34 12.87
N ASP E 740 -22.54 2.10 11.68
CA ASP E 740 -22.44 0.78 11.07
C ASP E 740 -21.09 0.54 10.41
N ARG E 741 -20.34 1.59 10.10
CA ARG E 741 -19.03 1.43 9.47
C ARG E 741 -18.02 0.76 10.39
N LYS E 742 -18.23 0.83 11.71
CA LYS E 742 -17.31 0.18 12.64
C LYS E 742 -17.43 -1.33 12.61
N GLU E 743 -18.58 -1.86 12.16
CA GLU E 743 -18.74 -3.30 12.10
C GLU E 743 -17.97 -3.91 10.93
N ALA E 744 -18.00 -3.24 9.77
CA ALA E 744 -17.26 -3.75 8.62
C ALA E 744 -15.76 -3.53 8.77
N GLU E 745 -15.35 -2.53 9.55
CA GLU E 745 -13.93 -2.29 9.76
C GLU E 745 -13.32 -3.34 10.67
N LEU E 746 -14.05 -3.75 11.71
CA LEU E 746 -13.54 -4.77 12.62
C LEU E 746 -13.60 -6.15 12.01
N ALA E 747 -14.58 -6.42 11.14
CA ALA E 747 -14.69 -7.74 10.52
C ALA E 747 -13.53 -7.98 9.55
N LEU E 748 -13.14 -6.95 8.80
CA LEU E 748 -12.01 -7.10 7.87
C LEU E 748 -10.67 -7.17 8.58
N LEU E 749 -10.58 -6.63 9.80
CA LEU E 749 -9.32 -6.67 10.54
C LEU E 749 -9.07 -8.05 11.15
N LEU E 750 -10.13 -8.71 11.61
CA LEU E 750 -9.98 -10.04 12.20
C LEU E 750 -9.63 -11.09 11.16
N TYR E 751 -9.99 -10.87 9.89
CA TYR E 751 -9.65 -11.84 8.85
C TYR E 751 -8.18 -11.80 8.47
N VAL E 752 -7.52 -10.65 8.68
CA VAL E 752 -6.10 -10.54 8.37
C VAL E 752 -5.28 -11.35 9.37
N TYR E 753 -5.65 -11.28 10.65
CA TYR E 753 -4.93 -12.04 11.67
C TYR E 753 -5.21 -13.54 11.59
N GLU E 754 -6.32 -13.93 10.96
CA GLU E 754 -6.64 -15.35 10.83
C GLU E 754 -5.59 -16.07 10.01
N ILE E 755 -5.33 -15.59 8.79
CA ILE E 755 -4.31 -16.16 7.91
C ILE E 755 -3.11 -15.23 7.95
N ARG E 756 -2.08 -15.62 8.68
CA ARG E 756 -0.88 -14.82 8.83
C ARG E 756 0.23 -15.69 9.40
N LYS E 757 1.42 -15.57 8.83
CA LYS E 757 2.60 -16.33 9.26
C LYS E 757 2.37 -17.83 9.15
N LYS F 12 -2.12 34.86 -25.07
CA LYS F 12 -1.53 33.65 -25.62
C LYS F 12 -2.60 32.66 -26.04
N ALA F 13 -3.32 32.11 -25.06
CA ALA F 13 -4.38 31.15 -25.33
C ALA F 13 -5.78 31.72 -25.11
N GLU F 14 -5.91 32.90 -24.50
CA GLU F 14 -7.23 33.48 -24.28
C GLU F 14 -7.72 34.21 -25.52
N ARG F 15 -6.85 34.95 -26.20
CA ARG F 15 -7.23 35.69 -27.40
C ARG F 15 -7.25 34.82 -28.65
N ALA F 16 -6.83 33.56 -28.56
CA ALA F 16 -6.82 32.68 -29.73
C ALA F 16 -8.16 31.99 -29.94
N ILE F 17 -9.05 32.02 -28.95
CA ILE F 17 -10.35 31.37 -29.10
C ILE F 17 -11.38 32.28 -29.77
N SER F 18 -11.16 33.59 -29.75
CA SER F 18 -12.09 34.53 -30.35
C SER F 18 -11.66 35.00 -31.73
N LEU F 19 -10.35 35.16 -31.96
CA LEU F 19 -9.88 35.62 -33.26
C LEU F 19 -10.01 34.52 -34.32
N LEU F 20 -9.83 33.26 -33.93
CA LEU F 20 -9.93 32.17 -34.89
C LEU F 20 -11.38 31.86 -35.26
N GLU F 21 -12.31 32.07 -34.32
CA GLU F 21 -13.72 31.77 -34.61
C GLU F 21 -14.31 32.80 -35.55
N LYS F 22 -13.93 34.07 -35.41
CA LYS F 22 -14.44 35.15 -36.26
C LYS F 22 -13.83 35.01 -37.65
N ASP F 23 -14.57 34.38 -38.56
CA ASP F 23 -14.12 34.20 -39.94
C ASP F 23 -15.14 34.75 -40.92
N ASN F 24 -15.61 33.89 -41.83
CA ASN F 24 -16.59 34.31 -42.82
C ASN F 24 -17.67 33.25 -43.00
N LYS F 25 -17.70 32.60 -44.16
CA LYS F 25 -18.69 31.57 -44.45
C LYS F 25 -18.36 30.29 -43.69
N GLY F 26 -19.40 29.62 -43.22
CA GLY F 26 -19.22 28.38 -42.49
C GLY F 26 -18.79 27.24 -43.40
N ASN F 27 -18.81 26.04 -42.80
CA ASN F 27 -18.40 24.82 -43.48
C ASN F 27 -16.99 24.94 -44.03
N TYR F 28 -15.99 24.78 -43.16
CA TYR F 28 -14.59 24.93 -43.57
C TYR F 28 -14.18 23.73 -44.42
N LEU F 29 -13.76 24.00 -45.65
CA LEU F 29 -13.31 22.95 -46.54
C LEU F 29 -11.87 22.52 -46.28
N LEU F 30 -11.14 23.24 -45.45
CA LEU F 30 -9.76 22.90 -45.13
C LEU F 30 -9.71 22.05 -43.87
N THR F 31 -9.09 20.88 -43.97
CA THR F 31 -8.96 19.96 -42.86
C THR F 31 -7.56 20.09 -42.25
N THR F 32 -7.26 19.22 -41.28
CA THR F 32 -5.98 19.23 -40.60
C THR F 32 -4.92 18.38 -41.32
N SER F 33 -5.26 17.81 -42.48
CA SER F 33 -4.32 16.99 -43.23
C SER F 33 -3.68 17.73 -44.40
N GLN F 34 -4.33 18.75 -44.93
CA GLN F 34 -3.79 19.52 -46.04
C GLN F 34 -2.83 20.62 -45.60
N ILE F 35 -2.64 20.79 -44.29
CA ILE F 35 -1.73 21.82 -43.78
C ILE F 35 -0.61 21.16 -42.99
N ARG F 36 -0.29 19.92 -43.34
CA ARG F 36 0.76 19.16 -42.67
C ARG F 36 2.16 19.49 -43.19
N LYS F 37 2.29 20.51 -44.04
CA LYS F 37 3.59 20.91 -44.57
C LYS F 37 4.22 22.02 -43.73
N LEU F 38 3.48 23.11 -43.50
CA LEU F 38 3.98 24.19 -42.67
C LEU F 38 3.93 23.89 -41.19
N LEU F 39 3.22 22.83 -40.79
CA LEU F 39 3.13 22.44 -39.38
C LEU F 39 4.08 21.30 -39.02
N SER F 40 4.79 20.73 -39.99
CA SER F 40 5.74 19.66 -39.71
C SER F 40 7.09 20.17 -39.24
N LEU F 41 7.45 21.40 -39.62
CA LEU F 41 8.74 21.96 -39.20
C LEU F 41 8.68 22.65 -37.85
N CYS F 42 7.52 23.20 -37.48
CA CYS F 42 7.39 23.85 -36.17
C CYS F 42 7.41 22.83 -35.05
N SER F 43 6.84 21.65 -35.29
CA SER F 43 6.86 20.60 -34.26
C SER F 43 8.22 19.91 -34.19
N SER F 44 8.98 19.94 -35.28
CA SER F 44 10.31 19.34 -35.32
C SER F 44 11.41 20.30 -34.91
N LEU F 45 11.06 21.56 -34.59
CA LEU F 45 12.04 22.54 -34.17
C LEU F 45 12.04 22.78 -32.66
N TYR F 46 10.87 22.67 -32.01
CA TYR F 46 10.80 22.89 -30.57
C TYR F 46 11.54 21.79 -29.81
N ASP F 47 11.41 20.54 -30.26
CA ASP F 47 12.08 19.44 -29.58
C ASP F 47 13.58 19.40 -29.84
N ARG F 48 14.05 20.09 -30.89
CA ARG F 48 15.47 20.13 -31.20
C ARG F 48 16.16 21.37 -30.66
N SER F 49 15.44 22.49 -30.52
CA SER F 49 16.04 23.70 -29.98
C SER F 49 16.29 23.61 -28.48
N LYS F 50 15.62 22.69 -27.79
CA LYS F 50 15.82 22.53 -26.35
C LYS F 50 17.05 21.71 -26.01
N GLU F 51 17.75 21.17 -27.00
CA GLU F 51 18.95 20.37 -26.75
C GLU F 51 20.21 21.22 -26.96
N ARG F 52 20.47 21.58 -28.20
CA ARG F 52 21.64 22.39 -28.54
C ARG F 52 21.31 23.87 -28.39
N LYS F 53 22.23 24.73 -28.81
CA LYS F 53 22.04 26.17 -28.73
C LYS F 53 21.20 26.66 -29.91
N PHE F 54 20.96 27.97 -29.94
CA PHE F 54 20.17 28.57 -31.01
C PHE F 54 21.02 29.10 -32.15
N ASP F 55 22.25 29.53 -31.87
CA ASP F 55 23.14 30.06 -32.89
C ASP F 55 23.73 28.99 -33.79
N GLU F 56 23.55 27.72 -33.46
CA GLU F 56 24.09 26.63 -34.27
C GLU F 56 23.18 26.30 -35.46
N LEU F 57 21.88 26.22 -35.22
CA LEU F 57 20.90 25.92 -36.27
C LEU F 57 20.54 27.23 -36.96
N ILE F 58 21.22 27.50 -38.08
CA ILE F 58 20.97 28.71 -38.86
C ILE F 58 20.34 28.43 -40.21
N ASN F 59 20.34 27.18 -40.67
CA ASN F 59 19.76 26.84 -41.96
C ASN F 59 18.27 26.52 -41.87
N ASP F 60 17.75 26.24 -40.67
CA ASP F 60 16.34 25.94 -40.51
C ASP F 60 15.51 27.16 -40.11
N VAL F 61 16.14 28.18 -39.54
CA VAL F 61 15.41 29.37 -39.14
C VAL F 61 14.95 30.15 -40.37
N SER F 62 15.86 30.33 -41.34
CA SER F 62 15.50 31.05 -42.56
C SER F 62 14.55 30.24 -43.43
N TYR F 63 14.65 28.91 -43.40
CA TYR F 63 13.76 28.07 -44.19
C TYR F 63 12.37 27.98 -43.58
N LEU F 64 12.22 28.23 -42.29
CA LEU F 64 10.92 28.16 -41.65
C LEU F 64 10.01 29.30 -42.10
N ARG F 65 10.59 30.47 -42.37
CA ARG F 65 9.79 31.61 -42.81
C ARG F 65 9.32 31.44 -44.25
N VAL F 66 10.05 30.65 -45.05
CA VAL F 66 9.66 30.46 -46.45
C VAL F 66 8.36 29.65 -46.54
N GLN F 67 8.13 28.73 -45.60
CA GLN F 67 6.92 27.92 -45.64
C GLN F 67 5.66 28.75 -45.47
N PHE F 68 5.74 29.85 -44.73
CA PHE F 68 4.59 30.73 -44.52
C PHE F 68 4.38 31.71 -45.67
N VAL F 69 5.24 31.70 -46.68
CA VAL F 69 5.12 32.58 -47.83
C VAL F 69 4.84 31.80 -49.11
N TYR F 70 5.51 30.67 -49.31
CA TYR F 70 5.30 29.88 -50.50
C TYR F 70 3.92 29.23 -50.51
N GLN F 71 3.44 28.80 -49.35
CA GLN F 71 2.13 28.17 -49.23
C GLN F 71 1.01 29.18 -49.06
N ALA F 72 1.32 30.48 -49.03
CA ALA F 72 0.30 31.51 -48.88
C ALA F 72 -0.25 32.02 -50.20
N GLY F 73 0.32 31.60 -51.32
CA GLY F 73 -0.15 32.04 -52.63
C GLY F 73 -0.67 30.91 -53.49
N ARG F 74 -0.75 29.71 -52.92
CA ARG F 74 -1.24 28.54 -53.63
C ARG F 74 -2.60 28.07 -53.14
N GLU F 75 -3.14 28.68 -52.09
CA GLU F 75 -4.44 28.29 -51.55
C GLU F 75 -5.09 29.51 -50.90
N ILE F 76 -6.39 29.67 -51.14
CA ILE F 76 -7.12 30.79 -50.58
C ILE F 76 -7.39 30.61 -49.09
N ALA F 77 -7.31 29.37 -48.59
CA ALA F 77 -7.56 29.08 -47.18
C ALA F 77 -6.31 29.26 -46.32
N VAL F 78 -5.28 29.93 -46.84
CA VAL F 78 -4.05 30.17 -46.11
C VAL F 78 -3.80 31.66 -45.88
N LYS F 79 -4.03 32.48 -46.90
CA LYS F 79 -3.81 33.92 -46.75
C LYS F 79 -4.80 34.56 -45.79
N ASP F 80 -6.03 34.03 -45.73
CA ASP F 80 -7.03 34.60 -44.84
C ASP F 80 -6.75 34.30 -43.38
N LEU F 81 -5.88 33.34 -43.10
CA LEU F 81 -5.54 32.97 -41.72
C LEU F 81 -4.26 33.63 -41.23
N ILE F 82 -3.29 33.86 -42.11
CA ILE F 82 -2.03 34.46 -41.69
C ILE F 82 -2.22 35.95 -41.40
N GLU F 83 -3.01 36.64 -42.23
CA GLU F 83 -3.21 38.07 -42.04
C GLU F 83 -4.03 38.36 -40.79
N LYS F 84 -4.86 37.42 -40.36
CA LYS F 84 -5.67 37.65 -39.17
C LYS F 84 -4.93 37.27 -37.89
N ALA F 85 -4.23 36.13 -37.90
CA ALA F 85 -3.50 35.68 -36.73
C ALA F 85 -2.15 36.37 -36.57
N GLN F 86 -1.69 37.10 -37.59
CA GLN F 86 -0.40 37.81 -37.57
C GLN F 86 0.75 36.84 -37.26
N ILE F 87 1.04 36.02 -38.27
CA ILE F 87 2.10 35.02 -38.15
C ILE F 87 3.45 35.59 -38.57
N LEU F 88 3.48 36.38 -39.65
CA LEU F 88 4.74 36.94 -40.12
C LEU F 88 5.30 38.01 -39.17
N GLU F 89 4.46 38.57 -38.29
CA GLU F 89 4.94 39.58 -37.36
C GLU F 89 5.76 38.96 -36.25
N ALA F 90 5.36 37.77 -35.77
CA ALA F 90 6.08 37.11 -34.70
C ALA F 90 7.36 36.43 -35.18
N LEU F 91 7.54 36.26 -36.49
CA LEU F 91 8.74 35.62 -37.00
C LEU F 91 9.95 36.53 -36.95
N LYS F 92 9.74 37.85 -36.82
CA LYS F 92 10.84 38.80 -36.75
C LYS F 92 11.22 39.18 -35.32
N GLU F 93 10.25 39.18 -34.40
CA GLU F 93 10.55 39.54 -33.03
C GLU F 93 11.40 38.49 -32.33
N ILE F 94 11.26 37.22 -32.72
CA ILE F 94 12.05 36.16 -32.10
C ILE F 94 13.50 36.28 -32.49
N LYS F 95 14.40 35.95 -31.57
CA LYS F 95 15.83 36.04 -31.80
C LYS F 95 16.59 35.19 -30.80
N ASP F 96 15.94 34.80 -29.71
CA ASP F 96 16.56 34.01 -28.66
C ASP F 96 15.90 32.62 -28.59
N ARG F 97 16.61 31.69 -27.96
CA ARG F 97 16.10 30.33 -27.84
C ARG F 97 14.88 30.27 -26.92
N GLU F 98 14.87 31.10 -25.86
CA GLU F 98 13.71 31.12 -24.96
C GLU F 98 12.51 31.78 -25.62
N THR F 99 12.73 32.76 -26.49
CA THR F 99 11.62 33.41 -27.17
C THR F 99 11.00 32.49 -28.22
N LEU F 100 11.83 31.66 -28.86
CA LEU F 100 11.32 30.73 -29.86
C LEU F 100 10.41 29.68 -29.24
N GLN F 101 10.64 29.33 -27.97
CA GLN F 101 9.80 28.34 -27.30
C GLN F 101 8.38 28.85 -27.10
N ARG F 102 8.20 30.17 -27.00
CA ARG F 102 6.87 30.73 -26.83
C ARG F 102 6.07 30.70 -28.12
N PHE F 103 6.72 30.90 -29.27
CA PHE F 103 6.01 30.86 -30.54
C PHE F 103 5.57 29.45 -30.91
N CYS F 104 6.30 28.44 -30.45
CA CYS F 104 5.92 27.07 -30.76
C CYS F 104 4.66 26.65 -30.03
N ARG F 105 4.41 27.20 -28.83
CA ARG F 105 3.20 26.87 -28.09
C ARG F 105 1.98 27.59 -28.64
N TYR F 106 2.17 28.77 -29.24
CA TYR F 106 1.06 29.50 -29.82
C TYR F 106 0.55 28.88 -31.10
N MET F 107 1.39 28.12 -31.80
CA MET F 107 0.96 27.47 -33.04
C MET F 107 -0.06 26.37 -32.78
N GLU F 108 0.01 25.73 -31.61
CA GLU F 108 -0.95 24.67 -31.28
C GLU F 108 -2.35 25.20 -31.06
N ALA F 109 -2.51 26.51 -30.79
CA ALA F 109 -3.84 27.07 -30.60
C ALA F 109 -4.59 27.19 -31.91
N LEU F 110 -3.88 27.33 -33.03
CA LEU F 110 -4.51 27.44 -34.33
C LEU F 110 -4.89 26.09 -34.92
N VAL F 111 -4.57 24.99 -34.24
CA VAL F 111 -4.89 23.65 -34.71
C VAL F 111 -5.94 22.98 -33.83
N ALA F 112 -5.80 23.10 -32.51
CA ALA F 112 -6.77 22.48 -31.61
C ALA F 112 -8.11 23.20 -31.67
N TYR F 113 -8.09 24.53 -31.60
CA TYR F 113 -9.33 25.30 -31.65
C TYR F 113 -9.94 25.36 -33.05
N PHE F 114 -9.19 24.97 -34.08
CA PHE F 114 -9.75 24.99 -35.43
C PHE F 114 -10.73 23.85 -35.65
N LYS F 115 -10.46 22.69 -35.04
CA LYS F 115 -11.34 21.52 -35.16
C LYS F 115 -12.37 21.45 -34.04
N PHE F 116 -12.43 22.47 -33.18
CA PHE F 116 -13.40 22.45 -32.09
C PHE F 116 -14.82 22.73 -32.57
N TYR F 117 -14.96 23.57 -33.60
CA TYR F 117 -16.28 23.90 -34.13
C TYR F 117 -16.66 23.06 -35.35
N GLY F 118 -15.71 22.38 -35.97
CA GLY F 118 -15.99 21.56 -37.13
C GLY F 118 -14.94 20.50 -37.39
N GLY F 119 -14.00 20.80 -38.29
CA GLY F 119 -12.94 19.86 -38.62
C GLY F 119 -11.88 20.45 -39.54
N THR H 2 -10.03 -18.80 -68.14
CA THR H 2 -10.62 -18.31 -66.90
C THR H 2 -10.02 -16.96 -66.52
N PHE H 3 -8.70 -16.92 -66.38
CA PHE H 3 -7.98 -15.70 -66.00
C PHE H 3 -6.65 -15.71 -66.75
N ALA H 4 -6.63 -15.14 -67.94
CA ALA H 4 -5.45 -15.07 -68.79
C ALA H 4 -5.02 -13.62 -68.98
N LYS H 5 -3.90 -13.44 -69.67
CA LYS H 5 -3.33 -12.11 -69.94
C LYS H 5 -3.17 -12.00 -71.46
N ILE H 6 -4.23 -11.51 -72.12
CA ILE H 6 -4.21 -11.35 -73.57
C ILE H 6 -3.39 -10.11 -73.93
N LYS H 7 -2.38 -10.30 -74.78
CA LYS H 7 -1.51 -9.22 -75.22
C LYS H 7 -1.73 -8.96 -76.70
N PHE H 8 -1.93 -7.70 -77.05
CA PHE H 8 -2.15 -7.29 -78.44
C PHE H 8 -0.89 -6.57 -78.92
N SER H 9 -0.02 -7.32 -79.59
CA SER H 9 1.23 -6.76 -80.10
C SER H 9 0.99 -6.14 -81.48
N ALA H 10 1.32 -4.86 -81.61
CA ALA H 10 1.15 -4.14 -82.87
C ALA H 10 2.35 -3.22 -83.09
N GLN H 11 2.47 -2.74 -84.32
CA GLN H 11 3.55 -1.84 -84.72
C GLN H 11 2.94 -0.55 -85.24
N ILE H 12 3.17 0.54 -84.52
CA ILE H 12 2.64 1.85 -84.90
C ILE H 12 3.57 2.46 -85.94
N ARG H 13 3.08 2.62 -87.17
CA ARG H 13 3.85 3.21 -88.25
C ARG H 13 3.37 4.64 -88.47
N LEU H 14 4.29 5.59 -88.35
CA LEU H 14 3.97 7.01 -88.52
C LEU H 14 4.10 7.37 -89.99
N GLU H 15 2.97 7.56 -90.66
CA GLU H 15 2.98 7.95 -92.06
C GLU H 15 3.42 9.40 -92.25
N THR H 16 3.29 10.24 -91.22
CA THR H 16 3.69 11.64 -91.30
C THR H 16 4.23 12.06 -89.94
N GLY H 17 5.36 12.76 -89.94
CA GLY H 17 5.97 13.22 -88.71
C GLY H 17 5.11 14.20 -87.95
N LEU H 18 4.39 13.71 -86.95
CA LEU H 18 3.51 14.55 -86.14
C LEU H 18 4.32 15.20 -85.01
N HIS H 19 3.64 15.92 -84.12
CA HIS H 19 4.28 16.60 -83.00
C HIS H 19 3.42 16.44 -81.76
N ILE H 20 4.05 16.05 -80.66
CA ILE H 20 3.37 15.87 -79.37
C ILE H 20 4.03 16.79 -78.36
N GLY H 21 3.25 17.71 -77.80
CA GLY H 21 3.77 18.63 -76.81
C GLY H 21 4.05 17.96 -75.48
N GLY H 22 5.22 17.32 -75.37
CA GLY H 22 5.60 16.63 -74.16
C GLY H 22 6.18 17.56 -73.11
N SER H 23 7.26 17.13 -72.46
CA SER H 23 7.91 17.93 -71.42
C SER H 23 8.76 19.00 -72.09
N ASP H 24 8.12 20.15 -72.37
CA ASP H 24 8.83 21.25 -72.99
C ASP H 24 9.74 21.94 -71.98
N ALA H 25 10.57 22.87 -72.49
CA ALA H 25 11.53 23.62 -71.68
C ALA H 25 12.50 22.69 -70.97
N PHE H 26 12.85 21.57 -71.62
CA PHE H 26 13.80 20.60 -71.10
C PHE H 26 14.52 19.96 -72.29
N ALA H 27 15.58 20.61 -72.74
CA ALA H 27 16.35 20.15 -73.88
C ALA H 27 17.82 20.04 -73.46
N ALA H 28 18.72 20.13 -74.44
CA ALA H 28 20.15 20.04 -74.17
C ALA H 28 20.75 21.43 -73.95
N ILE H 29 21.16 22.09 -75.02
CA ILE H 29 21.77 23.41 -74.94
C ILE H 29 20.81 24.49 -75.44
N GLY H 30 19.52 24.18 -75.54
CA GLY H 30 18.54 25.15 -76.01
C GLY H 30 17.17 24.57 -76.22
N ALA H 31 16.19 25.01 -75.43
CA ALA H 31 14.81 24.56 -75.57
C ALA H 31 14.02 25.56 -76.43
N ILE H 32 14.17 25.38 -77.74
CA ILE H 32 13.55 26.26 -78.72
C ILE H 32 12.52 25.47 -79.52
N ALA H 33 11.37 26.12 -79.78
CA ALA H 33 10.30 25.54 -80.59
C ALA H 33 9.75 24.26 -79.96
N SER H 34 9.57 24.28 -78.64
CA SER H 34 9.00 23.19 -77.86
C SER H 34 9.81 21.92 -78.04
N PRO H 35 10.77 21.64 -77.16
CA PRO H 35 11.57 20.42 -77.30
C PRO H 35 10.71 19.17 -77.07
N VAL H 36 10.76 18.25 -78.02
CA VAL H 36 9.99 17.02 -77.92
C VAL H 36 10.58 16.13 -76.83
N ILE H 37 9.70 15.53 -76.02
CA ILE H 37 10.16 14.65 -74.96
C ILE H 37 10.79 13.40 -75.57
N LYS H 38 11.90 12.97 -74.98
CA LYS H 38 12.63 11.80 -75.47
C LYS H 38 12.84 10.85 -74.31
N ASP H 39 13.88 10.03 -74.39
CA ASP H 39 14.18 9.08 -73.33
C ASP H 39 14.88 9.81 -72.18
N PRO H 40 14.49 9.54 -70.93
CA PRO H 40 15.13 10.23 -69.80
C PRO H 40 16.57 9.79 -69.55
N ILE H 41 17.03 8.72 -70.18
CA ILE H 41 18.38 8.22 -70.01
C ILE H 41 19.20 8.42 -71.28
N THR H 42 18.74 7.89 -72.40
CA THR H 42 19.43 8.01 -73.68
C THR H 42 18.88 9.23 -74.43
N ASN H 43 19.00 9.21 -75.77
CA ASN H 43 18.55 10.30 -76.60
C ASN H 43 17.53 9.87 -77.65
N ILE H 44 17.10 8.61 -77.64
CA ILE H 44 16.13 8.11 -78.61
C ILE H 44 14.76 8.66 -78.29
N PRO H 45 14.10 9.35 -79.22
CA PRO H 45 12.76 9.89 -78.94
C PRO H 45 11.74 8.78 -78.74
N ILE H 46 10.95 8.91 -77.68
CA ILE H 46 9.91 7.94 -77.36
C ILE H 46 8.57 8.66 -77.33
N ILE H 47 7.51 7.91 -77.64
CA ILE H 47 6.16 8.46 -77.64
C ILE H 47 5.51 8.17 -76.29
N PRO H 48 4.86 9.15 -75.66
CA PRO H 48 4.21 8.89 -74.37
C PRO H 48 2.93 8.10 -74.55
N GLY H 49 2.68 7.18 -73.62
CA GLY H 49 1.46 6.40 -73.64
C GLY H 49 0.23 7.12 -73.13
N SER H 50 0.40 8.31 -72.56
CA SER H 50 -0.75 9.06 -72.05
C SER H 50 -1.55 9.69 -73.18
N SER H 51 -0.90 10.01 -74.30
CA SER H 51 -1.62 10.60 -75.43
C SER H 51 -2.49 9.59 -76.17
N LEU H 52 -2.18 8.30 -76.06
CA LEU H 52 -2.96 7.26 -76.72
C LEU H 52 -4.19 6.84 -75.90
N LYS H 53 -4.38 7.39 -74.71
CA LYS H 53 -5.52 7.06 -73.87
C LYS H 53 -6.61 8.12 -73.90
N GLY H 54 -6.25 9.40 -73.91
CA GLY H 54 -7.25 10.45 -73.98
C GLY H 54 -7.76 10.72 -75.37
N LYS H 55 -6.97 10.41 -76.40
CA LYS H 55 -7.40 10.63 -77.77
C LYS H 55 -8.24 9.47 -78.28
N MET H 56 -7.88 8.24 -77.92
CA MET H 56 -8.65 7.08 -78.37
C MET H 56 -10.01 7.04 -77.70
N ARG H 57 -10.09 7.44 -76.43
CA ARG H 57 -11.37 7.44 -75.72
C ARG H 57 -12.28 8.55 -76.23
N THR H 58 -11.72 9.69 -76.61
CA THR H 58 -12.54 10.79 -77.11
C THR H 58 -13.13 10.45 -78.47
N LEU H 59 -12.33 9.88 -79.36
CA LEU H 59 -12.82 9.52 -80.69
C LEU H 59 -13.79 8.34 -80.65
N LEU H 60 -13.78 7.55 -79.58
CA LEU H 60 -14.68 6.40 -79.47
C LEU H 60 -15.99 6.75 -78.77
N ALA H 61 -15.98 7.74 -77.88
CA ALA H 61 -17.18 8.14 -77.15
C ALA H 61 -18.06 9.07 -78.00
N LYS H 62 -18.49 8.55 -79.14
CA LYS H 62 -19.34 9.30 -80.06
C LYS H 62 -20.14 8.36 -80.95
N VAL H 63 -19.78 7.08 -80.96
CA VAL H 63 -20.48 6.09 -81.78
C VAL H 63 -21.07 4.95 -80.96
N TYR H 64 -20.40 4.46 -79.92
CA TYR H 64 -20.93 3.38 -79.08
C TYR H 64 -21.75 3.92 -77.91
N ASN H 65 -22.26 5.14 -78.01
CA ASN H 65 -23.06 5.73 -76.95
C ASN H 65 -24.16 6.56 -77.57
N GLU H 66 -25.17 6.89 -76.76
CA GLU H 66 -26.30 7.68 -77.21
C GLU H 66 -26.50 8.97 -76.44
N LYS H 67 -25.72 9.20 -75.38
CA LYS H 67 -25.82 10.41 -74.57
C LYS H 67 -24.51 11.18 -74.66
N VAL H 68 -24.60 12.42 -75.16
CA VAL H 68 -23.41 13.27 -75.28
C VAL H 68 -23.03 13.76 -73.89
N ALA H 69 -21.91 13.27 -73.37
CA ALA H 69 -21.44 13.64 -72.05
C ALA H 69 -20.45 14.80 -72.12
N GLU H 70 -20.18 15.39 -70.97
CA GLU H 70 -19.26 16.52 -70.86
C GLU H 70 -17.96 16.15 -70.16
N LYS H 71 -18.04 15.45 -69.02
CA LYS H 71 -16.87 15.03 -68.26
C LYS H 71 -16.67 13.53 -68.40
N PRO H 72 -15.42 13.08 -68.59
CA PRO H 72 -15.16 11.64 -68.69
C PRO H 72 -15.53 10.91 -67.41
N SER H 73 -15.57 9.58 -67.51
CA SER H 73 -15.97 8.71 -66.41
C SER H 73 -17.37 9.06 -65.90
N ASP H 74 -18.27 9.37 -66.84
CA ASP H 74 -19.64 9.74 -66.50
C ASP H 74 -20.57 9.44 -67.67
N ASP H 75 -20.03 8.81 -68.71
CA ASP H 75 -20.81 8.48 -69.90
C ASP H 75 -21.66 7.24 -69.68
N SER H 76 -21.68 6.33 -70.64
CA SER H 76 -22.48 5.11 -70.55
C SER H 76 -21.79 4.08 -69.68
N ASP H 77 -21.87 2.80 -70.07
CA ASP H 77 -21.27 1.72 -69.30
C ASP H 77 -20.54 0.68 -70.14
N ILE H 78 -20.91 0.46 -71.40
CA ILE H 78 -20.24 -0.54 -72.21
C ILE H 78 -18.84 -0.10 -72.62
N LEU H 79 -18.56 1.20 -72.55
CA LEU H 79 -17.25 1.73 -72.92
C LEU H 79 -16.47 2.29 -71.74
N SER H 80 -17.12 2.51 -70.60
CA SER H 80 -16.43 3.06 -69.43
C SER H 80 -15.59 2.01 -68.70
N ARG H 81 -15.88 0.72 -68.91
CA ARG H 81 -15.12 -0.32 -68.25
C ARG H 81 -13.72 -0.46 -68.84
N LEU H 82 -13.57 -0.17 -70.13
CA LEU H 82 -12.28 -0.29 -70.78
C LEU H 82 -11.29 0.79 -70.33
N PHE H 83 -11.79 1.89 -69.74
CA PHE H 83 -10.93 2.98 -69.29
C PHE H 83 -11.07 3.30 -67.81
N GLY H 84 -12.16 2.91 -67.17
CA GLY H 84 -12.38 3.18 -65.77
C GLY H 84 -13.54 4.14 -65.54
N ASN H 85 -14.00 4.17 -64.30
CA ASN H 85 -15.11 5.02 -63.90
C ASN H 85 -14.86 5.54 -62.49
N SER H 86 -14.91 6.87 -62.34
CA SER H 86 -14.70 7.53 -61.05
C SER H 86 -16.02 7.91 -60.39
N LYS H 87 -17.05 7.10 -60.55
CA LYS H 87 -18.35 7.37 -59.96
C LYS H 87 -19.09 6.09 -59.61
N ASP H 88 -18.97 5.08 -60.47
CA ASP H 88 -19.64 3.81 -60.23
C ASP H 88 -18.92 3.02 -59.14
N LYS H 89 -19.69 2.31 -58.33
CA LYS H 89 -19.13 1.51 -57.25
C LYS H 89 -18.82 0.08 -57.67
N ARG H 90 -19.41 -0.40 -58.76
CA ARG H 90 -19.19 -1.77 -59.22
C ARG H 90 -17.75 -1.99 -59.62
N PHE H 91 -17.28 -1.30 -60.66
CA PHE H 91 -15.92 -1.43 -61.16
C PHE H 91 -15.18 -0.11 -61.01
N LYS H 92 -13.88 -0.19 -60.74
CA LYS H 92 -13.05 0.99 -60.58
C LYS H 92 -11.80 0.89 -61.45
N MET H 93 -11.13 -0.26 -61.41
CA MET H 93 -9.92 -0.46 -62.19
C MET H 93 -10.26 -0.67 -63.66
N GLY H 94 -9.24 -0.51 -64.51
CA GLY H 94 -9.37 -0.67 -65.94
C GLY H 94 -8.74 -1.97 -66.40
N ARG H 95 -9.20 -2.46 -67.55
CA ARG H 95 -8.70 -3.71 -68.12
C ARG H 95 -7.66 -3.49 -69.22
N LEU H 96 -7.50 -2.26 -69.70
CA LEU H 96 -6.55 -1.95 -70.77
C LEU H 96 -5.31 -1.29 -70.16
N ILE H 97 -4.14 -1.87 -70.45
CA ILE H 97 -2.86 -1.37 -69.96
C ILE H 97 -2.01 -1.03 -71.17
N PHE H 98 -1.61 0.25 -71.28
CA PHE H 98 -0.79 0.71 -72.38
C PHE H 98 0.68 0.54 -72.03
N ARG H 99 1.56 1.07 -72.88
CA ARG H 99 2.99 0.98 -72.67
C ARG H 99 3.68 2.06 -73.49
N ASP H 100 4.65 2.73 -72.88
CA ASP H 100 5.43 3.77 -73.56
C ASP H 100 6.29 3.10 -74.63
N ALA H 101 5.79 3.08 -75.87
CA ALA H 101 6.51 2.43 -76.95
C ALA H 101 7.76 3.23 -77.32
N PHE H 102 8.88 2.53 -77.47
CA PHE H 102 10.14 3.15 -77.83
C PHE H 102 10.43 2.94 -79.32
N LEU H 103 11.19 3.88 -79.89
CA LEU H 103 11.54 3.83 -81.30
C LEU H 103 12.53 2.71 -81.53
N SER H 104 12.03 1.57 -82.03
CA SER H 104 12.87 0.41 -82.31
C SER H 104 13.41 0.41 -83.74
N ASN H 105 13.14 1.45 -84.51
CA ASN H 105 13.62 1.54 -85.89
C ASN H 105 15.03 2.11 -85.99
N ALA H 106 15.66 2.46 -84.87
CA ALA H 106 17.00 3.01 -84.87
C ALA H 106 18.08 1.97 -85.10
N ASP H 107 17.73 0.68 -85.05
CA ASP H 107 18.71 -0.38 -85.27
C ASP H 107 19.17 -0.48 -86.72
N GLU H 108 18.36 -0.01 -87.66
CA GLU H 108 18.71 -0.05 -89.08
C GLU H 108 18.69 1.30 -89.76
N LEU H 109 18.09 2.33 -89.18
CA LEU H 109 18.06 3.65 -89.80
C LEU H 109 19.38 4.37 -89.67
N ASP H 110 20.11 4.16 -88.57
CA ASP H 110 21.39 4.83 -88.38
C ASP H 110 22.47 4.30 -89.31
N SER H 111 22.29 3.09 -89.85
CA SER H 111 23.30 2.53 -90.75
C SER H 111 23.31 3.25 -92.09
N LEU H 112 22.19 3.87 -92.47
CA LEU H 112 22.14 4.59 -93.74
C LEU H 112 22.89 5.91 -93.68
N GLY H 113 22.97 6.53 -92.51
CA GLY H 113 23.68 7.79 -92.36
C GLY H 113 22.75 8.98 -92.19
N VAL H 114 22.30 9.21 -90.96
CA VAL H 114 21.41 10.32 -90.65
C VAL H 114 22.10 11.24 -89.64
N ARG H 115 21.59 12.46 -89.56
CA ARG H 115 22.13 13.46 -88.64
C ARG H 115 21.53 13.30 -87.25
N SER H 116 20.26 13.69 -87.10
CA SER H 116 19.55 13.59 -85.83
C SER H 116 18.19 12.94 -86.05
N TYR H 117 17.48 12.72 -84.95
CA TYR H 117 16.15 12.11 -85.01
C TYR H 117 15.02 13.13 -85.07
N THR H 118 15.26 14.35 -84.62
CA THR H 118 14.25 15.41 -84.63
C THR H 118 14.82 16.63 -85.32
N GLU H 119 14.07 17.18 -86.28
CA GLU H 119 14.45 18.36 -87.02
C GLU H 119 13.51 19.51 -86.70
N VAL H 120 13.86 20.69 -87.19
CA VAL H 120 13.07 21.91 -86.96
C VAL H 120 12.54 22.37 -88.31
N LYS H 121 11.22 22.53 -88.39
CA LYS H 121 10.55 22.98 -89.61
C LYS H 121 10.25 24.47 -89.50
N PHE H 122 10.51 25.20 -90.58
CA PHE H 122 10.30 26.64 -90.61
C PHE H 122 8.89 26.93 -91.14
N GLU H 123 8.09 27.62 -90.33
CA GLU H 123 6.74 27.99 -90.70
C GLU H 123 6.50 29.45 -90.33
N ASN H 124 5.29 29.93 -90.58
CA ASN H 124 4.91 31.30 -90.27
C ASN H 124 3.39 31.36 -90.15
N THR H 125 2.85 32.57 -90.07
CA THR H 125 1.42 32.77 -89.95
C THR H 125 1.03 34.08 -90.61
N ILE H 126 -0.21 34.16 -91.07
CA ILE H 126 -0.75 35.35 -91.72
C ILE H 126 -2.05 35.73 -91.04
N ASP H 127 -2.13 36.97 -90.56
CA ASP H 127 -3.32 37.46 -89.90
C ASP H 127 -4.39 37.96 -90.86
N ARG H 128 -4.14 37.86 -92.17
CA ARG H 128 -5.09 38.27 -93.20
C ARG H 128 -5.46 39.76 -93.08
N ILE H 129 -4.49 40.58 -92.70
CA ILE H 129 -4.71 42.02 -92.57
C ILE H 129 -3.37 42.74 -92.68
N THR H 130 -2.28 41.99 -92.51
CA THR H 130 -0.94 42.54 -92.57
C THR H 130 -0.06 41.60 -93.39
N ALA H 131 1.24 41.89 -93.43
CA ALA H 131 2.18 41.07 -94.18
C ALA H 131 2.66 39.91 -93.30
N GLU H 132 3.81 39.35 -93.61
CA GLU H 132 4.35 38.23 -92.85
C GLU H 132 4.92 38.72 -91.52
N ALA H 133 4.55 38.05 -90.44
CA ALA H 133 5.02 38.41 -89.12
C ALA H 133 5.12 37.15 -88.27
N ASN H 134 5.72 37.31 -87.08
CA ASN H 134 5.91 36.24 -86.11
C ASN H 134 6.69 35.09 -86.73
N PRO H 135 8.01 35.20 -86.84
CA PRO H 135 8.82 34.10 -87.41
C PRO H 135 8.97 32.93 -86.45
N ARG H 136 7.88 32.17 -86.29
CA ARG H 136 7.87 31.04 -85.38
C ARG H 136 8.39 29.79 -86.10
N GLN H 137 8.50 28.69 -85.35
CA GLN H 137 8.96 27.43 -85.90
C GLN H 137 8.55 26.31 -84.95
N ILE H 138 8.47 25.10 -85.49
CA ILE H 138 8.08 23.92 -84.74
C ILE H 138 9.16 22.86 -84.90
N GLU H 139 9.00 21.77 -84.14
CA GLU H 139 9.92 20.64 -84.16
C GLU H 139 9.14 19.38 -84.49
N ARG H 140 9.56 18.67 -85.54
CA ARG H 140 8.90 17.45 -85.98
C ARG H 140 9.85 16.27 -85.87
N ALA H 141 9.32 15.08 -86.15
CA ALA H 141 10.11 13.86 -86.07
C ALA H 141 10.38 13.30 -87.46
N ILE H 142 10.82 12.04 -87.53
CA ILE H 142 11.13 11.39 -88.80
C ILE H 142 9.84 10.86 -89.42
N ARG H 143 9.98 10.14 -90.53
CA ARG H 143 8.85 9.57 -91.24
C ARG H 143 9.06 8.07 -91.40
N ASN H 144 7.96 7.32 -91.33
CA ASN H 144 7.97 5.86 -91.46
C ASN H 144 8.86 5.23 -90.39
N SER H 145 8.35 5.29 -89.16
CA SER H 145 9.04 4.74 -87.99
C SER H 145 8.10 3.79 -87.26
N THR H 146 8.65 2.67 -86.79
CA THR H 146 7.88 1.66 -86.08
C THR H 146 8.04 1.82 -84.57
N PHE H 147 7.11 1.21 -83.84
CA PHE H 147 7.11 1.27 -82.39
C PHE H 147 6.61 -0.07 -81.83
N ASP H 148 7.01 -0.35 -80.60
CA ASP H 148 6.60 -1.59 -79.93
C ASP H 148 5.49 -1.27 -78.95
N PHE H 149 4.26 -1.28 -79.44
CA PHE H 149 3.07 -1.00 -78.63
C PHE H 149 2.37 -2.31 -78.32
N GLU H 150 2.29 -2.65 -77.04
CA GLU H 150 1.64 -3.87 -76.58
C GLU H 150 0.44 -3.51 -75.71
N LEU H 151 -0.72 -4.05 -76.03
CA LEU H 151 -1.94 -3.81 -75.29
C LEU H 151 -2.23 -5.02 -74.39
N ILE H 152 -2.13 -4.82 -73.09
CA ILE H 152 -2.36 -5.88 -72.12
C ILE H 152 -3.83 -5.85 -71.70
N TYR H 153 -4.53 -6.94 -71.97
CA TYR H 153 -5.95 -7.07 -71.61
C TYR H 153 -6.14 -8.30 -70.73
N GLU H 154 -7.02 -8.17 -69.74
CA GLU H 154 -7.29 -9.26 -68.81
C GLU H 154 -8.74 -9.16 -68.36
N ILE H 155 -9.35 -10.32 -68.11
CA ILE H 155 -10.72 -10.41 -67.64
C ILE H 155 -10.70 -10.70 -66.15
N THR H 156 -11.85 -10.53 -65.50
CA THR H 156 -12.00 -10.76 -64.08
C THR H 156 -12.63 -12.11 -63.75
N ASP H 157 -12.67 -13.03 -64.71
CA ASP H 157 -13.16 -14.39 -64.52
C ASP H 157 -14.65 -14.40 -64.14
N GLU H 158 -15.00 -13.73 -63.04
CA GLU H 158 -16.38 -13.73 -62.58
C GLU H 158 -17.30 -13.09 -63.61
N ASN H 159 -16.96 -11.89 -64.06
CA ASN H 159 -17.77 -11.18 -65.06
C ASN H 159 -17.24 -11.47 -66.47
N GLU H 160 -17.34 -12.73 -66.86
CA GLU H 160 -16.89 -13.19 -68.18
C GLU H 160 -18.13 -13.45 -69.03
N ASN H 161 -18.55 -12.44 -69.79
CA ASN H 161 -19.73 -12.55 -70.64
C ASN H 161 -19.58 -11.72 -71.91
N GLN H 162 -19.07 -10.49 -71.76
CA GLN H 162 -18.84 -9.63 -72.93
C GLN H 162 -17.44 -9.84 -73.50
N VAL H 163 -17.12 -11.09 -73.86
CA VAL H 163 -15.82 -11.39 -74.44
C VAL H 163 -15.79 -10.99 -75.91
N GLU H 164 -16.81 -11.39 -76.67
CA GLU H 164 -16.87 -11.03 -78.08
C GLU H 164 -17.22 -9.57 -78.27
N GLU H 165 -17.89 -8.95 -77.29
CA GLU H 165 -18.24 -7.54 -77.41
C GLU H 165 -17.01 -6.64 -77.24
N ASP H 166 -16.05 -7.06 -76.41
CA ASP H 166 -14.85 -6.27 -76.21
C ASP H 166 -13.91 -6.33 -77.40
N PHE H 167 -14.02 -7.37 -78.23
CA PHE H 167 -13.12 -7.49 -79.39
C PHE H 167 -13.50 -6.53 -80.50
N LYS H 168 -14.81 -6.30 -80.69
CA LYS H 168 -15.24 -5.39 -81.75
C LYS H 168 -15.05 -3.93 -81.38
N VAL H 169 -14.82 -3.63 -80.09
CA VAL H 169 -14.60 -2.24 -79.69
C VAL H 169 -13.13 -1.86 -79.85
N ILE H 170 -12.22 -2.75 -79.47
CA ILE H 170 -10.80 -2.46 -79.62
C ILE H 170 -10.40 -2.44 -81.09
N ARG H 171 -10.95 -3.36 -81.89
CA ARG H 171 -10.62 -3.40 -83.30
C ARG H 171 -11.13 -2.15 -84.02
N ASP H 172 -12.33 -1.70 -83.69
CA ASP H 172 -12.88 -0.51 -84.33
C ASP H 172 -12.24 0.77 -83.80
N GLY H 173 -11.78 0.76 -82.54
CA GLY H 173 -11.14 1.95 -82.00
C GLY H 173 -9.76 2.20 -82.60
N LEU H 174 -9.01 1.13 -82.88
CA LEU H 174 -7.70 1.28 -83.49
C LEU H 174 -7.79 1.60 -84.97
N LYS H 175 -8.83 1.13 -85.65
CA LYS H 175 -8.99 1.42 -87.07
C LYS H 175 -9.46 2.85 -87.30
N LEU H 176 -10.30 3.37 -86.41
CA LEU H 176 -10.77 4.75 -86.55
C LEU H 176 -9.66 5.75 -86.24
N LEU H 177 -8.70 5.37 -85.39
CA LEU H 177 -7.60 6.27 -85.07
C LEU H 177 -6.67 6.45 -86.25
N GLU H 178 -6.60 5.46 -87.15
CA GLU H 178 -5.72 5.58 -88.32
C GLU H 178 -6.20 6.66 -89.27
N LEU H 179 -7.50 6.89 -89.34
CA LEU H 179 -8.08 7.91 -90.21
C LEU H 179 -8.24 9.26 -89.53
N ASP H 180 -7.45 9.52 -88.47
CA ASP H 180 -7.54 10.78 -87.75
C ASP H 180 -6.16 11.13 -87.21
N TYR H 181 -5.92 12.42 -87.03
CA TYR H 181 -4.64 12.89 -86.52
C TYR H 181 -4.45 12.47 -85.07
N LEU H 182 -3.19 12.31 -84.68
CA LEU H 182 -2.82 11.92 -83.32
C LEU H 182 -1.82 12.92 -82.78
N GLY H 183 -2.14 13.51 -81.63
CA GLY H 183 -1.27 14.50 -81.02
C GLY H 183 -1.72 15.92 -81.29
N GLY H 184 -0.86 16.85 -80.89
CA GLY H 184 -1.15 18.26 -81.08
C GLY H 184 -0.77 18.75 -82.46
N SER H 185 -1.38 19.87 -82.85
CA SER H 185 -1.15 20.51 -84.15
C SER H 185 -1.41 19.53 -85.29
N GLY H 186 -2.51 18.80 -85.21
CA GLY H 186 -2.86 17.83 -86.24
C GLY H 186 -3.86 18.34 -87.24
N SER H 187 -3.94 19.67 -87.39
CA SER H 187 -4.87 20.27 -88.34
C SER H 187 -4.26 20.48 -89.72
N ARG H 188 -2.94 20.48 -89.84
CA ARG H 188 -2.26 20.67 -91.11
C ARG H 188 -1.81 19.36 -91.74
N GLY H 189 -2.42 18.24 -91.34
CA GLY H 189 -2.07 16.95 -91.89
C GLY H 189 -0.74 16.43 -91.38
N TYR H 190 -0.62 16.27 -90.06
CA TYR H 190 0.59 15.77 -89.44
C TYR H 190 0.42 14.40 -88.78
N GLY H 191 -0.77 14.10 -88.26
CA GLY H 191 -0.99 12.83 -87.60
C GLY H 191 -1.20 11.68 -88.55
N LYS H 192 -2.37 11.05 -88.50
CA LYS H 192 -2.72 9.92 -89.34
C LYS H 192 -1.72 8.78 -89.17
N VAL H 193 -1.94 7.95 -88.15
CA VAL H 193 -1.05 6.82 -87.87
C VAL H 193 -1.54 5.59 -88.63
N ALA H 194 -0.86 4.46 -88.43
CA ALA H 194 -1.24 3.21 -89.09
C ALA H 194 -0.72 2.06 -88.23
N PHE H 195 -1.65 1.30 -87.66
CA PHE H 195 -1.30 0.16 -86.82
C PHE H 195 -0.97 -1.02 -87.72
N GLU H 196 0.33 -1.23 -87.97
CA GLU H 196 0.79 -2.32 -88.82
C GLU H 196 0.97 -3.58 -88.02
N LYS H 197 0.58 -4.72 -88.60
CA LYS H 197 0.71 -6.04 -87.99
C LYS H 197 -0.05 -6.09 -86.66
N LEU H 198 -1.37 -6.18 -86.78
CA LEU H 198 -2.27 -6.25 -85.63
C LEU H 198 -2.55 -7.71 -85.34
N LYS H 199 -1.90 -8.26 -84.32
CA LYS H 199 -2.06 -9.65 -83.94
C LYS H 199 -2.17 -9.75 -82.42
N ALA H 200 -2.55 -10.94 -81.95
CA ALA H 200 -2.70 -11.20 -80.53
C ALA H 200 -2.05 -12.53 -80.18
N THR H 201 -1.62 -12.65 -78.93
CA THR H 201 -0.97 -13.85 -78.44
C THR H 201 -1.26 -14.02 -76.96
N THR H 202 -0.90 -15.18 -76.43
CA THR H 202 -1.10 -15.51 -75.03
C THR H 202 0.25 -15.64 -74.34
N VAL H 203 0.40 -14.94 -73.23
CA VAL H 203 1.65 -14.95 -72.46
C VAL H 203 1.50 -15.74 -71.16
N PHE H 204 0.40 -15.56 -70.44
CA PHE H 204 0.16 -16.27 -69.20
C PHE H 204 -0.03 -17.76 -69.44
N GLY H 205 -1.14 -18.12 -70.09
CA GLY H 205 -1.42 -19.52 -70.39
C GLY H 205 -2.66 -20.04 -69.68
N ASN H 206 -3.81 -19.45 -69.99
CA ASN H 206 -5.06 -19.88 -69.37
C ASN H 206 -6.26 -19.85 -70.32
N TYR H 207 -6.17 -19.15 -71.45
CA TYR H 207 -7.28 -19.09 -72.39
C TYR H 207 -6.73 -19.18 -73.81
N ASP H 208 -7.44 -19.90 -74.67
CA ASP H 208 -6.98 -20.11 -76.03
C ASP H 208 -7.03 -18.82 -76.84
N VAL H 209 -6.34 -18.83 -77.98
CA VAL H 209 -6.29 -17.67 -78.87
C VAL H 209 -7.62 -17.56 -79.60
N LYS H 210 -8.40 -16.53 -79.27
CA LYS H 210 -9.70 -16.32 -79.90
C LYS H 210 -9.59 -15.33 -81.04
N THR H 211 -9.33 -14.07 -80.72
CA THR H 211 -9.21 -13.03 -81.73
C THR H 211 -7.77 -12.94 -82.25
N LEU H 212 -7.62 -12.26 -83.38
CA LEU H 212 -6.31 -12.11 -83.99
C LEU H 212 -6.26 -10.83 -84.84
N ASN H 213 -7.19 -10.69 -85.77
CA ASN H 213 -7.25 -9.51 -86.63
C ASN H 213 -8.22 -8.48 -86.07
N THR I 2 37.25 -18.02 -13.88
CA THR I 2 36.21 -18.21 -12.86
C THR I 2 34.98 -17.37 -13.19
N PHE I 3 35.01 -16.10 -12.83
CA PHE I 3 33.91 -15.17 -13.07
C PHE I 3 34.44 -14.01 -13.93
N ALA I 4 34.05 -14.00 -15.20
CA ALA I 4 34.47 -12.98 -16.15
C ALA I 4 33.24 -12.24 -16.68
N LYS I 5 33.50 -11.11 -17.34
CA LYS I 5 32.45 -10.27 -17.93
C LYS I 5 32.80 -10.07 -19.40
N ILE I 6 32.36 -11.00 -20.24
CA ILE I 6 32.62 -10.93 -21.67
C ILE I 6 31.63 -9.95 -22.30
N LYS I 7 32.15 -9.02 -23.11
CA LYS I 7 31.34 -8.01 -23.77
C LYS I 7 31.45 -8.21 -25.27
N PHE I 8 30.30 -8.44 -25.93
CA PHE I 8 30.25 -8.63 -27.38
C PHE I 8 29.79 -7.31 -28.01
N SER I 9 30.75 -6.42 -28.23
CA SER I 9 30.46 -5.12 -28.82
C SER I 9 30.24 -5.27 -30.32
N ALA I 10 29.18 -4.64 -30.82
CA ALA I 10 28.84 -4.69 -32.24
C ALA I 10 28.13 -3.41 -32.62
N GLN I 11 27.97 -3.20 -33.94
CA GLN I 11 27.32 -2.03 -34.48
C GLN I 11 26.14 -2.49 -35.34
N ILE I 12 24.92 -2.21 -34.88
CA ILE I 12 23.71 -2.60 -35.60
C ILE I 12 23.47 -1.58 -36.71
N ARG I 13 23.68 -1.99 -37.96
CA ARG I 13 23.47 -1.13 -39.11
C ARG I 13 22.11 -1.47 -39.74
N LEU I 14 21.21 -0.50 -39.75
CA LEU I 14 19.87 -0.70 -40.29
C LEU I 14 19.92 -0.55 -41.81
N GLU I 15 19.86 -1.68 -42.51
CA GLU I 15 19.85 -1.66 -43.97
C GLU I 15 18.50 -1.21 -44.52
N THR I 16 17.45 -1.23 -43.69
CA THR I 16 16.13 -0.82 -44.12
C THR I 16 15.41 -0.19 -42.93
N GLY I 17 14.77 0.96 -43.17
CA GLY I 17 14.06 1.66 -42.12
C GLY I 17 12.86 0.89 -41.60
N LEU I 18 12.86 0.59 -40.31
CA LEU I 18 11.80 -0.16 -39.67
C LEU I 18 10.93 0.79 -38.83
N HIS I 19 9.99 0.22 -38.08
CA HIS I 19 9.08 0.98 -37.25
C HIS I 19 8.96 0.32 -35.89
N ILE I 20 8.91 1.14 -34.85
CA ILE I 20 8.77 0.68 -33.46
C ILE I 20 7.63 1.46 -32.83
N GLY I 21 6.61 0.75 -32.35
CA GLY I 21 5.47 1.40 -31.74
C GLY I 21 5.84 1.96 -30.37
N GLY I 22 5.81 3.28 -30.23
CA GLY I 22 6.13 3.95 -28.99
C GLY I 22 4.95 4.06 -28.06
N SER I 23 5.03 5.03 -27.16
CA SER I 23 3.98 5.29 -26.18
C SER I 23 2.93 6.18 -26.82
N ASP I 24 1.85 5.57 -27.31
CA ASP I 24 0.79 6.33 -27.95
C ASP I 24 -0.05 7.07 -26.91
N ALA I 25 -0.55 8.24 -27.30
CA ALA I 25 -1.39 9.08 -26.45
C ALA I 25 -0.67 9.41 -25.13
N PHE I 26 0.54 9.94 -25.26
CA PHE I 26 1.34 10.30 -24.09
C PHE I 26 2.36 11.37 -24.44
N ALA I 27 2.66 11.52 -25.74
CA ALA I 27 3.63 12.50 -26.19
C ALA I 27 3.00 13.90 -26.26
N ALA I 28 3.46 14.71 -27.21
CA ALA I 28 2.95 16.07 -27.35
C ALA I 28 1.71 16.09 -28.23
N ILE I 29 1.55 17.15 -29.03
CA ILE I 29 0.39 17.25 -29.90
C ILE I 29 0.50 16.31 -31.10
N GLY I 30 1.71 15.88 -31.44
CA GLY I 30 1.90 14.98 -32.56
C GLY I 30 1.87 13.52 -32.14
N ALA I 31 0.85 13.14 -31.38
CA ALA I 31 0.70 11.77 -30.91
C ALA I 31 0.07 10.85 -31.96
N ILE I 32 -0.22 11.35 -33.15
CA ILE I 32 -0.81 10.54 -34.21
C ILE I 32 0.28 10.05 -35.14
N ALA I 33 -0.11 9.45 -36.26
CA ALA I 33 0.81 8.95 -37.28
C ALA I 33 1.80 7.94 -36.69
N SER I 34 1.34 7.12 -35.74
CA SER I 34 2.13 6.10 -35.07
C SER I 34 3.37 6.72 -34.43
N PRO I 35 3.27 7.24 -33.21
CA PRO I 35 4.43 7.88 -32.58
C PRO I 35 5.50 6.85 -32.23
N VAL I 36 6.73 7.12 -32.63
CA VAL I 36 7.87 6.26 -32.37
C VAL I 36 8.55 6.72 -31.10
N ILE I 37 8.91 5.76 -30.23
CA ILE I 37 9.57 6.08 -28.98
C ILE I 37 10.96 6.64 -29.26
N LYS I 38 11.36 7.66 -28.50
CA LYS I 38 12.66 8.29 -28.68
C LYS I 38 13.34 8.48 -27.33
N ASP I 39 14.18 9.52 -27.24
CA ASP I 39 14.87 9.82 -25.98
C ASP I 39 14.01 10.71 -25.11
N PRO I 40 13.87 10.39 -23.81
CA PRO I 40 13.03 11.22 -22.93
C PRO I 40 13.60 12.60 -22.64
N ILE I 41 14.86 12.84 -22.98
CA ILE I 41 15.51 14.13 -22.74
C ILE I 41 15.80 14.85 -24.06
N THR I 42 16.48 14.19 -24.97
CA THR I 42 16.84 14.76 -26.26
C THR I 42 15.85 14.30 -27.32
N ASN I 43 16.25 14.37 -28.60
CA ASN I 43 15.40 13.96 -29.71
C ASN I 43 15.99 12.80 -30.51
N ILE I 44 17.14 12.28 -30.11
CA ILE I 44 17.79 11.19 -30.82
C ILE I 44 16.96 9.92 -30.63
N PRO I 45 16.46 9.30 -31.69
CA PRO I 45 15.67 8.07 -31.54
C PRO I 45 16.51 6.93 -31.01
N ILE I 46 16.00 6.27 -29.98
CA ILE I 46 16.68 5.13 -29.36
C ILE I 46 15.80 3.89 -29.54
N ILE I 47 16.45 2.75 -29.66
CA ILE I 47 15.76 1.47 -29.84
C ILE I 47 15.67 0.78 -28.48
N PRO I 48 14.50 0.26 -28.10
CA PRO I 48 14.38 -0.42 -26.81
C PRO I 48 15.02 -1.80 -26.84
N GLY I 49 15.37 -2.28 -25.66
CA GLY I 49 15.96 -3.61 -25.52
C GLY I 49 14.97 -4.73 -25.32
N SER I 50 13.69 -4.40 -25.07
CA SER I 50 12.69 -5.44 -24.89
C SER I 50 12.32 -6.11 -26.20
N SER I 51 12.42 -5.38 -27.32
CA SER I 51 12.12 -5.96 -28.62
C SER I 51 13.23 -6.86 -29.14
N LEU I 52 14.42 -6.81 -28.53
CA LEU I 52 15.53 -7.65 -28.95
C LEU I 52 15.58 -8.97 -28.18
N LYS I 53 15.28 -8.95 -26.89
CA LYS I 53 15.32 -10.17 -26.10
C LYS I 53 14.15 -11.09 -26.43
N GLY I 54 12.99 -10.52 -26.78
CA GLY I 54 11.84 -11.33 -27.13
C GLY I 54 11.89 -11.86 -28.54
N LYS I 55 12.55 -11.15 -29.46
CA LYS I 55 12.63 -11.60 -30.84
C LYS I 55 13.73 -12.64 -31.02
N MET I 56 14.86 -12.46 -30.35
CA MET I 56 15.96 -13.42 -30.46
C MET I 56 15.58 -14.77 -29.84
N ARG I 57 14.83 -14.74 -28.74
CA ARG I 57 14.40 -15.99 -28.11
C ARG I 57 13.32 -16.68 -28.93
N THR I 58 12.50 -15.91 -29.66
CA THR I 58 11.44 -16.51 -30.46
C THR I 58 12.02 -17.30 -31.62
N LEU I 59 12.97 -16.72 -32.35
CA LEU I 59 13.58 -17.41 -33.48
C LEU I 59 14.50 -18.54 -33.02
N LEU I 60 14.97 -18.50 -31.77
CA LEU I 60 15.84 -19.57 -31.27
C LEU I 60 15.04 -20.76 -30.76
N ALA I 61 13.82 -20.54 -30.28
CA ALA I 61 12.97 -21.59 -29.74
C ALA I 61 12.15 -22.29 -30.82
N LYS I 62 12.62 -22.30 -32.07
CA LYS I 62 11.91 -22.98 -33.15
C LYS I 62 12.83 -23.79 -34.05
N VAL I 63 14.08 -24.00 -33.65
CA VAL I 63 15.03 -24.78 -34.45
C VAL I 63 15.91 -25.61 -33.53
N TYR I 64 16.11 -25.13 -32.30
CA TYR I 64 16.90 -25.88 -31.32
C TYR I 64 15.99 -26.39 -30.20
N ASN I 65 14.98 -27.16 -30.54
CA ASN I 65 14.07 -27.72 -29.56
C ASN I 65 13.43 -28.98 -30.13
N GLU I 66 12.74 -29.72 -29.26
CA GLU I 66 12.06 -30.95 -29.64
C GLU I 66 10.61 -30.98 -29.19
N LYS I 67 10.05 -29.85 -28.77
CA LYS I 67 8.68 -29.78 -28.31
C LYS I 67 8.12 -28.39 -28.59
N VAL I 68 6.86 -28.34 -29.02
CA VAL I 68 6.22 -27.06 -29.30
C VAL I 68 6.01 -26.29 -28.01
N ALA I 69 6.49 -25.06 -27.96
CA ALA I 69 6.36 -24.24 -26.77
C ALA I 69 4.92 -23.78 -26.60
N GLU I 70 4.28 -24.25 -25.54
CA GLU I 70 2.89 -23.88 -25.25
C GLU I 70 2.79 -22.57 -24.49
N LYS I 71 3.68 -22.33 -23.54
CA LYS I 71 3.69 -21.12 -22.74
C LYS I 71 5.13 -20.63 -22.60
N PRO I 72 5.33 -19.32 -22.42
CA PRO I 72 6.69 -18.80 -22.27
C PRO I 72 7.36 -19.35 -21.02
N SER I 73 8.69 -19.18 -20.99
CA SER I 73 9.53 -19.66 -19.89
C SER I 73 9.39 -21.17 -19.68
N ASP I 74 9.12 -21.90 -20.76
CA ASP I 74 8.97 -23.35 -20.67
C ASP I 74 9.13 -23.99 -22.05
N ASP I 75 10.37 -24.12 -22.50
CA ASP I 75 10.64 -24.70 -23.82
C ASP I 75 12.05 -25.27 -23.84
N SER I 76 12.15 -26.59 -23.95
CA SER I 76 13.44 -27.30 -24.00
C SER I 76 14.21 -26.99 -22.71
N ASP I 77 15.55 -26.95 -22.80
CA ASP I 77 16.38 -26.67 -21.63
C ASP I 77 17.74 -26.13 -22.06
N ILE I 78 18.12 -26.38 -23.31
CA ILE I 78 19.41 -25.93 -23.80
C ILE I 78 19.44 -24.42 -24.02
N LEU I 79 18.27 -23.78 -24.14
CA LEU I 79 18.20 -22.34 -24.34
C LEU I 79 17.47 -21.63 -23.20
N SER I 80 16.97 -22.35 -22.21
CA SER I 80 16.27 -21.70 -21.10
C SER I 80 17.24 -20.99 -20.16
N ARG I 81 18.49 -21.45 -20.10
CA ARG I 81 19.49 -20.83 -19.23
C ARG I 81 20.13 -19.60 -19.86
N LEU I 82 19.85 -19.31 -21.12
CA LEU I 82 20.41 -18.14 -21.80
C LEU I 82 19.58 -16.89 -21.58
N PHE I 83 18.25 -17.02 -21.56
CA PHE I 83 17.35 -15.89 -21.38
C PHE I 83 16.69 -15.85 -20.01
N GLY I 84 16.50 -16.99 -19.37
CA GLY I 84 15.88 -17.06 -18.06
C GLY I 84 14.72 -18.04 -18.04
N ASN I 85 14.23 -18.28 -16.82
CA ASN I 85 13.12 -19.19 -16.61
C ASN I 85 12.40 -18.79 -15.34
N SER I 86 11.09 -18.58 -15.45
CA SER I 86 10.27 -18.18 -14.30
C SER I 86 9.61 -19.37 -13.61
N LYS I 87 9.64 -20.55 -14.20
CA LYS I 87 9.03 -21.74 -13.61
C LYS I 87 10.05 -22.78 -13.16
N ASP I 88 11.34 -22.52 -13.38
CA ASP I 88 12.38 -23.45 -12.98
C ASP I 88 12.88 -23.13 -11.58
N LYS I 89 13.32 -24.16 -10.87
CA LYS I 89 13.82 -24.01 -9.50
C LYS I 89 15.33 -24.12 -9.40
N ARG I 90 16.01 -24.55 -10.45
CA ARG I 90 17.47 -24.69 -10.43
C ARG I 90 18.17 -23.37 -10.76
N PHE I 91 17.81 -22.76 -11.90
CA PHE I 91 18.40 -21.50 -12.32
C PHE I 91 17.30 -20.47 -12.52
N LYS I 92 17.64 -19.21 -12.24
CA LYS I 92 16.69 -18.12 -12.39
C LYS I 92 17.25 -17.00 -13.26
N MET I 93 18.36 -16.41 -12.82
CA MET I 93 18.98 -15.33 -13.58
C MET I 93 19.66 -15.88 -14.83
N GLY I 94 19.47 -15.21 -15.96
CA GLY I 94 20.06 -15.61 -17.21
C GLY I 94 21.50 -15.18 -17.34
N ARG I 95 22.05 -15.39 -18.54
CA ARG I 95 23.42 -15.04 -18.85
C ARG I 95 23.53 -14.11 -20.05
N LEU I 96 22.44 -13.50 -20.48
CA LEU I 96 22.43 -12.59 -21.62
C LEU I 96 21.72 -11.31 -21.21
N ILE I 97 22.44 -10.18 -21.24
CA ILE I 97 21.90 -8.88 -20.87
C ILE I 97 22.13 -7.94 -22.04
N PHE I 98 21.04 -7.37 -22.57
CA PHE I 98 21.11 -6.45 -23.69
C PHE I 98 21.27 -5.02 -23.16
N ARG I 99 21.08 -4.04 -24.05
CA ARG I 99 21.22 -2.64 -23.68
C ARG I 99 20.46 -1.79 -24.70
N ASP I 100 19.78 -0.77 -24.20
CA ASP I 100 19.06 0.16 -25.07
C ASP I 100 20.06 0.96 -25.88
N ALA I 101 20.33 0.51 -27.11
CA ALA I 101 21.31 1.16 -27.95
C ALA I 101 20.79 2.52 -28.42
N PHE I 102 21.70 3.48 -28.53
CA PHE I 102 21.38 4.83 -29.00
C PHE I 102 22.04 5.07 -30.34
N LEU I 103 21.43 5.97 -31.12
CA LEU I 103 21.93 6.31 -32.45
C LEU I 103 23.22 7.12 -32.31
N SER I 104 24.35 6.44 -32.46
CA SER I 104 25.66 7.08 -32.38
C SER I 104 26.17 7.57 -33.72
N ASN I 105 25.31 7.63 -34.73
CA ASN I 105 25.68 8.09 -36.06
C ASN I 105 25.52 9.60 -36.23
N ALA I 106 25.34 10.33 -35.13
CA ALA I 106 25.16 11.78 -35.19
C ALA I 106 26.46 12.53 -35.45
N ASP I 107 27.61 11.83 -35.45
CA ASP I 107 28.88 12.50 -35.70
C ASP I 107 29.04 12.94 -37.16
N GLU I 108 28.35 12.27 -38.09
CA GLU I 108 28.42 12.63 -39.49
C GLU I 108 27.06 12.77 -40.15
N LEU I 109 25.96 12.59 -39.40
CA LEU I 109 24.63 12.73 -40.00
C LEU I 109 24.29 14.19 -40.23
N ASP I 110 24.73 15.09 -39.33
CA ASP I 110 24.45 16.50 -39.49
C ASP I 110 25.25 17.14 -40.63
N SER I 111 26.37 16.52 -41.02
CA SER I 111 27.17 17.08 -42.10
C SER I 111 26.47 16.97 -43.45
N LEU I 112 25.62 15.95 -43.62
CA LEU I 112 24.88 15.77 -44.86
C LEU I 112 23.64 16.64 -44.96
N GLY I 113 23.23 17.28 -43.86
CA GLY I 113 22.07 18.14 -43.86
C GLY I 113 20.77 17.39 -44.00
N VAL I 114 20.21 16.94 -42.88
CA VAL I 114 18.95 16.20 -42.87
C VAL I 114 17.85 17.10 -42.33
N ARG I 115 16.61 16.74 -42.66
CA ARG I 115 15.46 17.52 -42.21
C ARG I 115 15.08 17.17 -40.78
N SER I 116 14.81 15.88 -40.52
CA SER I 116 14.44 15.43 -39.19
C SER I 116 14.99 14.02 -38.99
N TYR I 117 14.89 13.56 -37.74
CA TYR I 117 15.37 12.22 -37.42
C TYR I 117 14.42 11.14 -37.90
N THR I 118 13.12 11.42 -37.89
CA THR I 118 12.10 10.46 -38.32
C THR I 118 11.14 11.15 -39.28
N GLU I 119 10.82 10.46 -40.38
CA GLU I 119 9.90 10.97 -41.38
C GLU I 119 8.55 10.26 -41.25
N VAL I 120 7.57 10.79 -41.98
CA VAL I 120 6.21 10.27 -41.97
C VAL I 120 5.91 9.68 -43.35
N LYS I 121 5.60 8.39 -43.38
CA LYS I 121 5.26 7.70 -44.62
C LYS I 121 3.75 7.53 -44.73
N PHE I 122 3.22 7.76 -45.92
CA PHE I 122 1.79 7.70 -46.17
C PHE I 122 1.44 6.37 -46.83
N GLU I 123 0.47 5.67 -46.26
CA GLU I 123 -0.02 4.40 -46.79
C GLU I 123 -1.53 4.37 -46.68
N ASN I 124 -2.13 3.33 -47.26
CA ASN I 124 -3.57 3.15 -47.22
C ASN I 124 -3.88 1.68 -47.47
N THR I 125 -5.15 1.39 -47.75
CA THR I 125 -5.57 0.02 -48.02
C THR I 125 -6.78 0.04 -48.96
N ILE I 126 -7.06 -1.11 -49.55
CA ILE I 126 -8.17 -1.27 -50.48
C ILE I 126 -9.14 -2.30 -49.90
N ASP I 127 -10.42 -1.94 -49.88
CA ASP I 127 -11.46 -2.82 -49.35
C ASP I 127 -11.91 -3.88 -50.35
N ARG I 128 -11.23 -3.97 -51.50
CA ARG I 128 -11.54 -4.96 -52.54
C ARG I 128 -12.98 -4.82 -53.05
N ILE I 129 -13.49 -3.59 -53.07
CA ILE I 129 -14.84 -3.33 -53.54
C ILE I 129 -14.95 -1.85 -53.94
N THR I 130 -14.01 -1.05 -53.46
CA THR I 130 -13.98 0.38 -53.74
C THR I 130 -12.54 0.81 -53.97
N ALA I 131 -12.35 2.11 -54.18
CA ALA I 131 -11.02 2.66 -54.42
C ALA I 131 -10.30 2.91 -53.10
N GLU I 132 -9.73 4.11 -52.94
CA GLU I 132 -9.01 4.44 -51.73
C GLU I 132 -9.96 4.63 -50.56
N ALA I 133 -9.63 4.04 -49.42
CA ALA I 133 -10.45 4.14 -48.22
C ALA I 133 -9.55 4.19 -47.00
N ASN I 134 -9.92 5.04 -46.04
CA ASN I 134 -9.20 5.22 -44.78
C ASN I 134 -7.74 5.61 -45.04
N PRO I 135 -7.48 6.88 -45.37
CA PRO I 135 -6.09 7.30 -45.60
C PRO I 135 -5.27 7.35 -44.31
N ARG I 136 -4.61 6.24 -43.99
CA ARG I 136 -3.83 6.16 -42.77
C ARG I 136 -2.43 6.73 -43.01
N GLN I 137 -1.58 6.64 -41.97
CA GLN I 137 -0.22 7.14 -42.05
C GLN I 137 0.60 6.51 -40.93
N ILE I 138 1.88 6.28 -41.19
CA ILE I 138 2.80 5.66 -40.26
C ILE I 138 4.02 6.57 -40.11
N GLU I 139 5.01 6.08 -39.36
CA GLU I 139 6.25 6.80 -39.11
C GLU I 139 7.40 5.81 -39.12
N ARG I 140 8.47 6.16 -39.84
CA ARG I 140 9.65 5.31 -39.98
C ARG I 140 10.88 6.10 -39.55
N ALA I 141 12.03 5.42 -39.59
CA ALA I 141 13.31 6.00 -39.21
C ALA I 141 14.18 6.19 -40.45
N ILE I 142 15.45 6.54 -40.25
CA ILE I 142 16.38 6.75 -41.32
C ILE I 142 16.97 5.42 -41.75
N ARG I 143 17.81 5.46 -42.78
CA ARG I 143 18.46 4.26 -43.33
C ARG I 143 19.97 4.37 -43.14
N ASN I 144 20.60 3.21 -42.94
CA ASN I 144 22.05 3.11 -42.75
C ASN I 144 22.49 3.92 -41.53
N SER I 145 22.04 3.47 -40.36
CA SER I 145 22.37 4.10 -39.09
C SER I 145 22.95 3.06 -38.14
N THR I 146 24.01 3.44 -37.42
CA THR I 146 24.67 2.54 -36.51
C THR I 146 24.09 2.68 -35.10
N PHE I 147 24.34 1.66 -34.28
CA PHE I 147 23.86 1.63 -32.90
C PHE I 147 24.88 0.90 -32.05
N ASP I 148 25.23 1.49 -30.91
CA ASP I 148 26.19 0.89 -29.99
C ASP I 148 25.50 -0.22 -29.20
N PHE I 149 25.64 -1.45 -29.68
CA PHE I 149 25.04 -2.62 -29.04
C PHE I 149 26.11 -3.37 -28.27
N GLU I 150 25.90 -3.52 -26.95
CA GLU I 150 26.83 -4.22 -26.08
C GLU I 150 26.11 -5.40 -25.43
N LEU I 151 26.69 -6.58 -25.56
CA LEU I 151 26.13 -7.80 -24.99
C LEU I 151 26.91 -8.16 -23.72
N ILE I 152 26.26 -8.01 -22.57
CA ILE I 152 26.89 -8.33 -21.30
C ILE I 152 26.76 -9.83 -21.07
N TYR I 153 27.87 -10.55 -21.18
CA TYR I 153 27.90 -11.99 -21.00
C TYR I 153 28.77 -12.35 -19.80
N GLU I 154 28.30 -13.28 -18.99
CA GLU I 154 29.02 -13.71 -17.80
C GLU I 154 28.68 -15.16 -17.50
N ILE I 155 29.61 -15.86 -16.86
CA ILE I 155 29.43 -17.25 -16.49
C ILE I 155 29.34 -17.34 -14.97
N THR I 156 28.77 -18.44 -14.51
CA THR I 156 28.58 -18.71 -13.08
C THR I 156 29.64 -19.64 -12.52
N ASP I 157 30.86 -19.56 -13.04
CA ASP I 157 32.00 -20.36 -12.57
C ASP I 157 31.77 -21.85 -12.79
N GLU I 158 30.71 -22.39 -12.18
CA GLU I 158 30.43 -23.82 -12.32
C GLU I 158 30.14 -24.19 -13.77
N ASN I 159 29.50 -23.30 -14.52
CA ASN I 159 29.19 -23.56 -15.93
C ASN I 159 30.38 -23.17 -16.81
N GLU I 160 31.48 -23.88 -16.60
CA GLU I 160 32.72 -23.64 -17.34
C GLU I 160 32.95 -24.66 -18.45
N ASN I 161 32.42 -25.87 -18.31
CA ASN I 161 32.59 -26.89 -19.34
C ASN I 161 31.64 -26.72 -20.52
N GLN I 162 30.75 -25.73 -20.48
CA GLN I 162 29.88 -25.46 -21.62
C GLN I 162 30.04 -24.02 -22.10
N VAL I 163 31.27 -23.62 -22.39
CA VAL I 163 31.54 -22.29 -22.89
C VAL I 163 31.56 -22.26 -24.42
N GLU I 164 32.28 -23.21 -25.04
CA GLU I 164 32.32 -23.26 -26.49
C GLU I 164 30.98 -23.67 -27.08
N GLU I 165 30.17 -24.42 -26.33
CA GLU I 165 28.85 -24.81 -26.82
C GLU I 165 27.89 -23.63 -26.84
N ASP I 166 28.08 -22.65 -25.94
CA ASP I 166 27.23 -21.48 -25.90
C ASP I 166 27.61 -20.44 -26.93
N PHE I 167 28.85 -20.45 -27.42
CA PHE I 167 29.27 -19.46 -28.40
C PHE I 167 28.63 -19.71 -29.76
N LYS I 168 28.44 -20.99 -30.13
CA LYS I 168 27.81 -21.29 -31.40
C LYS I 168 26.31 -21.01 -31.39
N VAL I 169 25.71 -20.88 -30.21
CA VAL I 169 24.29 -20.55 -30.14
C VAL I 169 24.07 -19.05 -30.28
N ILE I 170 24.93 -18.24 -29.67
CA ILE I 170 24.81 -16.80 -29.78
C ILE I 170 25.12 -16.34 -31.21
N ARG I 171 26.14 -16.93 -31.82
CA ARG I 171 26.50 -16.56 -33.19
C ARG I 171 25.41 -16.96 -34.17
N ASP I 172 24.76 -18.11 -33.94
CA ASP I 172 23.69 -18.54 -34.82
C ASP I 172 22.44 -17.70 -34.64
N GLY I 173 22.22 -17.17 -33.44
CA GLY I 173 21.05 -16.33 -33.21
C GLY I 173 21.20 -14.95 -33.81
N LEU I 174 22.41 -14.40 -33.79
CA LEU I 174 22.64 -13.07 -34.34
C LEU I 174 22.66 -13.10 -35.87
N LYS I 175 23.17 -14.18 -36.46
CA LYS I 175 23.20 -14.28 -37.91
C LYS I 175 21.81 -14.55 -38.47
N LEU I 176 21.01 -15.35 -37.76
CA LEU I 176 19.65 -15.63 -38.22
C LEU I 176 18.74 -14.43 -38.04
N LEU I 177 19.03 -13.57 -37.07
CA LEU I 177 18.22 -12.38 -36.85
C LEU I 177 18.36 -11.39 -38.00
N GLU I 178 19.49 -11.41 -38.71
CA GLU I 178 19.68 -10.49 -39.83
C GLU I 178 18.75 -10.80 -40.98
N LEU I 179 18.26 -12.05 -41.08
CA LEU I 179 17.35 -12.45 -42.14
C LEU I 179 15.89 -12.42 -41.68
N ASP I 180 15.54 -11.47 -40.81
CA ASP I 180 14.18 -11.36 -40.31
C ASP I 180 13.94 -9.93 -39.86
N TYR I 181 12.69 -9.49 -39.95
CA TYR I 181 12.35 -8.13 -39.57
C TYR I 181 12.40 -7.97 -38.05
N LEU I 182 12.81 -6.78 -37.62
CA LEU I 182 12.95 -6.46 -36.21
C LEU I 182 12.14 -5.21 -35.89
N GLY I 183 11.44 -5.22 -34.76
CA GLY I 183 10.65 -4.08 -34.35
C GLY I 183 9.16 -4.31 -34.50
N GLY I 184 8.55 -3.64 -35.47
CA GLY I 184 7.13 -3.77 -35.69
C GLY I 184 6.76 -3.40 -37.11
N SER I 185 5.66 -3.97 -37.60
CA SER I 185 5.16 -3.73 -38.95
C SER I 185 6.23 -4.03 -40.01
N GLY I 186 6.95 -5.12 -39.81
CA GLY I 186 8.01 -5.54 -40.72
C GLY I 186 7.60 -6.57 -41.75
N SER I 187 6.29 -6.81 -41.92
CA SER I 187 5.85 -7.80 -42.91
C SER I 187 5.97 -7.27 -44.33
N ARG I 188 5.92 -5.96 -44.52
CA ARG I 188 6.03 -5.34 -45.83
C ARG I 188 7.47 -5.12 -46.27
N GLY I 189 8.44 -5.38 -45.40
CA GLY I 189 9.84 -5.20 -45.74
C GLY I 189 10.45 -3.96 -45.14
N TYR I 190 10.36 -3.83 -43.82
CA TYR I 190 10.91 -2.69 -43.10
C TYR I 190 12.05 -3.04 -42.16
N GLY I 191 12.04 -4.22 -41.56
CA GLY I 191 13.08 -4.60 -40.62
C GLY I 191 14.37 -5.05 -41.29
N LYS I 192 14.76 -6.29 -41.05
CA LYS I 192 15.99 -6.88 -41.60
C LYS I 192 17.21 -6.06 -41.21
N VAL I 193 17.78 -6.36 -40.04
CA VAL I 193 18.94 -5.64 -39.53
C VAL I 193 20.20 -6.29 -40.07
N ALA I 194 21.36 -5.75 -39.68
CA ALA I 194 22.65 -6.29 -40.11
C ALA I 194 23.69 -5.91 -39.08
N PHE I 195 24.20 -6.90 -38.36
CA PHE I 195 25.22 -6.67 -37.33
C PHE I 195 26.57 -6.43 -38.01
N GLU I 196 27.12 -5.24 -37.83
CA GLU I 196 28.39 -4.87 -38.42
C GLU I 196 29.47 -4.79 -37.34
N LYS I 197 30.67 -5.24 -37.68
CA LYS I 197 31.83 -5.25 -36.78
C LYS I 197 31.51 -6.03 -35.50
N LEU I 198 31.41 -7.35 -35.68
CA LEU I 198 31.13 -8.27 -34.59
C LEU I 198 32.45 -8.71 -33.96
N LYS I 199 32.75 -8.17 -32.78
CA LYS I 199 33.98 -8.50 -32.07
C LYS I 199 33.66 -8.74 -30.60
N ALA I 200 34.66 -9.21 -29.87
CA ALA I 200 34.51 -9.49 -28.45
C ALA I 200 35.72 -8.96 -27.70
N THR I 201 35.51 -8.63 -26.43
CA THR I 201 36.58 -8.11 -25.58
C THR I 201 36.28 -8.47 -24.14
N THR I 202 37.30 -8.31 -23.28
CA THR I 202 37.19 -8.62 -21.87
C THR I 202 37.38 -7.35 -21.05
N VAL I 203 36.41 -7.05 -20.20
CA VAL I 203 36.46 -5.87 -19.36
C VAL I 203 36.96 -6.20 -17.96
N PHE I 204 36.38 -7.22 -17.31
CA PHE I 204 36.82 -7.60 -15.97
C PHE I 204 38.18 -8.26 -16.01
N GLY I 205 38.47 -9.02 -17.07
CA GLY I 205 39.75 -9.70 -17.20
C GLY I 205 39.85 -10.93 -16.32
N ASN I 206 39.29 -12.05 -16.77
CA ASN I 206 39.35 -13.29 -16.02
C ASN I 206 39.29 -14.49 -16.96
N TYR I 207 38.98 -14.24 -18.23
CA TYR I 207 38.90 -15.30 -19.23
C TYR I 207 39.64 -14.86 -20.49
N ASP I 208 40.28 -15.81 -21.17
CA ASP I 208 41.08 -15.50 -22.33
C ASP I 208 40.19 -15.10 -23.51
N VAL I 209 40.83 -14.54 -24.54
CA VAL I 209 40.15 -14.11 -25.75
C VAL I 209 40.40 -15.16 -26.83
N LYS I 210 39.34 -15.84 -27.24
CA LYS I 210 39.43 -16.87 -28.28
C LYS I 210 38.55 -16.57 -29.48
N THR I 211 37.27 -16.34 -29.26
CA THR I 211 36.35 -16.05 -30.36
C THR I 211 36.47 -14.58 -30.78
N LEU I 212 35.92 -14.29 -31.96
CA LEU I 212 35.96 -12.93 -32.50
C LEU I 212 34.78 -12.69 -33.43
N ASN I 213 34.81 -13.30 -34.61
CA ASN I 213 33.73 -13.14 -35.59
C ASN I 213 32.72 -14.28 -35.46
N THR J 2 28.63 28.73 38.90
CA THR J 2 28.44 27.80 40.00
C THR J 2 27.40 26.74 39.66
N PHE J 3 26.24 27.18 39.19
CA PHE J 3 25.16 26.27 38.82
C PHE J 3 24.26 26.96 37.81
N ALA J 4 24.11 26.37 36.63
CA ALA J 4 23.28 26.93 35.58
C ALA J 4 22.82 25.80 34.67
N LYS J 5 21.82 26.11 33.83
CA LYS J 5 21.26 25.17 32.87
C LYS J 5 21.64 25.62 31.47
N ILE J 6 22.50 24.84 30.82
CA ILE J 6 22.95 25.15 29.45
C ILE J 6 22.04 24.39 28.49
N LYS J 7 21.23 25.13 27.74
CA LYS J 7 20.28 24.56 26.79
C LYS J 7 20.81 24.72 25.37
N PHE J 8 20.92 23.61 24.65
CA PHE J 8 21.39 23.61 23.27
C PHE J 8 20.18 23.44 22.36
N SER J 9 19.52 24.57 22.07
CA SER J 9 18.34 24.55 21.21
C SER J 9 18.76 24.37 19.75
N ALA J 10 18.28 23.31 19.12
CA ALA J 10 18.59 23.02 17.73
C ALA J 10 17.36 22.45 17.04
N GLN J 11 17.46 22.30 15.72
CA GLN J 11 16.38 21.76 14.90
C GLN J 11 16.92 20.56 14.14
N ILE J 12 16.38 19.38 14.44
CA ILE J 12 16.80 18.13 13.79
C ILE J 12 16.05 18.05 12.46
N ARG J 13 16.77 18.27 11.36
CA ARG J 13 16.21 18.21 10.01
C ARG J 13 16.54 16.85 9.40
N LEU J 14 15.50 16.07 9.11
CA LEU J 14 15.67 14.74 8.55
C LEU J 14 15.98 14.85 7.07
N GLU J 15 17.22 14.54 6.69
CA GLU J 15 17.59 14.55 5.27
C GLU J 15 17.25 13.24 4.58
N THR J 16 16.92 12.19 5.33
CA THR J 16 16.57 10.91 4.76
C THR J 16 15.58 10.21 5.69
N GLY J 17 14.51 9.66 5.13
CA GLY J 17 13.50 8.99 5.91
C GLY J 17 14.02 7.74 6.59
N LEU J 18 13.83 7.66 7.91
CA LEU J 18 14.30 6.53 8.70
C LEU J 18 13.10 5.74 9.23
N HIS J 19 13.39 4.74 10.06
CA HIS J 19 12.37 3.89 10.64
C HIS J 19 12.73 3.55 12.08
N ILE J 20 11.74 3.62 12.97
CA ILE J 20 11.93 3.32 14.39
C ILE J 20 10.84 2.34 14.81
N GLY J 21 11.27 1.16 15.27
CA GLY J 21 10.33 0.15 15.70
C GLY J 21 9.90 0.32 17.15
N GLY J 22 8.71 -0.20 17.45
CA GLY J 22 8.18 -0.12 18.79
C GLY J 22 7.50 -1.40 19.25
N SER J 23 6.27 -1.28 19.72
CA SER J 23 5.51 -2.43 20.18
C SER J 23 4.66 -3.00 19.04
N ASP J 24 4.51 -4.32 19.05
CA ASP J 24 3.72 -5.00 18.03
C ASP J 24 2.23 -4.75 18.26
N ALA J 25 1.53 -4.41 17.18
CA ALA J 25 0.10 -4.13 17.23
C ALA J 25 -0.22 -3.00 18.21
N PHE J 26 0.52 -1.91 18.12
CA PHE J 26 0.33 -0.77 19.00
C PHE J 26 0.44 0.52 18.19
N ALA J 27 -0.30 1.54 18.63
CA ALA J 27 -0.33 2.85 17.99
C ALA J 27 -0.74 2.75 16.51
N ALA J 28 -1.53 1.74 16.18
CA ALA J 28 -1.98 1.56 14.80
C ALA J 28 -3.25 0.72 14.81
N ILE J 29 -3.51 0.00 13.72
CA ILE J 29 -4.68 -0.88 13.64
C ILE J 29 -4.33 -2.29 13.20
N GLY J 30 -3.25 -2.50 12.46
CA GLY J 30 -2.88 -3.84 12.04
C GLY J 30 -1.43 -4.12 12.35
N ALA J 31 -1.17 -5.35 12.78
CA ALA J 31 0.19 -5.78 13.13
C ALA J 31 0.88 -6.30 11.87
N ILE J 32 1.18 -5.36 10.96
CA ILE J 32 1.81 -5.68 9.69
C ILE J 32 2.49 -4.43 9.17
N ALA J 33 3.45 -4.60 8.26
CA ALA J 33 4.18 -3.50 7.62
C ALA J 33 4.95 -2.67 8.64
N SER J 34 5.28 -3.27 9.79
CA SER J 34 6.05 -2.64 10.86
C SER J 34 5.38 -1.35 11.33
N PRO J 35 4.47 -1.43 12.32
CA PRO J 35 3.80 -0.22 12.79
C PRO J 35 4.77 0.71 13.50
N VAL J 36 4.84 1.96 13.04
CA VAL J 36 5.74 2.95 13.62
C VAL J 36 5.06 3.57 14.83
N ILE J 37 5.82 3.70 15.93
CA ILE J 37 5.28 4.31 17.14
C ILE J 37 5.04 5.79 16.91
N LYS J 38 3.94 6.30 17.45
CA LYS J 38 3.57 7.70 17.28
C LYS J 38 3.11 8.31 18.59
N ASP J 39 2.17 9.26 18.52
CA ASP J 39 1.62 9.92 19.69
C ASP J 39 0.25 9.36 20.02
N PRO J 40 -0.03 9.08 21.31
CA PRO J 40 -1.33 8.50 21.66
C PRO J 40 -2.49 9.47 21.54
N ILE J 41 -2.24 10.78 21.58
CA ILE J 41 -3.31 11.77 21.48
C ILE J 41 -3.58 12.09 20.02
N THR J 42 -2.66 12.79 19.38
CA THR J 42 -2.81 13.18 17.98
C THR J 42 -2.01 12.24 17.08
N ASN J 43 -2.31 12.31 15.78
CA ASN J 43 -1.63 11.47 14.79
C ASN J 43 -0.39 12.20 14.26
N ILE J 44 0.57 12.36 15.15
CA ILE J 44 1.83 13.04 14.85
C ILE J 44 2.97 12.05 15.10
N PRO J 45 3.72 11.63 14.09
CA PRO J 45 4.83 10.70 14.32
C PRO J 45 5.93 11.32 15.16
N ILE J 46 5.85 11.16 16.47
CA ILE J 46 6.84 11.70 17.39
C ILE J 46 7.93 10.65 17.60
N ILE J 47 9.13 11.13 17.92
CA ILE J 47 10.29 10.28 18.16
C ILE J 47 10.55 10.22 19.66
N PRO J 48 10.76 9.05 20.25
CA PRO J 48 11.04 8.98 21.69
C PRO J 48 12.44 9.42 22.01
N GLY J 49 12.62 9.86 23.25
CA GLY J 49 13.92 10.31 23.71
C GLY J 49 14.90 9.20 24.08
N SER J 50 14.40 7.97 24.22
CA SER J 50 15.27 6.85 24.57
C SER J 50 16.14 6.39 23.41
N SER J 51 15.73 6.68 22.17
CA SER J 51 16.53 6.27 21.02
C SER J 51 17.80 7.09 20.89
N LEU J 52 17.77 8.37 21.32
CA LEU J 52 18.94 9.22 21.25
C LEU J 52 19.91 8.97 22.40
N LYS J 53 19.48 8.29 23.46
CA LYS J 53 20.35 8.03 24.60
C LYS J 53 21.21 6.80 24.36
N GLY J 54 20.63 5.74 23.80
CA GLY J 54 21.38 4.52 23.55
C GLY J 54 22.23 4.55 22.29
N LYS J 55 21.98 5.49 21.39
CA LYS J 55 22.74 5.59 20.15
C LYS J 55 23.91 6.56 20.27
N MET J 56 23.71 7.69 20.94
CA MET J 56 24.79 8.66 21.09
C MET J 56 25.88 8.13 22.01
N ARG J 57 25.49 7.39 23.06
CA ARG J 57 26.48 6.83 23.98
C ARG J 57 27.25 5.68 23.34
N THR J 58 26.60 4.92 22.45
CA THR J 58 27.29 3.82 21.79
C THR J 58 28.36 4.32 20.83
N LEU J 59 28.05 5.33 20.03
CA LEU J 59 29.01 5.89 19.10
C LEU J 59 30.09 6.71 19.81
N LEU J 60 29.86 7.10 21.06
CA LEU J 60 30.86 7.87 21.79
C LEU J 60 31.89 6.96 22.45
N ALA J 61 31.53 5.71 22.74
CA ALA J 61 32.43 4.76 23.38
C ALA J 61 33.37 4.07 22.40
N LYS J 62 33.61 4.67 21.23
CA LYS J 62 34.50 4.09 20.24
C LYS J 62 35.44 5.13 19.63
N VAL J 63 35.44 6.36 20.14
CA VAL J 63 36.30 7.41 19.62
C VAL J 63 37.00 8.10 20.79
N TYR J 64 36.38 8.05 21.98
CA TYR J 64 36.95 8.62 23.21
C TYR J 64 36.62 7.66 24.36
N ASN J 65 37.45 6.62 24.51
CA ASN J 65 37.25 5.63 25.56
C ASN J 65 38.61 5.13 26.02
N GLU J 66 38.61 4.51 27.21
CA GLU J 66 39.82 3.95 27.78
C GLU J 66 39.64 2.51 28.27
N LYS J 67 38.53 1.86 27.94
CA LYS J 67 38.26 0.50 28.37
C LYS J 67 37.39 -0.19 27.34
N VAL J 68 37.57 -1.50 27.20
CA VAL J 68 36.79 -2.27 26.25
C VAL J 68 35.32 -2.25 26.67
N ALA J 69 34.46 -1.71 25.82
CA ALA J 69 33.04 -1.60 26.12
C ALA J 69 32.35 -2.95 26.05
N GLU J 70 32.25 -3.63 27.19
CA GLU J 70 31.58 -4.92 27.27
C GLU J 70 30.14 -4.81 27.73
N LYS J 71 29.82 -3.82 28.57
CA LYS J 71 28.46 -3.62 29.05
C LYS J 71 28.29 -2.15 29.41
N PRO J 72 27.09 -1.61 29.32
CA PRO J 72 26.88 -0.19 29.65
C PRO J 72 27.16 0.09 31.12
N SER J 73 27.34 1.37 31.43
CA SER J 73 27.64 1.84 32.78
C SER J 73 28.90 1.18 33.33
N ASP J 74 29.89 0.98 32.47
CA ASP J 74 31.14 0.36 32.87
C ASP J 74 32.25 0.68 31.87
N ASP J 75 31.87 1.10 30.66
CA ASP J 75 32.83 1.41 29.61
C ASP J 75 33.58 2.70 29.96
N SER J 76 34.84 2.55 30.35
CA SER J 76 35.73 3.67 30.69
C SER J 76 35.10 4.47 31.83
N ASP J 77 35.39 5.77 31.89
CA ASP J 77 34.85 6.63 32.94
C ASP J 77 34.83 8.08 32.49
N ILE J 78 35.60 8.40 31.46
CA ILE J 78 35.66 9.77 30.97
C ILE J 78 34.37 10.18 30.26
N LEU J 79 33.57 9.21 29.83
CA LEU J 79 32.31 9.49 29.15
C LEU J 79 31.09 8.99 29.90
N SER J 80 31.26 8.29 31.02
CA SER J 80 30.12 7.78 31.77
C SER J 80 29.42 8.86 32.58
N ARG J 81 30.06 10.01 32.77
CA ARG J 81 29.47 11.11 33.54
C ARG J 81 28.49 11.95 32.71
N LEU J 82 28.26 11.60 31.45
CA LEU J 82 27.33 12.32 30.60
C LEU J 82 25.98 11.62 30.48
N PHE J 83 25.80 10.46 31.11
CA PHE J 83 24.55 9.73 31.03
C PHE J 83 24.18 9.13 32.39
N GLY J 84 24.98 8.18 32.86
CA GLY J 84 24.71 7.55 34.14
C GLY J 84 25.64 6.39 34.37
N ASN J 85 25.68 5.95 35.63
CA ASN J 85 26.54 4.83 36.03
C ASN J 85 25.96 4.22 37.30
N SER J 86 25.72 2.92 37.28
CA SER J 86 25.17 2.23 38.44
C SER J 86 26.24 1.58 39.31
N LYS J 87 27.44 1.34 38.78
CA LYS J 87 28.51 0.73 39.54
C LYS J 87 29.37 1.77 40.25
N ASP J 88 29.70 2.87 39.56
CA ASP J 88 30.51 3.91 40.17
C ASP J 88 29.67 4.72 41.15
N LYS J 89 30.30 5.14 42.24
CA LYS J 89 29.63 5.90 43.29
C LYS J 89 30.10 7.34 43.39
N ARG J 90 31.05 7.76 42.54
CA ARG J 90 31.49 9.15 42.57
C ARG J 90 30.42 10.08 42.01
N PHE J 91 29.53 9.57 41.16
CA PHE J 91 28.45 10.35 40.60
C PHE J 91 27.25 9.43 40.36
N LYS J 92 26.05 9.94 40.63
CA LYS J 92 24.84 9.13 40.49
C LYS J 92 24.44 9.02 39.02
N MET J 93 23.95 10.12 38.45
CA MET J 93 23.52 10.17 37.06
C MET J 93 24.49 11.02 36.24
N GLY J 94 24.06 11.39 35.03
CA GLY J 94 24.86 12.21 34.15
C GLY J 94 24.51 13.68 34.24
N ARG J 95 24.88 14.41 33.19
CA ARG J 95 24.64 15.84 33.10
C ARG J 95 23.91 16.23 31.81
N LEU J 96 23.28 15.26 31.15
CA LEU J 96 22.55 15.51 29.91
C LEU J 96 21.17 14.90 30.02
N ILE J 97 20.14 15.70 29.71
CA ILE J 97 18.75 15.27 29.79
C ILE J 97 18.11 15.53 28.43
N PHE J 98 17.53 14.48 27.84
CA PHE J 98 16.90 14.59 26.53
C PHE J 98 15.41 14.90 26.70
N ARG J 99 14.68 14.90 25.59
CA ARG J 99 13.25 15.17 25.61
C ARG J 99 12.62 14.59 24.35
N ASP J 100 11.39 14.09 24.48
CA ASP J 100 10.66 13.53 23.36
C ASP J 100 10.34 14.65 22.36
N ALA J 101 11.14 14.74 21.30
CA ALA J 101 10.94 15.79 20.31
C ALA J 101 9.70 15.49 19.47
N PHE J 102 8.89 16.52 19.23
CA PHE J 102 7.68 16.40 18.44
C PHE J 102 7.86 17.10 17.09
N LEU J 103 7.08 16.65 16.11
CA LEU J 103 7.14 17.22 14.77
C LEU J 103 6.46 18.58 14.77
N SER J 104 7.26 19.65 14.67
CA SER J 104 6.76 21.00 14.63
C SER J 104 6.69 21.58 13.23
N ASN J 105 6.85 20.75 12.21
CA ASN J 105 6.82 21.18 10.81
C ASN J 105 5.41 21.13 10.22
N ALA J 106 4.38 20.94 11.04
CA ALA J 106 3.01 20.88 10.57
C ALA J 106 2.40 22.24 10.31
N ASP J 107 3.13 23.33 10.60
CA ASP J 107 2.59 24.66 10.35
C ASP J 107 2.57 25.01 8.87
N GLU J 108 3.47 24.41 8.08
CA GLU J 108 3.53 24.67 6.65
C GLU J 108 3.40 23.41 5.81
N LEU J 109 3.37 22.22 6.41
CA LEU J 109 3.24 21.00 5.64
C LEU J 109 1.83 20.82 5.09
N ASP J 110 0.82 21.27 5.83
CA ASP J 110 -0.56 21.13 5.38
C ASP J 110 -0.88 22.03 4.19
N SER J 111 -0.11 23.10 4.00
CA SER J 111 -0.37 24.00 2.87
C SER J 111 -0.02 23.34 1.53
N LEU J 112 0.93 22.40 1.54
CA LEU J 112 1.31 21.73 0.31
C LEU J 112 0.27 20.71 -0.15
N GLY J 113 -0.51 20.15 0.77
CA GLY J 113 -1.51 19.18 0.41
C GLY J 113 -0.99 17.76 0.39
N VAL J 114 -0.85 17.15 1.57
CA VAL J 114 -0.36 15.79 1.69
C VAL J 114 -1.48 14.89 2.20
N ARG J 115 -1.30 13.58 2.01
CA ARG J 115 -2.29 12.61 2.45
C ARG J 115 -2.01 12.15 3.87
N SER J 116 -0.94 11.37 4.05
CA SER J 116 -0.57 10.85 5.36
C SER J 116 0.88 11.25 5.67
N TYR J 117 1.25 11.12 6.94
CA TYR J 117 2.60 11.46 7.37
C TYR J 117 3.59 10.33 7.15
N THR J 118 3.12 9.09 7.02
CA THR J 118 3.99 7.94 6.80
C THR J 118 3.53 7.18 5.56
N GLU J 119 4.47 6.47 4.94
CA GLU J 119 4.21 5.68 3.75
C GLU J 119 4.72 4.26 3.97
N VAL J 120 4.27 3.36 3.10
CA VAL J 120 4.64 1.95 3.16
C VAL J 120 5.62 1.66 2.03
N LYS J 121 6.77 1.09 2.37
CA LYS J 121 7.80 0.73 1.41
C LYS J 121 7.87 -0.78 1.26
N PHE J 122 8.02 -1.24 0.02
CA PHE J 122 8.06 -2.66 -0.28
C PHE J 122 9.50 -3.11 -0.47
N GLU J 123 9.91 -4.13 0.27
CA GLU J 123 11.25 -4.69 0.18
C GLU J 123 11.15 -6.21 0.21
N ASN J 124 12.26 -6.86 -0.14
CA ASN J 124 12.32 -8.32 -0.18
C ASN J 124 13.78 -8.75 -0.03
N THR J 125 14.04 -10.03 -0.27
CA THR J 125 15.39 -10.56 -0.20
C THR J 125 15.48 -11.80 -1.08
N ILE J 126 16.72 -12.19 -1.38
CA ILE J 126 17.00 -13.35 -2.21
C ILE J 126 17.72 -14.38 -1.36
N ASP J 127 17.24 -15.62 -1.38
CA ASP J 127 17.84 -16.71 -0.62
C ASP J 127 19.06 -17.31 -1.31
N ARG J 128 19.51 -16.71 -2.41
CA ARG J 128 20.70 -17.15 -3.14
C ARG J 128 20.56 -18.59 -3.65
N ILE J 129 19.33 -19.02 -3.91
CA ILE J 129 19.06 -20.35 -4.41
C ILE J 129 17.68 -20.38 -5.07
N THR J 130 16.87 -19.36 -4.78
CA THR J 130 15.52 -19.26 -5.33
C THR J 130 15.29 -17.82 -5.78
N ALA J 131 14.07 -17.53 -6.19
CA ALA J 131 13.72 -16.20 -6.66
C ALA J 131 13.42 -15.27 -5.48
N GLU J 132 12.29 -14.57 -5.54
CA GLU J 132 11.91 -13.65 -4.47
C GLU J 132 11.55 -14.44 -3.22
N ALA J 133 12.20 -14.12 -2.11
CA ALA J 133 11.99 -14.80 -0.84
C ALA J 133 11.40 -13.83 0.17
N ASN J 134 10.20 -14.15 0.67
CA ASN J 134 9.51 -13.38 1.69
C ASN J 134 9.31 -11.93 1.25
N PRO J 135 8.34 -11.65 0.38
CA PRO J 135 8.04 -10.26 0.03
C PRO J 135 7.51 -9.47 1.21
N ARG J 136 8.42 -8.91 2.01
CA ARG J 136 8.03 -8.20 3.22
C ARG J 136 7.65 -6.75 2.88
N GLN J 137 7.43 -5.95 3.90
CA GLN J 137 7.07 -4.54 3.73
C GLN J 137 7.32 -3.81 5.03
N ILE J 138 7.75 -2.55 4.92
CA ILE J 138 8.06 -1.71 6.07
C ILE J 138 7.28 -0.40 5.95
N GLU J 139 7.47 0.46 6.94
CA GLU J 139 6.81 1.77 6.99
C GLU J 139 7.84 2.82 7.36
N ARG J 140 8.01 3.81 6.49
CA ARG J 140 8.96 4.89 6.71
C ARG J 140 8.23 6.21 6.91
N ALA J 141 9.00 7.24 7.26
CA ALA J 141 8.47 8.57 7.49
C ALA J 141 8.86 9.47 6.31
N ILE J 142 8.66 10.78 6.47
CA ILE J 142 8.98 11.75 5.43
C ILE J 142 10.26 12.48 5.82
N ARG J 143 10.87 13.12 4.83
CA ARG J 143 12.10 13.88 5.02
C ARG J 143 11.79 15.37 5.04
N ASN J 144 12.84 16.17 5.22
CA ASN J 144 12.72 17.63 5.30
C ASN J 144 11.75 18.06 6.41
N SER J 145 11.85 17.39 7.55
CA SER J 145 11.00 17.68 8.71
C SER J 145 11.87 18.09 9.88
N THR J 146 11.43 19.11 10.61
CA THR J 146 12.16 19.64 11.75
C THR J 146 11.62 19.06 13.06
N PHE J 147 12.43 19.15 14.10
CA PHE J 147 12.06 18.65 15.41
C PHE J 147 12.66 19.56 16.47
N ASP J 148 11.92 19.77 17.55
CA ASP J 148 12.37 20.62 18.65
C ASP J 148 13.16 19.77 19.64
N PHE J 149 14.48 19.77 19.50
CA PHE J 149 15.38 19.01 20.36
C PHE J 149 15.88 19.90 21.48
N GLU J 150 15.88 19.38 22.71
CA GLU J 150 16.33 20.11 23.89
C GLU J 150 17.48 19.34 24.53
N LEU J 151 18.62 19.99 24.66
CA LEU J 151 19.81 19.41 25.27
C LEU J 151 20.18 20.23 26.50
N ILE J 152 19.77 19.75 27.67
CA ILE J 152 20.00 20.45 28.93
C ILE J 152 21.31 19.98 29.53
N TYR J 153 22.17 20.94 29.89
CA TYR J 153 23.45 20.64 30.52
C TYR J 153 23.60 21.48 31.78
N GLU J 154 24.06 20.85 32.86
CA GLU J 154 24.23 21.53 34.13
C GLU J 154 25.50 21.01 34.79
N ILE J 155 26.13 21.89 35.57
CA ILE J 155 27.36 21.56 36.28
C ILE J 155 27.02 21.27 37.74
N THR J 156 27.88 20.50 38.40
CA THR J 156 27.69 20.10 39.79
C THR J 156 28.47 20.97 40.76
N ASP J 157 28.96 22.13 40.30
CA ASP J 157 29.66 23.11 41.14
C ASP J 157 30.95 22.53 41.73
N GLU J 158 30.86 21.41 42.44
CA GLU J 158 32.04 20.84 43.07
C GLU J 158 33.09 20.43 42.04
N ASN J 159 32.66 19.81 40.95
CA ASN J 159 33.56 19.38 39.88
C ASN J 159 33.58 20.38 38.73
N GLU J 160 33.87 21.64 39.06
CA GLU J 160 33.92 22.72 38.06
C GLU J 160 35.39 22.96 37.71
N ASN J 161 35.90 22.13 36.81
CA ASN J 161 37.28 22.25 36.36
C ASN J 161 37.45 21.69 34.95
N GLN J 162 36.56 20.77 34.57
CA GLN J 162 36.57 20.17 33.25
C GLN J 162 35.43 20.68 32.37
N VAL J 163 35.05 21.95 32.56
CA VAL J 163 33.97 22.52 31.77
C VAL J 163 34.38 22.67 30.32
N GLU J 164 35.59 23.18 30.07
CA GLU J 164 36.08 23.33 28.70
C GLU J 164 36.37 21.98 28.06
N GLU J 165 36.71 20.97 28.87
CA GLU J 165 36.98 19.65 28.33
C GLU J 165 35.70 18.94 27.91
N ASP J 166 34.58 19.24 28.57
CA ASP J 166 33.31 18.62 28.23
C ASP J 166 32.63 19.25 27.03
N PHE J 167 32.98 20.51 26.70
CA PHE J 167 32.35 21.17 25.55
C PHE J 167 32.79 20.54 24.24
N LYS J 168 34.05 20.12 24.13
CA LYS J 168 34.55 19.50 22.91
C LYS J 168 34.03 18.08 22.72
N VAL J 169 33.46 17.47 23.76
CA VAL J 169 32.90 16.12 23.65
C VAL J 169 31.46 16.15 23.16
N ILE J 170 30.66 17.09 23.68
CA ILE J 170 29.27 17.20 23.26
C ILE J 170 29.19 17.66 21.80
N ARG J 171 30.04 18.62 21.42
CA ARG J 171 30.05 19.09 20.04
C ARG J 171 30.50 18.00 19.08
N ASP J 172 31.46 17.18 19.51
CA ASP J 172 31.93 16.09 18.66
C ASP J 172 30.91 14.95 18.58
N GLY J 173 30.12 14.77 19.65
CA GLY J 173 29.12 13.71 19.63
C GLY J 173 27.94 14.05 18.73
N LEU J 174 27.53 15.32 18.70
CA LEU J 174 26.44 15.72 17.83
C LEU J 174 26.86 15.77 16.37
N LYS J 175 28.12 16.12 16.10
CA LYS J 175 28.61 16.14 14.73
C LYS J 175 28.83 14.75 14.18
N LEU J 176 29.27 13.81 15.02
CA LEU J 176 29.48 12.44 14.56
C LEU J 176 28.15 11.73 14.29
N LEU J 177 27.08 12.14 14.98
CA LEU J 177 25.78 11.53 14.75
C LEU J 177 25.23 11.88 13.37
N GLU J 178 25.60 13.05 12.84
CA GLU J 178 25.14 13.44 11.52
C GLU J 178 25.75 12.59 10.41
N LEU J 179 26.90 11.98 10.65
CA LEU J 179 27.56 11.13 9.68
C LEU J 179 27.24 9.64 9.87
N ASP J 180 26.18 9.34 10.62
CA ASP J 180 25.78 7.96 10.87
C ASP J 180 24.27 7.89 10.94
N TYR J 181 23.74 6.68 10.77
CA TYR J 181 22.30 6.49 10.79
C TYR J 181 21.75 6.65 12.21
N LEU J 182 20.46 6.94 12.30
CA LEU J 182 19.78 7.13 13.57
C LEU J 182 18.43 6.45 13.52
N GLY J 183 18.10 5.70 14.57
CA GLY J 183 16.83 5.01 14.63
C GLY J 183 16.96 3.50 14.50
N GLY J 184 16.48 2.95 13.41
CA GLY J 184 16.56 1.51 13.19
C GLY J 184 16.60 1.19 11.71
N SER J 185 17.25 0.08 11.40
CA SER J 185 17.42 -0.40 10.02
C SER J 185 18.06 0.65 9.12
N GLY J 186 19.00 1.41 9.67
CA GLY J 186 19.69 2.45 8.94
C GLY J 186 20.95 2.01 8.23
N SER J 187 21.20 0.71 8.11
CA SER J 187 22.39 0.24 7.43
C SER J 187 22.29 0.43 5.91
N ARG J 188 21.08 0.43 5.38
CA ARG J 188 20.85 0.62 3.95
C ARG J 188 20.82 2.09 3.55
N GLY J 189 20.84 3.01 4.52
CA GLY J 189 20.82 4.42 4.21
C GLY J 189 19.49 5.09 4.51
N TYR J 190 19.04 4.98 5.75
CA TYR J 190 17.78 5.57 6.18
C TYR J 190 17.94 6.68 7.20
N GLY J 191 18.94 6.61 8.07
CA GLY J 191 19.14 7.62 9.09
C GLY J 191 19.82 8.87 8.58
N LYS J 192 21.00 9.17 9.12
CA LYS J 192 21.79 10.34 8.75
C LYS J 192 21.00 11.63 8.95
N VAL J 193 21.01 12.17 10.16
CA VAL J 193 20.28 13.39 10.48
C VAL J 193 21.19 14.58 10.29
N ALA J 194 20.68 15.78 10.60
CA ALA J 194 21.47 17.01 10.47
C ALA J 194 20.92 18.02 11.46
N PHE J 195 21.73 18.38 12.45
CA PHE J 195 21.33 19.35 13.48
C PHE J 195 21.42 20.74 12.88
N GLU J 196 20.29 21.21 12.34
CA GLU J 196 20.24 22.53 11.74
C GLU J 196 20.05 23.60 12.82
N LYS J 197 20.75 24.73 12.65
CA LYS J 197 20.70 25.86 13.59
C LYS J 197 21.11 25.41 14.99
N LEU J 198 22.40 25.10 15.12
CA LEU J 198 22.98 24.66 16.38
C LEU J 198 23.39 25.90 17.17
N LYS J 199 22.55 26.32 18.10
CA LYS J 199 22.82 27.48 18.94
C LYS J 199 22.64 27.11 20.40
N ALA J 200 23.29 27.88 21.27
CA ALA J 200 23.24 27.66 22.71
C ALA J 200 22.74 28.92 23.41
N THR J 201 22.09 28.73 24.55
CA THR J 201 21.56 29.84 25.33
C THR J 201 21.54 29.44 26.80
N THR J 202 21.48 30.45 27.66
CA THR J 202 21.47 30.27 29.11
C THR J 202 20.20 30.90 29.66
N VAL J 203 19.30 30.07 30.17
CA VAL J 203 18.04 30.55 30.75
C VAL J 203 18.11 30.41 32.27
N PHE J 204 18.91 31.25 32.91
CA PHE J 204 19.05 31.22 34.36
C PHE J 204 19.70 32.50 34.86
N GLY J 205 21.00 32.65 34.64
CA GLY J 205 21.72 33.84 35.07
C GLY J 205 22.81 33.55 36.07
N ASN J 206 23.82 32.78 35.65
CA ASN J 206 24.93 32.43 36.53
C ASN J 206 26.17 32.09 35.73
N TYR J 207 25.98 31.58 34.51
CA TYR J 207 27.09 31.21 33.65
C TYR J 207 26.88 31.84 32.28
N ASP J 208 27.88 32.59 31.82
CA ASP J 208 27.78 33.27 30.54
C ASP J 208 27.98 32.30 29.38
N VAL J 209 27.56 32.73 28.20
CA VAL J 209 27.68 31.90 27.00
C VAL J 209 29.12 31.91 26.53
N LYS J 210 29.70 30.71 26.38
CA LYS J 210 31.08 30.57 25.92
C LYS J 210 31.16 30.54 24.39
N THR J 211 30.59 29.50 23.78
CA THR J 211 30.59 29.34 22.34
C THR J 211 29.15 29.24 21.83
N LEU J 212 29.01 29.27 20.50
CA LEU J 212 27.72 29.18 19.84
C LEU J 212 27.53 27.88 19.07
N ASN J 213 28.48 27.54 18.20
CA ASN J 213 28.39 26.32 17.41
C ASN J 213 29.21 25.20 18.05
N THR K 2 43.07 6.79 13.89
CA THR K 2 42.41 6.09 14.98
C THR K 2 40.97 5.73 14.61
N PHE K 3 40.11 6.75 14.55
CA PHE K 3 38.70 6.56 14.21
C PHE K 3 38.29 7.71 13.30
N ALA K 4 38.20 7.44 12.00
CA ALA K 4 37.83 8.43 11.01
C ALA K 4 36.56 7.99 10.28
N LYS K 5 35.99 8.91 9.50
CA LYS K 5 34.77 8.67 8.72
C LYS K 5 35.09 8.99 7.27
N ILE K 6 35.61 8.00 6.55
CA ILE K 6 35.96 8.17 5.15
C ILE K 6 34.69 8.16 4.31
N LYS K 7 34.52 9.20 3.50
CA LYS K 7 33.34 9.35 2.65
C LYS K 7 33.76 9.26 1.19
N PHE K 8 33.09 8.39 0.44
CA PHE K 8 33.35 8.18 -0.99
C PHE K 8 32.20 8.80 -1.77
N SER K 9 32.31 10.10 -2.04
CA SER K 9 31.28 10.81 -2.79
C SER K 9 31.38 10.46 -4.27
N ALA K 10 30.25 10.10 -4.88
CA ALA K 10 30.19 9.75 -6.28
C ALA K 10 28.92 10.28 -6.90
N GLN K 11 28.87 10.28 -8.23
CA GLN K 11 27.70 10.75 -8.98
C GLN K 11 27.22 9.60 -9.86
N ILE K 12 26.14 8.95 -9.45
CA ILE K 12 25.57 7.82 -10.19
C ILE K 12 24.86 8.38 -11.41
N ARG K 13 25.44 8.15 -12.60
CA ARG K 13 24.87 8.60 -13.86
C ARG K 13 24.16 7.42 -14.52
N LEU K 14 22.84 7.52 -14.66
CA LEU K 14 22.03 6.46 -15.25
C LEU K 14 22.13 6.55 -16.76
N GLU K 15 22.93 5.66 -17.35
CA GLU K 15 23.06 5.59 -18.79
C GLU K 15 21.85 4.98 -19.47
N THR K 16 20.98 4.30 -18.72
CA THR K 16 19.79 3.68 -19.26
C THR K 16 18.69 3.72 -18.22
N GLY K 17 17.48 4.08 -18.64
CA GLY K 17 16.36 4.16 -17.71
C GLY K 17 15.98 2.79 -17.20
N LEU K 18 15.99 2.63 -15.88
CA LEU K 18 15.64 1.37 -15.23
C LEU K 18 14.26 1.47 -14.59
N HIS K 19 13.89 0.43 -13.83
CA HIS K 19 12.60 0.37 -13.18
C HIS K 19 12.77 -0.25 -11.80
N ILE K 20 12.12 0.36 -10.80
CA ILE K 20 12.17 -0.11 -9.42
C ILE K 20 10.74 -0.15 -8.89
N GLY K 21 10.32 -1.32 -8.42
CA GLY K 21 8.96 -1.44 -7.89
C GLY K 21 8.84 -0.78 -6.52
N GLY K 22 7.71 -0.12 -6.31
CA GLY K 22 7.45 0.56 -5.05
C GLY K 22 6.02 0.41 -4.57
N SER K 23 5.56 1.39 -3.80
CA SER K 23 4.19 1.35 -3.29
C SER K 23 3.19 1.62 -4.40
N ASP K 24 2.14 0.79 -4.44
CA ASP K 24 1.09 0.91 -5.44
C ASP K 24 -0.26 1.09 -4.75
N ALA K 25 -1.17 1.76 -5.46
CA ALA K 25 -2.53 2.00 -4.98
C ALA K 25 -2.53 2.80 -3.68
N PHE K 26 -1.60 3.75 -3.57
CA PHE K 26 -1.54 4.64 -2.40
C PHE K 26 -1.07 6.02 -2.82
N ALA K 27 -0.50 6.14 -4.01
CA ALA K 27 -0.02 7.43 -4.51
C ALA K 27 -1.19 8.28 -4.98
N ALA K 28 -1.47 8.27 -6.27
CA ALA K 28 -2.56 9.02 -6.87
C ALA K 28 -3.55 8.05 -7.50
N ILE K 29 -4.48 8.60 -8.30
CA ILE K 29 -5.48 7.78 -8.95
C ILE K 29 -4.88 7.01 -10.14
N GLY K 30 -3.77 7.48 -10.67
CA GLY K 30 -3.12 6.81 -11.79
C GLY K 30 -2.03 5.85 -11.33
N ALA K 31 -2.39 4.89 -10.48
CA ALA K 31 -1.45 3.90 -9.95
C ALA K 31 -1.30 2.69 -10.86
N ILE K 32 -1.46 2.87 -12.18
CA ILE K 32 -1.32 1.77 -13.12
C ILE K 32 0.07 1.81 -13.75
N ALA K 33 0.34 0.86 -14.64
CA ALA K 33 1.62 0.77 -15.35
C ALA K 33 2.81 0.65 -14.39
N SER K 34 2.55 0.08 -13.20
CA SER K 34 3.55 -0.10 -12.15
C SER K 34 4.24 1.22 -11.83
N PRO K 35 3.60 2.08 -11.03
CA PRO K 35 4.22 3.38 -10.71
C PRO K 35 5.43 3.20 -9.80
N VAL K 36 6.53 3.87 -10.16
CA VAL K 36 7.76 3.82 -9.39
C VAL K 36 7.62 4.71 -8.15
N ILE K 37 8.11 4.22 -7.02
CA ILE K 37 8.05 5.01 -5.79
C ILE K 37 8.93 6.25 -5.94
N LYS K 38 8.46 7.37 -5.40
CA LYS K 38 9.19 8.63 -5.52
C LYS K 38 9.34 9.29 -4.16
N ASP K 39 9.51 10.61 -4.15
CA ASP K 39 9.65 11.35 -2.91
C ASP K 39 8.28 11.55 -2.25
N PRO K 40 8.18 11.31 -0.94
CA PRO K 40 6.88 11.48 -0.26
C PRO K 40 6.42 12.92 -0.13
N ILE K 41 7.27 13.89 -0.44
CA ILE K 41 6.94 15.31 -0.33
C ILE K 41 6.83 15.96 -1.71
N THR K 42 7.87 15.83 -2.53
CA THR K 42 7.91 16.40 -3.86
C THR K 42 7.65 15.31 -4.90
N ASN K 43 8.04 15.57 -6.15
CA ASN K 43 7.84 14.61 -7.23
C ASN K 43 9.17 14.12 -7.80
N ILE K 44 10.29 14.41 -7.16
CA ILE K 44 11.60 13.99 -7.64
C ILE K 44 11.75 12.49 -7.41
N PRO K 45 11.97 11.69 -8.47
CA PRO K 45 12.12 10.24 -8.28
C PRO K 45 13.41 9.88 -7.54
N ILE K 46 13.29 9.61 -6.25
CA ILE K 46 14.43 9.21 -5.44
C ILE K 46 14.66 7.71 -5.59
N ILE K 47 15.92 7.30 -5.51
CA ILE K 47 16.31 5.90 -5.64
C ILE K 47 16.46 5.33 -4.23
N PRO K 48 15.93 4.13 -3.96
CA PRO K 48 16.09 3.54 -2.63
C PRO K 48 17.49 3.00 -2.42
N GLY K 49 17.93 3.02 -1.16
CA GLY K 49 19.22 2.48 -0.79
C GLY K 49 19.23 1.00 -0.50
N SER K 50 18.07 0.37 -0.38
CA SER K 50 18.01 -1.06 -0.11
C SER K 50 18.33 -1.88 -1.35
N SER K 51 18.09 -1.32 -2.54
CA SER K 51 18.39 -2.04 -3.78
C SER K 51 19.87 -2.01 -4.12
N LEU K 52 20.66 -1.15 -3.47
CA LEU K 52 22.09 -1.08 -3.74
C LEU K 52 22.92 -1.94 -2.79
N LYS K 53 22.50 -2.07 -1.53
CA LYS K 53 23.24 -2.89 -0.58
C LYS K 53 23.11 -4.37 -0.91
N GLY K 54 21.94 -4.79 -1.40
CA GLY K 54 21.73 -6.18 -1.72
C GLY K 54 22.29 -6.59 -3.07
N LYS K 55 22.30 -5.68 -4.04
CA LYS K 55 22.82 -6.01 -5.37
C LYS K 55 24.34 -6.04 -5.37
N MET K 56 24.98 -5.15 -4.60
CA MET K 56 26.44 -5.13 -4.55
C MET K 56 26.98 -6.35 -3.81
N ARG K 57 26.28 -6.80 -2.76
CA ARG K 57 26.74 -7.96 -2.01
C ARG K 57 26.52 -9.25 -2.78
N THR K 58 25.47 -9.31 -3.60
CA THR K 58 25.19 -10.53 -4.35
C THR K 58 26.23 -10.76 -5.44
N LEU K 59 26.59 -9.70 -6.17
CA LEU K 59 27.57 -9.84 -7.24
C LEU K 59 28.99 -10.02 -6.70
N LEU K 60 29.23 -9.66 -5.44
CA LEU K 60 30.55 -9.79 -4.85
C LEU K 60 30.77 -11.12 -4.15
N ALA K 61 29.70 -11.77 -3.68
CA ALA K 61 29.80 -13.05 -2.98
C ALA K 61 29.80 -14.23 -3.95
N LYS K 62 30.38 -14.07 -5.14
CA LYS K 62 30.45 -15.16 -6.10
C LYS K 62 31.81 -15.28 -6.78
N VAL K 63 32.77 -14.43 -6.45
CA VAL K 63 34.10 -14.49 -7.07
C VAL K 63 35.15 -14.39 -5.96
N TYR K 64 34.77 -13.81 -4.82
CA TYR K 64 35.65 -13.68 -3.67
C TYR K 64 35.46 -14.80 -2.66
N ASN K 65 34.69 -15.83 -3.00
CA ASN K 65 34.44 -16.94 -2.10
C ASN K 65 34.36 -18.23 -2.90
N GLU K 66 34.28 -19.35 -2.18
CA GLU K 66 34.19 -20.66 -2.79
C GLU K 66 32.94 -21.43 -2.38
N LYS K 67 32.53 -21.34 -1.11
CA LYS K 67 31.34 -22.04 -0.66
C LYS K 67 30.09 -21.37 -1.19
N VAL K 68 29.14 -22.18 -1.65
CA VAL K 68 27.89 -21.66 -2.18
C VAL K 68 27.05 -21.09 -1.05
N ALA K 69 26.63 -19.83 -1.21
CA ALA K 69 25.84 -19.15 -0.20
C ALA K 69 24.44 -19.76 -0.15
N GLU K 70 24.09 -20.41 0.96
CA GLU K 70 22.78 -21.02 1.13
C GLU K 70 21.77 -20.06 1.75
N LYS K 71 22.19 -19.30 2.76
CA LYS K 71 21.33 -18.35 3.44
C LYS K 71 22.09 -17.04 3.61
N PRO K 72 21.39 -15.92 3.68
CA PRO K 72 22.07 -14.63 3.88
C PRO K 72 22.79 -14.57 5.22
N SER K 73 23.72 -13.61 5.31
CA SER K 73 24.55 -13.41 6.50
C SER K 73 25.32 -14.67 6.87
N ASP K 74 25.74 -15.44 5.88
CA ASP K 74 26.50 -16.67 6.11
C ASP K 74 27.26 -17.08 4.85
N ASP K 75 28.37 -16.42 4.58
CA ASP K 75 29.18 -16.72 3.40
C ASP K 75 30.61 -16.25 3.64
N SER K 76 31.53 -17.20 3.78
CA SER K 76 32.95 -16.93 3.99
C SER K 76 33.10 -16.08 5.27
N ASP K 77 34.06 -15.17 5.27
CA ASP K 77 34.30 -14.33 6.44
C ASP K 77 35.01 -13.03 6.04
N ILE K 78 35.70 -13.06 4.89
CA ILE K 78 36.44 -11.89 4.45
C ILE K 78 35.50 -10.78 3.97
N LEU K 79 34.25 -11.10 3.65
CA LEU K 79 33.29 -10.11 3.19
C LEU K 79 32.09 -9.96 4.12
N SER K 80 32.03 -10.75 5.21
CA SER K 80 30.90 -10.65 6.12
C SER K 80 30.99 -9.40 6.99
N ARG K 81 32.20 -8.88 7.22
CA ARG K 81 32.39 -7.68 8.02
C ARG K 81 32.14 -6.40 7.24
N LEU K 82 32.01 -6.47 5.91
CA LEU K 82 31.77 -5.27 5.12
C LEU K 82 30.30 -4.86 5.16
N PHE K 83 29.38 -5.82 5.06
CA PHE K 83 27.96 -5.55 5.08
C PHE K 83 27.30 -5.86 6.42
N GLY K 84 27.69 -6.95 7.07
CA GLY K 84 27.13 -7.32 8.35
C GLY K 84 26.88 -8.81 8.50
N ASN K 85 26.54 -9.23 9.71
CA ASN K 85 26.28 -10.65 9.99
C ASN K 85 25.27 -10.74 11.12
N SER K 86 24.15 -11.41 10.86
CA SER K 86 23.11 -11.57 11.87
C SER K 86 23.30 -12.81 12.73
N LYS K 87 24.22 -13.70 12.36
CA LYS K 87 24.48 -14.91 13.12
C LYS K 87 25.79 -14.89 13.89
N ASP K 88 26.67 -13.93 13.60
CA ASP K 88 27.96 -13.82 14.27
C ASP K 88 27.86 -12.87 15.45
N LYS K 89 28.66 -13.15 16.48
CA LYS K 89 28.67 -12.35 17.70
C LYS K 89 29.85 -11.39 17.79
N ARG K 90 30.95 -11.68 17.10
CA ARG K 90 32.13 -10.82 17.18
C ARG K 90 31.87 -9.44 16.59
N PHE K 91 31.02 -9.34 15.56
CA PHE K 91 30.70 -8.07 14.95
C PHE K 91 29.24 -8.09 14.51
N LYS K 92 28.59 -6.93 14.60
CA LYS K 92 27.19 -6.81 14.23
C LYS K 92 26.99 -5.68 13.22
N MET K 93 27.47 -4.49 13.56
CA MET K 93 27.32 -3.34 12.69
C MET K 93 28.26 -3.45 11.48
N GLY K 94 27.76 -3.04 10.32
CA GLY K 94 28.55 -3.08 9.10
C GLY K 94 29.26 -1.76 8.83
N ARG K 95 30.31 -1.84 8.02
CA ARG K 95 31.09 -0.66 7.67
C ARG K 95 30.56 0.04 6.42
N LEU K 96 29.82 -0.65 5.57
CA LEU K 96 29.30 -0.08 4.34
C LEU K 96 27.88 0.44 4.60
N ILE K 97 27.72 1.76 4.56
CA ILE K 97 26.43 2.41 4.77
C ILE K 97 26.16 3.30 3.58
N PHE K 98 25.11 2.98 2.82
CA PHE K 98 24.75 3.73 1.63
C PHE K 98 23.86 4.91 2.03
N ARG K 99 23.13 5.48 1.07
CA ARG K 99 22.28 6.63 1.33
C ARG K 99 21.22 6.72 0.23
N ASP K 100 20.00 7.05 0.63
CA ASP K 100 18.90 7.25 -0.33
C ASP K 100 19.20 8.49 -1.16
N ALA K 101 19.89 8.30 -2.28
CA ALA K 101 20.28 9.43 -3.13
C ALA K 101 19.06 10.04 -3.80
N PHE K 102 19.14 11.35 -4.03
CA PHE K 102 18.09 12.10 -4.70
C PHE K 102 18.62 12.70 -5.99
N LEU K 103 17.74 12.88 -6.97
CA LEU K 103 18.10 13.43 -8.27
C LEU K 103 18.45 14.90 -8.09
N SER K 104 19.75 15.19 -8.01
CA SER K 104 20.23 16.56 -7.86
C SER K 104 20.43 17.26 -9.19
N ASN K 105 19.97 16.66 -10.30
CA ASN K 105 20.11 17.26 -11.62
C ASN K 105 18.97 18.21 -11.95
N ALA K 106 18.09 18.51 -10.99
CA ALA K 106 16.96 19.40 -11.24
C ALA K 106 17.37 20.86 -11.40
N ASP K 107 18.63 21.20 -11.12
CA ASP K 107 19.08 22.58 -11.27
C ASP K 107 19.18 23.00 -12.73
N GLU K 108 19.34 22.05 -13.65
CA GLU K 108 19.43 22.39 -15.07
C GLU K 108 18.59 21.46 -15.95
N LEU K 109 17.79 20.57 -15.36
CA LEU K 109 16.98 19.66 -16.17
C LEU K 109 15.76 20.36 -16.76
N ASP K 110 15.15 21.27 -15.99
CA ASP K 110 13.96 21.98 -16.47
C ASP K 110 14.29 22.97 -17.58
N SER K 111 15.54 23.44 -17.66
CA SER K 111 15.91 24.39 -18.69
C SER K 111 15.99 23.75 -20.08
N LEU K 112 16.13 22.43 -20.14
CA LEU K 112 16.21 21.71 -21.41
C LEU K 112 14.87 21.19 -21.88
N GLY K 113 13.76 21.64 -21.28
CA GLY K 113 12.44 21.21 -21.69
C GLY K 113 12.14 19.76 -21.38
N VAL K 114 11.56 19.50 -20.21
CA VAL K 114 11.20 18.15 -19.79
C VAL K 114 9.72 18.14 -19.41
N ARG K 115 8.96 17.24 -20.02
CA ARG K 115 7.53 17.15 -19.72
C ARG K 115 7.29 16.57 -18.34
N SER K 116 7.74 15.34 -18.11
CA SER K 116 7.58 14.67 -16.83
C SER K 116 8.86 13.93 -16.48
N TYR K 117 9.01 13.63 -15.18
CA TYR K 117 10.19 12.93 -14.71
C TYR K 117 10.16 11.44 -15.03
N THR K 118 8.98 10.87 -15.30
CA THR K 118 8.85 9.46 -15.65
C THR K 118 7.89 9.32 -16.81
N GLU K 119 8.17 8.34 -17.67
CA GLU K 119 7.33 8.06 -18.83
C GLU K 119 6.84 6.62 -18.76
N VAL K 120 5.72 6.36 -19.43
CA VAL K 120 5.09 5.06 -19.46
C VAL K 120 5.48 4.36 -20.77
N LYS K 121 6.08 3.18 -20.64
CA LYS K 121 6.50 2.40 -21.80
C LYS K 121 5.48 1.30 -22.07
N PHE K 122 5.16 1.10 -23.35
CA PHE K 122 4.17 0.12 -23.76
C PHE K 122 4.86 -1.15 -24.26
N GLU K 123 4.46 -2.30 -23.71
CA GLU K 123 5.02 -3.58 -24.09
C GLU K 123 3.87 -4.58 -24.21
N ASN K 124 4.23 -5.82 -24.56
CA ASN K 124 3.24 -6.90 -24.69
C ASN K 124 3.98 -8.22 -24.61
N THR K 125 3.27 -9.32 -24.92
CA THR K 125 3.87 -10.65 -24.89
C THR K 125 3.08 -11.55 -25.82
N ILE K 126 3.72 -12.65 -26.22
CA ILE K 126 3.11 -13.65 -27.09
C ILE K 126 3.16 -15.00 -26.38
N ASP K 127 2.03 -15.69 -26.37
CA ASP K 127 1.92 -16.99 -25.71
C ASP K 127 2.55 -18.12 -26.54
N ARG K 128 3.12 -17.80 -27.71
CA ARG K 128 3.80 -18.78 -28.56
C ARG K 128 2.87 -19.90 -29.02
N ILE K 129 1.57 -19.59 -29.14
CA ILE K 129 0.59 -20.56 -29.62
C ILE K 129 -0.64 -19.82 -30.12
N THR K 130 -0.76 -18.54 -29.76
CA THR K 130 -1.88 -17.72 -30.16
C THR K 130 -1.35 -16.34 -30.55
N ALA K 131 -2.27 -15.40 -30.74
CA ALA K 131 -1.90 -14.05 -31.13
C ALA K 131 -1.51 -13.21 -29.92
N GLU K 132 -1.58 -11.89 -30.05
CA GLU K 132 -1.24 -11.01 -28.95
C GLU K 132 -2.32 -11.04 -27.88
N ALA K 133 -1.90 -11.16 -26.61
CA ALA K 133 -2.83 -11.22 -25.49
C ALA K 133 -2.24 -10.48 -24.31
N ASN K 134 -3.11 -9.88 -23.50
CA ASN K 134 -2.75 -9.14 -22.30
C ASN K 134 -1.76 -8.04 -22.61
N PRO K 135 -2.21 -6.91 -23.19
CA PRO K 135 -1.29 -5.81 -23.46
C PRO K 135 -0.91 -5.05 -22.19
N ARG K 136 0.16 -5.50 -21.54
CA ARG K 136 0.60 -4.87 -20.30
C ARG K 136 1.31 -3.55 -20.58
N GLN K 137 1.78 -2.90 -19.52
CA GLN K 137 2.47 -1.63 -19.64
C GLN K 137 3.29 -1.40 -18.38
N ILE K 138 4.45 -0.77 -18.55
CA ILE K 138 5.36 -0.47 -17.45
C ILE K 138 5.69 1.02 -17.49
N GLU K 139 6.42 1.46 -16.47
CA GLU K 139 6.83 2.86 -16.34
C GLU K 139 8.31 2.92 -16.00
N ARG K 140 9.06 3.70 -16.77
CA ARG K 140 10.49 3.85 -16.60
C ARG K 140 10.80 5.28 -16.18
N ALA K 141 12.10 5.60 -16.12
CA ALA K 141 12.59 6.92 -15.73
C ALA K 141 13.31 7.56 -16.91
N ILE K 142 13.90 8.73 -16.66
CA ILE K 142 14.63 9.47 -17.69
C ILE K 142 16.01 8.86 -17.89
N ARG K 143 16.83 9.49 -18.72
CA ARG K 143 18.17 9.02 -19.02
C ARG K 143 19.16 10.13 -18.73
N ASN K 144 20.37 9.73 -18.33
CA ASN K 144 21.46 10.65 -18.00
C ASN K 144 21.07 11.59 -16.87
N SER K 145 20.98 11.02 -15.67
CA SER K 145 20.64 11.76 -14.47
C SER K 145 21.63 11.40 -13.36
N THR K 146 22.08 12.42 -12.63
CA THR K 146 23.05 12.26 -11.56
C THR K 146 22.35 12.06 -10.23
N PHE K 147 23.10 11.53 -9.27
CA PHE K 147 22.59 11.28 -7.92
C PHE K 147 23.72 11.50 -6.92
N ASP K 148 23.36 12.08 -5.77
CA ASP K 148 24.33 12.35 -4.71
C ASP K 148 24.50 11.08 -3.88
N PHE K 149 25.47 10.26 -4.26
CA PHE K 149 25.76 8.99 -3.59
C PHE K 149 27.01 9.16 -2.74
N GLU K 150 26.89 8.90 -1.44
CA GLU K 150 27.98 9.02 -0.49
C GLU K 150 28.13 7.70 0.26
N LEU K 151 29.34 7.17 0.30
CA LEU K 151 29.63 5.92 0.99
C LEU K 151 30.25 6.25 2.35
N ILE K 152 29.49 5.99 3.41
CA ILE K 152 29.95 6.24 4.78
C ILE K 152 30.74 5.02 5.24
N TYR K 153 32.05 5.18 5.39
CA TYR K 153 32.94 4.11 5.82
C TYR K 153 33.61 4.51 7.13
N GLU K 154 33.80 3.52 8.00
CA GLU K 154 34.43 3.76 9.29
C GLU K 154 35.22 2.51 9.70
N ILE K 155 36.27 2.74 10.47
CA ILE K 155 37.13 1.66 10.95
C ILE K 155 36.87 1.45 12.44
N THR K 156 37.30 0.28 12.91
CA THR K 156 37.10 -0.12 14.30
C THR K 156 38.30 0.19 15.19
N ASP K 157 39.25 0.98 14.70
CA ASP K 157 40.43 1.42 15.45
C ASP K 157 41.29 0.23 15.88
N GLU K 158 40.73 -0.69 16.66
CA GLU K 158 41.50 -1.84 17.13
C GLU K 158 41.97 -2.71 15.97
N ASN K 159 41.03 -3.35 15.28
CA ASN K 159 41.37 -4.20 14.12
C ASN K 159 41.53 -3.31 12.89
N GLU K 160 42.66 -2.61 12.87
CA GLU K 160 42.99 -1.67 11.78
C GLU K 160 44.20 -2.22 11.03
N ASN K 161 43.94 -3.16 10.12
CA ASN K 161 45.01 -3.70 9.29
C ASN K 161 44.52 -4.17 7.92
N GLN K 162 43.28 -3.86 7.53
CA GLN K 162 42.74 -4.25 6.23
C GLN K 162 42.41 -3.04 5.37
N VAL K 163 42.99 -1.88 5.70
CA VAL K 163 42.70 -0.67 4.94
C VAL K 163 43.20 -0.79 3.51
N GLU K 164 44.42 -1.31 3.34
CA GLU K 164 44.97 -1.50 2.00
C GLU K 164 44.27 -2.62 1.24
N GLU K 165 43.55 -3.50 1.93
CA GLU K 165 42.83 -4.59 1.27
C GLU K 165 41.37 -4.27 1.03
N ASP K 166 40.75 -3.45 1.88
CA ASP K 166 39.35 -3.10 1.70
C ASP K 166 39.14 -2.10 0.57
N PHE K 167 40.18 -1.37 0.19
CA PHE K 167 40.02 -0.39 -0.89
C PHE K 167 39.88 -1.07 -2.25
N LYS K 168 40.64 -2.14 -2.48
CA LYS K 168 40.55 -2.84 -3.75
C LYS K 168 39.27 -3.65 -3.89
N VAL K 169 38.57 -3.89 -2.78
CA VAL K 169 37.31 -4.63 -2.84
C VAL K 169 36.16 -3.69 -3.20
N ILE K 170 36.15 -2.50 -2.61
CA ILE K 170 35.09 -1.53 -2.91
C ILE K 170 35.22 -1.03 -4.35
N ARG K 171 36.46 -0.77 -4.80
CA ARG K 171 36.67 -0.31 -6.16
C ARG K 171 36.28 -1.37 -7.17
N ASP K 172 36.56 -2.64 -6.89
CA ASP K 172 36.18 -3.71 -7.80
C ASP K 172 34.68 -3.98 -7.76
N GLY K 173 34.04 -3.73 -6.61
CA GLY K 173 32.60 -3.94 -6.52
C GLY K 173 31.81 -2.88 -7.25
N LEU K 174 32.27 -1.62 -7.18
CA LEU K 174 31.58 -0.53 -7.87
C LEU K 174 31.80 -0.60 -9.38
N LYS K 175 32.97 -1.06 -9.83
CA LYS K 175 33.22 -1.18 -11.26
C LYS K 175 32.45 -2.36 -11.85
N LEU K 176 32.33 -3.45 -11.10
CA LEU K 176 31.57 -4.61 -11.59
C LEU K 176 30.07 -4.34 -11.59
N LEU K 177 29.61 -3.43 -10.70
CA LEU K 177 28.19 -3.11 -10.67
C LEU K 177 27.75 -2.36 -11.91
N GLU K 178 28.66 -1.61 -12.55
CA GLU K 178 28.32 -0.88 -13.76
C GLU K 178 28.03 -1.80 -14.93
N LEU K 179 28.55 -3.03 -14.91
CA LEU K 179 28.32 -4.00 -15.98
C LEU K 179 27.14 -4.93 -15.67
N ASP K 180 26.14 -4.44 -14.95
CA ASP K 180 24.97 -5.25 -14.61
C ASP K 180 23.79 -4.33 -14.36
N TYR K 181 22.59 -4.83 -14.61
CA TYR K 181 21.39 -4.03 -14.44
C TYR K 181 21.09 -3.82 -12.96
N LEU K 182 20.36 -2.75 -12.67
CA LEU K 182 19.98 -2.39 -11.30
C LEU K 182 18.48 -2.07 -11.28
N GLY K 183 17.78 -2.64 -10.30
CA GLY K 183 16.36 -2.42 -10.13
C GLY K 183 15.58 -3.71 -10.32
N GLY K 184 14.45 -3.61 -11.00
CA GLY K 184 13.60 -4.76 -11.26
C GLY K 184 13.26 -4.88 -12.72
N SER K 185 13.16 -6.13 -13.18
CA SER K 185 12.84 -6.45 -14.57
C SER K 185 13.82 -5.77 -15.54
N GLY K 186 15.10 -5.79 -15.17
CA GLY K 186 16.14 -5.19 -15.97
C GLY K 186 16.93 -6.15 -16.83
N SER K 187 16.42 -7.36 -17.07
CA SER K 187 17.14 -8.33 -17.90
C SER K 187 17.14 -7.95 -19.37
N ARG K 188 16.22 -7.08 -19.80
CA ARG K 188 16.15 -6.64 -21.18
C ARG K 188 17.07 -5.46 -21.48
N GLY K 189 17.77 -4.95 -20.48
CA GLY K 189 18.67 -3.83 -20.69
C GLY K 189 18.11 -2.51 -20.19
N TYR K 190 17.80 -2.44 -18.90
CA TYR K 190 17.24 -1.24 -18.29
C TYR K 190 18.17 -0.59 -17.27
N GLY K 191 18.88 -1.38 -16.48
CA GLY K 191 19.77 -0.85 -15.47
C GLY K 191 21.08 -0.32 -16.02
N LYS K 192 22.18 -0.98 -15.67
CA LYS K 192 23.53 -0.59 -16.09
C LYS K 192 23.84 0.84 -15.69
N VAL K 193 24.30 1.02 -14.44
CA VAL K 193 24.62 2.35 -13.93
C VAL K 193 26.04 2.72 -14.33
N ALA K 194 26.48 3.91 -13.93
CA ALA K 194 27.83 4.38 -14.25
C ALA K 194 28.25 5.37 -13.18
N PHE K 195 29.15 4.95 -12.29
CA PHE K 195 29.64 5.80 -11.21
C PHE K 195 30.59 6.84 -11.79
N GLU K 196 30.15 8.09 -11.84
CA GLU K 196 30.96 9.18 -12.37
C GLU K 196 31.60 9.97 -11.24
N LYS K 197 32.86 10.35 -11.43
CA LYS K 197 33.62 11.12 -10.46
C LYS K 197 33.69 10.40 -9.12
N LEU K 198 34.51 9.37 -9.04
CA LEU K 198 34.69 8.59 -7.81
C LEU K 198 35.87 9.19 -7.05
N LYS K 199 35.58 10.00 -6.05
CA LYS K 199 36.59 10.64 -5.23
C LYS K 199 36.33 10.36 -3.75
N ALA K 200 37.37 10.54 -2.94
CA ALA K 200 37.30 10.32 -1.51
C ALA K 200 37.72 11.58 -0.76
N THR K 201 37.15 11.75 0.43
CA THR K 201 37.45 12.91 1.27
C THR K 201 37.33 12.50 2.73
N THR K 202 37.86 13.35 3.60
CA THR K 202 37.84 13.14 5.04
C THR K 202 37.03 14.25 5.69
N VAL K 203 35.88 13.91 6.24
CA VAL K 203 35.02 14.90 6.90
C VAL K 203 35.34 15.00 8.38
N PHE K 204 35.52 13.86 9.06
CA PHE K 204 35.83 13.89 10.49
C PHE K 204 37.25 14.40 10.74
N GLY K 205 38.20 14.03 9.88
CA GLY K 205 39.57 14.46 10.03
C GLY K 205 40.33 13.69 11.08
N ASN K 206 40.77 12.48 10.74
CA ASN K 206 41.53 11.65 11.67
C ASN K 206 42.44 10.70 10.92
N TYR K 207 42.27 10.61 9.60
CA TYR K 207 43.08 9.75 8.77
C TYR K 207 43.43 10.48 7.48
N ASP K 208 44.60 10.16 6.93
CA ASP K 208 45.08 10.84 5.73
C ASP K 208 44.35 10.30 4.49
N VAL K 209 44.82 10.74 3.33
CA VAL K 209 44.25 10.34 2.05
C VAL K 209 45.35 9.69 1.23
N LYS K 210 45.16 8.41 0.90
CA LYS K 210 46.15 7.67 0.10
C LYS K 210 45.75 7.66 -1.37
N THR K 211 44.70 6.94 -1.70
CA THR K 211 44.20 6.84 -3.07
C THR K 211 43.01 7.78 -3.26
N LEU K 212 42.61 7.92 -4.53
CA LEU K 212 41.49 8.78 -4.90
C LEU K 212 40.42 8.01 -5.66
N ASN K 213 40.79 7.23 -6.67
CA ASN K 213 39.83 6.47 -7.45
C ASN K 213 39.78 5.02 -6.97
N THR L 2 14.53 -28.76 -41.37
CA THR L 2 13.80 -28.22 -40.23
C THR L 2 13.43 -26.75 -40.45
N PHE L 3 14.33 -25.85 -40.06
CA PHE L 3 14.14 -24.42 -40.20
C PHE L 3 15.20 -23.89 -41.16
N ALA L 4 14.78 -23.54 -42.38
CA ALA L 4 15.67 -23.03 -43.40
C ALA L 4 15.29 -21.60 -43.76
N LYS L 5 16.22 -20.90 -44.41
CA LYS L 5 16.04 -19.51 -44.82
C LYS L 5 16.34 -19.44 -46.32
N ILE L 6 15.31 -19.61 -47.14
CA ILE L 6 15.45 -19.57 -48.60
C ILE L 6 15.35 -18.12 -49.06
N LYS L 7 16.32 -17.68 -49.85
CA LYS L 7 16.37 -16.32 -50.37
C LYS L 7 16.20 -16.36 -51.89
N PHE L 8 15.21 -15.63 -52.38
CA PHE L 8 14.94 -15.55 -53.82
C PHE L 8 15.46 -14.21 -54.33
N SER L 9 16.75 -14.20 -54.68
CA SER L 9 17.37 -12.99 -55.19
C SER L 9 16.96 -12.76 -56.65
N ALA L 10 16.57 -11.52 -56.95
CA ALA L 10 16.14 -11.17 -58.30
C ALA L 10 16.41 -9.69 -58.53
N GLN L 11 16.32 -9.28 -59.80
CA GLN L 11 16.54 -7.90 -60.21
C GLN L 11 15.27 -7.41 -60.88
N ILE L 12 14.61 -6.43 -60.27
CA ILE L 12 13.37 -5.87 -60.80
C ILE L 12 13.75 -4.84 -61.86
N ARG L 13 13.71 -5.24 -63.13
CA ARG L 13 14.02 -4.35 -64.23
C ARG L 13 12.76 -3.61 -64.67
N LEU L 14 12.83 -2.28 -64.69
CA LEU L 14 11.70 -1.45 -65.07
C LEU L 14 11.77 -1.16 -66.57
N GLU L 15 10.90 -1.80 -67.34
CA GLU L 15 10.84 -1.55 -68.78
C GLU L 15 10.17 -0.22 -69.11
N THR L 16 9.49 0.40 -68.15
CA THR L 16 8.82 1.68 -68.36
C THR L 16 8.80 2.44 -67.05
N GLY L 17 9.12 3.73 -67.11
CA GLY L 17 9.13 4.57 -65.93
C GLY L 17 7.75 4.75 -65.32
N LEU L 18 7.61 4.40 -64.04
CA LEU L 18 6.35 4.48 -63.33
C LEU L 18 6.36 5.66 -62.36
N HIS L 19 5.27 5.79 -61.60
CA HIS L 19 5.12 6.88 -60.64
C HIS L 19 4.53 6.32 -59.36
N ILE L 20 5.10 6.73 -58.22
CA ILE L 20 4.64 6.30 -56.90
C ILE L 20 4.43 7.55 -56.06
N GLY L 21 3.20 7.75 -55.60
CA GLY L 21 2.87 8.89 -54.77
C GLY L 21 3.48 8.81 -53.38
N GLY L 22 4.49 9.62 -53.12
CA GLY L 22 5.16 9.62 -51.84
C GLY L 22 4.39 10.39 -50.79
N SER L 23 5.12 10.87 -49.79
CA SER L 23 4.52 11.63 -48.69
C SER L 23 4.14 13.02 -49.20
N ASP L 24 2.84 13.25 -49.35
CA ASP L 24 2.36 14.54 -49.83
C ASP L 24 2.58 15.63 -48.78
N ALA L 25 2.90 16.83 -49.26
CA ALA L 25 3.15 17.99 -48.40
C ALA L 25 4.26 17.70 -47.38
N PHE L 26 5.30 16.98 -47.83
CA PHE L 26 6.42 16.65 -46.94
C PHE L 26 7.61 16.30 -47.84
N ALA L 27 8.42 17.31 -48.15
CA ALA L 27 9.59 17.12 -48.99
C ALA L 27 10.74 18.00 -48.52
N ALA L 28 11.38 18.71 -49.46
CA ALA L 28 12.49 19.58 -49.12
C ALA L 28 12.45 20.86 -49.96
N ILE L 29 13.15 20.85 -51.09
CA ILE L 29 13.18 22.03 -51.96
C ILE L 29 12.16 21.94 -53.09
N GLY L 30 11.73 20.74 -53.46
CA GLY L 30 10.76 20.58 -54.53
C GLY L 30 9.58 19.72 -54.15
N ALA L 31 8.45 20.35 -53.83
CA ALA L 31 7.24 19.63 -53.47
C ALA L 31 6.09 20.02 -54.39
N ILE L 32 6.28 19.84 -55.69
CA ILE L 32 5.30 20.22 -56.70
C ILE L 32 4.84 18.98 -57.45
N ALA L 33 3.52 18.83 -57.58
CA ALA L 33 2.91 17.72 -58.33
C ALA L 33 3.31 16.36 -57.74
N SER L 34 2.96 16.16 -56.47
CA SER L 34 3.18 14.92 -55.74
C SER L 34 4.65 14.53 -55.72
N PRO L 35 5.41 14.95 -54.71
CA PRO L 35 6.83 14.57 -54.65
C PRO L 35 7.00 13.08 -54.41
N VAL L 36 7.76 12.43 -55.29
CA VAL L 36 7.98 11.00 -55.16
C VAL L 36 8.87 10.71 -53.97
N ILE L 37 8.51 9.69 -53.19
CA ILE L 37 9.30 9.31 -52.03
C ILE L 37 10.66 8.79 -52.49
N LYS L 38 11.71 9.16 -51.73
CA LYS L 38 13.07 8.75 -52.07
C LYS L 38 13.78 8.17 -50.86
N ASP L 39 15.08 8.41 -50.75
CA ASP L 39 15.87 7.93 -49.62
C ASP L 39 16.03 9.03 -48.59
N PRO L 40 15.83 8.74 -47.30
CA PRO L 40 15.95 9.79 -46.28
C PRO L 40 17.38 10.28 -46.06
N ILE L 41 18.38 9.61 -46.64
CA ILE L 41 19.78 10.00 -46.50
C ILE L 41 20.35 10.51 -47.82
N THR L 42 20.21 9.74 -48.89
CA THR L 42 20.72 10.11 -50.19
C THR L 42 19.59 10.71 -51.04
N ASN L 43 19.70 10.60 -52.36
CA ASN L 43 18.70 11.15 -53.27
C ASN L 43 18.14 10.12 -54.24
N ILE L 44 18.69 8.91 -54.28
CA ILE L 44 18.23 7.87 -55.21
C ILE L 44 16.83 7.43 -54.80
N PRO L 45 15.84 7.58 -55.69
CA PRO L 45 14.46 7.17 -55.34
C PRO L 45 14.37 5.66 -55.16
N ILE L 46 13.98 5.23 -53.97
CA ILE L 46 13.82 3.82 -53.65
C ILE L 46 12.33 3.48 -53.71
N ILE L 47 12.04 2.23 -54.06
CA ILE L 47 10.67 1.76 -54.17
C ILE L 47 10.24 1.19 -52.82
N PRO L 48 9.07 1.56 -52.30
CA PRO L 48 8.62 1.01 -51.02
C PRO L 48 8.18 -0.44 -51.16
N GLY L 49 8.33 -1.19 -50.06
CA GLY L 49 7.92 -2.57 -50.03
C GLY L 49 6.45 -2.80 -49.77
N SER L 50 5.71 -1.75 -49.40
CA SER L 50 4.28 -1.91 -49.14
C SER L 50 3.48 -2.06 -50.43
N SER L 51 4.00 -1.52 -51.54
CA SER L 51 3.28 -1.66 -52.81
C SER L 51 3.43 -3.06 -53.39
N LEU L 52 4.51 -3.75 -53.05
CA LEU L 52 4.73 -5.11 -53.56
C LEU L 52 3.89 -6.14 -52.83
N LYS L 53 3.36 -5.81 -51.65
CA LYS L 53 2.55 -6.76 -50.90
C LYS L 53 1.06 -6.60 -51.16
N GLY L 54 0.59 -5.36 -51.37
CA GLY L 54 -0.81 -5.14 -51.65
C GLY L 54 -1.21 -5.39 -53.08
N LYS L 55 -0.27 -5.31 -54.02
CA LYS L 55 -0.56 -5.55 -55.43
C LYS L 55 -0.42 -7.02 -55.81
N MET L 56 0.58 -7.70 -55.28
CA MET L 56 0.77 -9.12 -55.60
C MET L 56 -0.33 -9.97 -54.98
N ARG L 57 -0.78 -9.60 -53.78
CA ARG L 57 -1.85 -10.37 -53.14
C ARG L 57 -3.19 -10.13 -53.82
N THR L 58 -3.41 -8.91 -54.32
CA THR L 58 -4.68 -8.61 -54.99
C THR L 58 -4.80 -9.36 -56.31
N LEU L 59 -3.72 -9.39 -57.10
CA LEU L 59 -3.76 -10.08 -58.39
C LEU L 59 -3.81 -11.60 -58.22
N LEU L 60 -3.38 -12.12 -57.07
CA LEU L 60 -3.39 -13.56 -56.83
C LEU L 60 -4.69 -14.04 -56.20
N ALA L 61 -5.38 -13.17 -55.46
CA ALA L 61 -6.62 -13.53 -54.80
C ALA L 61 -7.83 -13.49 -55.74
N LYS L 62 -7.60 -13.37 -57.04
CA LYS L 62 -8.69 -13.34 -58.02
C LYS L 62 -8.56 -14.47 -59.04
N VAL L 63 -7.66 -15.42 -58.84
CA VAL L 63 -7.47 -16.54 -59.76
C VAL L 63 -7.32 -17.82 -58.97
N TYR L 64 -6.76 -17.72 -57.76
CA TYR L 64 -6.61 -18.88 -56.89
C TYR L 64 -7.53 -18.76 -55.68
N ASN L 65 -8.84 -18.76 -55.91
CA ASN L 65 -9.81 -18.65 -54.83
C ASN L 65 -11.10 -19.35 -55.25
N GLU L 66 -12.01 -19.48 -54.28
CA GLU L 66 -13.31 -20.09 -54.53
C GLU L 66 -14.47 -19.25 -54.00
N LYS L 67 -14.19 -18.03 -53.54
CA LYS L 67 -15.24 -17.15 -53.02
C LYS L 67 -14.82 -15.71 -53.22
N VAL L 68 -15.79 -14.86 -53.58
CA VAL L 68 -15.50 -13.45 -53.80
C VAL L 68 -15.17 -12.80 -52.47
N ALA L 69 -13.98 -12.20 -52.38
CA ALA L 69 -13.54 -11.56 -51.16
C ALA L 69 -14.17 -10.18 -51.00
N GLU L 70 -14.38 -9.78 -49.75
CA GLU L 70 -14.96 -8.48 -49.44
C GLU L 70 -14.15 -7.66 -48.45
N LYS L 71 -13.17 -8.25 -47.77
CA LYS L 71 -12.34 -7.54 -46.81
C LYS L 71 -10.99 -8.22 -46.74
N PRO L 72 -9.92 -7.48 -46.38
CA PRO L 72 -8.60 -8.11 -46.29
C PRO L 72 -8.54 -9.17 -45.20
N SER L 73 -7.50 -10.00 -45.27
CA SER L 73 -7.27 -11.10 -44.33
C SER L 73 -8.45 -12.06 -44.30
N ASP L 74 -9.14 -12.22 -45.43
CA ASP L 74 -10.28 -13.13 -45.52
C ASP L 74 -10.57 -13.47 -46.98
N ASP L 75 -9.78 -14.36 -47.56
CA ASP L 75 -9.97 -14.76 -48.96
C ASP L 75 -9.38 -16.14 -49.15
N SER L 76 -10.24 -17.13 -49.37
CA SER L 76 -9.85 -18.53 -49.61
C SER L 76 -9.04 -19.00 -48.39
N ASP L 77 -8.01 -19.83 -48.59
CA ASP L 77 -7.20 -20.33 -47.47
C ASP L 77 -5.83 -20.75 -47.97
N ILE L 78 -5.70 -21.01 -49.28
CA ILE L 78 -4.42 -21.44 -49.83
C ILE L 78 -3.42 -20.30 -49.88
N LEU L 79 -3.88 -19.06 -49.84
CA LEU L 79 -2.99 -17.90 -49.86
C LEU L 79 -3.04 -17.08 -48.58
N SER L 80 -3.85 -17.48 -47.60
CA SER L 80 -3.91 -16.74 -46.34
C SER L 80 -2.66 -16.96 -45.50
N ARG L 81 -2.03 -18.13 -45.62
CA ARG L 81 -0.83 -18.43 -44.85
C ARG L 81 0.43 -17.81 -45.46
N LEU L 82 0.34 -17.28 -46.68
CA LEU L 82 1.50 -16.65 -47.33
C LEU L 82 1.65 -15.18 -46.95
N PHE L 83 0.55 -14.48 -46.68
CA PHE L 83 0.59 -13.07 -46.33
C PHE L 83 0.18 -12.78 -44.89
N GLY L 84 -0.80 -13.50 -44.36
CA GLY L 84 -1.27 -13.30 -43.00
C GLY L 84 -2.77 -13.41 -42.90
N ASN L 85 -3.23 -13.43 -41.65
CA ASN L 85 -4.65 -13.52 -41.35
C ASN L 85 -4.92 -12.85 -40.01
N SER L 86 -5.87 -11.93 -39.99
CA SER L 86 -6.23 -11.20 -38.78
C SER L 86 -7.43 -11.80 -38.06
N LYS L 87 -7.91 -12.96 -38.50
CA LYS L 87 -9.06 -13.62 -37.88
C LYS L 87 -8.77 -15.05 -37.46
N ASP L 88 -7.94 -15.77 -38.19
CA ASP L 88 -7.62 -17.14 -37.84
C ASP L 88 -6.64 -17.19 -36.67
N LYS L 89 -6.90 -18.07 -35.72
CA LYS L 89 -6.06 -18.21 -34.54
C LYS L 89 -4.98 -19.26 -34.70
N ARG L 90 -4.97 -19.99 -35.82
CA ARG L 90 -3.95 -21.02 -36.03
C ARG L 90 -2.61 -20.40 -36.38
N PHE L 91 -2.61 -19.42 -37.29
CA PHE L 91 -1.39 -18.74 -37.71
C PHE L 91 -1.64 -17.25 -37.75
N LYS L 92 -0.60 -16.47 -37.43
CA LYS L 92 -0.70 -15.02 -37.41
C LYS L 92 0.44 -14.39 -38.22
N MET L 93 1.65 -14.94 -38.08
CA MET L 93 2.81 -14.41 -38.78
C MET L 93 2.84 -14.92 -40.21
N GLY L 94 3.37 -14.08 -41.10
CA GLY L 94 3.49 -14.44 -42.50
C GLY L 94 4.84 -15.07 -42.83
N ARG L 95 4.81 -15.99 -43.78
CA ARG L 95 6.03 -16.69 -44.20
C ARG L 95 6.78 -15.96 -45.31
N LEU L 96 6.21 -14.89 -45.86
CA LEU L 96 6.84 -14.12 -46.92
C LEU L 96 7.30 -12.78 -46.36
N ILE L 97 8.59 -12.47 -46.54
CA ILE L 97 9.20 -11.24 -46.06
C ILE L 97 9.79 -10.51 -47.26
N PHE L 98 9.35 -9.28 -47.48
CA PHE L 98 9.82 -8.47 -48.59
C PHE L 98 10.98 -7.59 -48.12
N ARG L 99 11.41 -6.67 -48.97
CA ARG L 99 12.50 -5.75 -48.64
C ARG L 99 12.45 -4.57 -49.59
N ASP L 100 12.72 -3.38 -49.05
CA ASP L 100 12.77 -2.16 -49.87
C ASP L 100 13.95 -2.26 -50.81
N ALA L 101 13.67 -2.62 -52.07
CA ALA L 101 14.73 -2.81 -53.05
C ALA L 101 15.35 -1.47 -53.43
N PHE L 102 16.67 -1.39 -53.34
CA PHE L 102 17.39 -0.18 -53.69
C PHE L 102 17.91 -0.25 -55.12
N LEU L 103 18.06 0.92 -55.74
CA LEU L 103 18.53 1.00 -57.13
C LEU L 103 20.04 0.82 -57.14
N SER L 104 20.48 -0.35 -57.61
CA SER L 104 21.91 -0.66 -57.71
C SER L 104 22.46 -0.39 -59.11
N ASN L 105 21.72 0.32 -59.96
CA ASN L 105 22.16 0.63 -61.31
C ASN L 105 22.95 1.94 -61.38
N ALA L 106 23.22 2.57 -60.24
CA ALA L 106 23.97 3.82 -60.22
C ALA L 106 25.46 3.64 -60.51
N ASP L 107 25.96 2.41 -60.51
CA ASP L 107 27.37 2.18 -60.78
C ASP L 107 27.74 2.39 -62.25
N GLU L 108 26.75 2.39 -63.14
CA GLU L 108 26.99 2.58 -64.57
C GLU L 108 25.96 3.49 -65.22
N LEU L 109 25.09 4.13 -64.45
CA LEU L 109 24.08 5.02 -65.03
C LEU L 109 24.69 6.35 -65.47
N ASP L 110 25.68 6.84 -64.73
CA ASP L 110 26.31 8.11 -65.08
C ASP L 110 27.20 7.99 -66.31
N SER L 111 27.63 6.77 -66.66
CA SER L 111 28.49 6.61 -67.82
C SER L 111 27.74 6.85 -69.13
N LEU L 112 26.42 6.64 -69.13
CA LEU L 112 25.62 6.84 -70.32
C LEU L 112 25.22 8.30 -70.53
N GLY L 113 25.57 9.20 -69.60
CA GLY L 113 25.23 10.59 -69.73
C GLY L 113 23.79 10.89 -69.37
N VAL L 114 23.52 11.10 -68.08
CA VAL L 114 22.19 11.39 -67.59
C VAL L 114 22.19 12.79 -66.97
N ARG L 115 20.98 13.33 -66.79
CA ARG L 115 20.80 14.65 -66.20
C ARG L 115 20.42 14.57 -64.73
N SER L 116 19.26 14.01 -64.42
CA SER L 116 18.79 13.88 -63.05
C SER L 116 18.04 12.57 -62.89
N TYR L 117 17.64 12.28 -61.65
CA TYR L 117 16.91 11.05 -61.37
C TYR L 117 15.41 11.20 -61.55
N THR L 118 14.88 12.41 -61.44
CA THR L 118 13.46 12.66 -61.60
C THR L 118 13.25 13.82 -62.56
N GLU L 119 12.24 13.69 -63.42
CA GLU L 119 11.89 14.73 -64.38
C GLU L 119 10.41 15.03 -64.27
N VAL L 120 10.01 16.18 -64.81
CA VAL L 120 8.63 16.64 -64.78
C VAL L 120 8.03 16.40 -66.16
N LYS L 121 7.00 15.56 -66.23
CA LYS L 121 6.30 15.26 -67.47
C LYS L 121 5.04 16.11 -67.56
N PHE L 122 4.86 16.77 -68.70
CA PHE L 122 3.69 17.63 -68.91
C PHE L 122 2.52 16.78 -69.37
N GLU L 123 1.52 16.62 -68.51
CA GLU L 123 0.33 15.84 -68.82
C GLU L 123 -0.88 16.52 -68.18
N ASN L 124 -1.81 16.96 -69.01
CA ASN L 124 -3.01 17.63 -68.52
C ASN L 124 -4.27 16.87 -68.92
N THR L 125 -5.38 17.58 -69.10
CA THR L 125 -6.63 16.97 -69.49
C THR L 125 -7.46 17.98 -70.27
N ILE L 126 -8.44 17.47 -71.01
CA ILE L 126 -9.34 18.28 -71.82
C ILE L 126 -10.77 18.02 -71.34
N ASP L 127 -11.52 19.09 -71.12
CA ASP L 127 -12.90 19.01 -70.66
C ASP L 127 -13.90 18.80 -71.80
N ARG L 128 -13.42 18.33 -72.96
CA ARG L 128 -14.27 18.01 -74.10
C ARG L 128 -15.05 19.23 -74.60
N ILE L 129 -15.95 19.76 -73.77
CA ILE L 129 -16.79 20.88 -74.18
C ILE L 129 -15.96 22.15 -74.40
N THR L 130 -14.79 22.26 -73.77
CA THR L 130 -13.95 23.43 -73.96
C THR L 130 -12.53 23.01 -74.35
N ALA L 131 -11.61 23.97 -74.41
CA ALA L 131 -10.23 23.69 -74.78
C ALA L 131 -9.45 23.12 -73.60
N GLU L 132 -8.26 23.66 -73.35
CA GLU L 132 -7.43 23.17 -72.26
C GLU L 132 -7.97 23.65 -70.93
N ALA L 133 -8.08 22.74 -69.96
CA ALA L 133 -8.58 23.05 -68.64
C ALA L 133 -7.74 22.35 -67.60
N ASN L 134 -7.31 23.09 -66.58
CA ASN L 134 -6.50 22.59 -65.47
C ASN L 134 -5.23 21.95 -65.99
N PRO L 135 -4.22 22.74 -66.38
CA PRO L 135 -2.95 22.18 -66.87
C PRO L 135 -2.08 21.61 -65.75
N ARG L 136 -2.42 20.38 -65.35
CA ARG L 136 -1.69 19.71 -64.29
C ARG L 136 -0.40 19.10 -64.83
N GLN L 137 0.34 18.43 -63.95
CA GLN L 137 1.59 17.79 -64.32
C GLN L 137 1.92 16.72 -63.28
N ILE L 138 2.88 15.86 -63.64
CA ILE L 138 3.30 14.78 -62.75
C ILE L 138 4.82 14.79 -62.62
N GLU L 139 5.37 13.74 -62.03
CA GLU L 139 6.82 13.61 -61.86
C GLU L 139 7.18 12.14 -61.90
N ARG L 140 7.85 11.72 -62.97
CA ARG L 140 8.25 10.33 -63.16
C ARG L 140 9.72 10.14 -62.80
N ALA L 141 10.14 8.88 -62.79
CA ALA L 141 11.52 8.53 -62.46
C ALA L 141 12.32 8.26 -63.74
N ILE L 142 13.31 7.37 -63.66
CA ILE L 142 14.13 7.03 -64.80
C ILE L 142 13.58 5.76 -65.45
N ARG L 143 14.05 5.50 -66.66
CA ARG L 143 13.64 4.34 -67.44
C ARG L 143 14.81 3.38 -67.58
N ASN L 144 14.47 2.09 -67.71
CA ASN L 144 15.47 1.02 -67.85
C ASN L 144 16.40 0.97 -66.65
N SER L 145 15.81 0.81 -65.47
CA SER L 145 16.56 0.72 -64.21
C SER L 145 16.24 -0.59 -63.52
N THR L 146 17.15 -1.01 -62.64
CA THR L 146 17.01 -2.25 -61.90
C THR L 146 16.97 -1.97 -60.41
N PHE L 147 16.55 -2.99 -59.66
CA PHE L 147 16.45 -2.90 -58.20
C PHE L 147 16.85 -4.24 -57.60
N ASP L 148 17.73 -4.19 -56.60
CA ASP L 148 18.20 -5.39 -55.92
C ASP L 148 17.15 -5.81 -54.90
N PHE L 149 16.24 -6.68 -55.33
CA PHE L 149 15.17 -7.16 -54.48
C PHE L 149 15.53 -8.52 -53.89
N GLU L 150 15.15 -8.73 -52.63
CA GLU L 150 15.42 -9.98 -51.93
C GLU L 150 14.13 -10.49 -51.31
N LEU L 151 13.85 -11.78 -51.50
CA LEU L 151 12.66 -12.43 -50.96
C LEU L 151 13.09 -13.43 -49.90
N ILE L 152 12.87 -13.08 -48.64
CA ILE L 152 13.24 -13.94 -47.52
C ILE L 152 12.09 -14.92 -47.29
N TYR L 153 12.36 -16.20 -47.51
CA TYR L 153 11.37 -17.26 -47.34
C TYR L 153 11.86 -18.24 -46.28
N GLU L 154 10.94 -18.68 -45.43
CA GLU L 154 11.27 -19.61 -44.35
C GLU L 154 10.08 -20.54 -44.11
N ILE L 155 10.38 -21.72 -43.56
CA ILE L 155 9.36 -22.70 -43.23
C ILE L 155 9.32 -22.88 -41.72
N THR L 156 8.19 -23.40 -41.24
CA THR L 156 7.96 -23.63 -39.81
C THR L 156 8.00 -25.12 -39.48
N ASP L 157 8.97 -25.84 -40.06
CA ASP L 157 9.17 -27.26 -39.81
C ASP L 157 7.96 -28.09 -40.24
N GLU L 158 6.81 -27.85 -39.62
CA GLU L 158 5.60 -28.58 -39.98
C GLU L 158 5.18 -28.32 -41.43
N ASN L 159 5.43 -27.10 -41.92
CA ASN L 159 5.10 -26.75 -43.30
C ASN L 159 6.21 -27.26 -44.22
N GLU L 160 6.24 -28.59 -44.38
CA GLU L 160 7.25 -29.24 -45.21
C GLU L 160 6.67 -30.18 -46.26
N ASN L 161 5.50 -30.76 -46.04
CA ASN L 161 4.89 -31.68 -46.99
C ASN L 161 4.24 -30.98 -48.18
N GLN L 162 4.39 -29.66 -48.31
CA GLN L 162 3.89 -28.95 -49.47
C GLN L 162 4.83 -27.80 -49.84
N VAL L 163 6.14 -28.07 -49.79
CA VAL L 163 7.11 -27.05 -50.18
C VAL L 163 7.06 -26.79 -51.68
N GLU L 164 6.96 -27.86 -52.48
CA GLU L 164 6.87 -27.71 -53.92
C GLU L 164 5.58 -27.03 -54.36
N GLU L 165 4.51 -27.13 -53.55
CA GLU L 165 3.26 -26.48 -53.89
C GLU L 165 3.37 -24.97 -53.74
N ASP L 166 4.22 -24.49 -52.83
CA ASP L 166 4.39 -23.06 -52.64
C ASP L 166 5.31 -22.43 -53.67
N PHE L 167 6.19 -23.22 -54.30
CA PHE L 167 7.11 -22.66 -55.28
C PHE L 167 6.37 -22.27 -56.56
N LYS L 168 5.37 -23.05 -56.96
CA LYS L 168 4.61 -22.72 -58.16
C LYS L 168 3.67 -21.54 -57.96
N VAL L 169 3.40 -21.16 -56.71
CA VAL L 169 2.55 -20.01 -56.46
C VAL L 169 3.34 -18.72 -56.52
N ILE L 170 4.56 -18.72 -55.94
CA ILE L 170 5.40 -17.53 -55.98
C ILE L 170 5.89 -17.26 -57.40
N ARG L 171 6.24 -18.31 -58.14
CA ARG L 171 6.71 -18.13 -59.51
C ARG L 171 5.59 -17.62 -60.41
N ASP L 172 4.36 -18.09 -60.19
CA ASP L 172 3.25 -17.62 -61.00
C ASP L 172 2.82 -16.21 -60.61
N GLY L 173 3.04 -15.82 -59.35
CA GLY L 173 2.67 -14.48 -58.92
C GLY L 173 3.63 -13.42 -59.42
N LEU L 174 4.93 -13.76 -59.48
CA LEU L 174 5.91 -12.80 -59.96
C LEU L 174 5.83 -12.64 -61.47
N LYS L 175 5.53 -13.71 -62.19
CA LYS L 175 5.41 -13.62 -63.65
C LYS L 175 4.16 -12.85 -64.05
N LEU L 176 3.07 -12.97 -63.28
CA LEU L 176 1.86 -12.25 -63.59
C LEU L 176 2.00 -10.75 -63.33
N LEU L 177 2.85 -10.38 -62.37
CA LEU L 177 3.06 -8.97 -62.06
C LEU L 177 3.80 -8.24 -63.16
N GLU L 178 4.57 -8.97 -63.99
CA GLU L 178 5.31 -8.32 -65.07
C GLU L 178 4.38 -7.74 -66.13
N LEU L 179 3.20 -8.33 -66.30
CA LEU L 179 2.22 -7.86 -67.27
C LEU L 179 1.16 -6.96 -66.65
N ASP L 180 1.55 -6.15 -65.67
CA ASP L 180 0.61 -5.25 -65.00
C ASP L 180 1.39 -4.09 -64.39
N TYR L 181 0.74 -2.93 -64.31
CA TYR L 181 1.39 -1.75 -63.77
C TYR L 181 1.55 -1.87 -62.26
N LEU L 182 2.66 -1.34 -61.74
CA LEU L 182 2.96 -1.39 -60.32
C LEU L 182 3.27 0.02 -59.82
N GLY L 183 2.69 0.38 -58.68
CA GLY L 183 2.90 1.68 -58.11
C GLY L 183 1.62 2.48 -57.94
N GLY L 184 1.46 3.52 -58.76
CA GLY L 184 0.27 4.35 -58.69
C GLY L 184 -0.01 5.10 -59.98
N SER L 185 -1.28 5.14 -60.38
CA SER L 185 -1.71 5.83 -61.60
C SER L 185 -0.95 5.28 -62.82
N GLY L 186 -0.85 3.96 -62.91
CA GLY L 186 -0.18 3.32 -64.01
C GLY L 186 -1.10 2.90 -65.12
N SER L 187 -2.27 3.52 -65.20
CA SER L 187 -3.24 3.18 -66.23
C SER L 187 -2.84 3.72 -67.60
N ARG L 188 -1.97 4.73 -67.65
CA ARG L 188 -1.51 5.32 -68.90
C ARG L 188 -0.24 4.65 -69.43
N GLY L 189 0.10 3.46 -68.92
CA GLY L 189 1.29 2.77 -69.37
C GLY L 189 2.55 3.25 -68.69
N TYR L 190 2.59 3.16 -67.37
CA TYR L 190 3.74 3.60 -66.59
C TYR L 190 4.45 2.46 -65.87
N GLY L 191 3.71 1.51 -65.30
CA GLY L 191 4.32 0.43 -64.56
C GLY L 191 4.94 -0.64 -65.43
N LYS L 192 4.37 -1.85 -65.40
CA LYS L 192 4.87 -2.99 -66.15
C LYS L 192 6.31 -3.30 -65.79
N VAL L 193 6.52 -4.08 -64.74
CA VAL L 193 7.86 -4.43 -64.28
C VAL L 193 8.36 -5.63 -65.05
N ALA L 194 9.58 -6.09 -64.73
CA ALA L 194 10.16 -7.25 -65.40
C ALA L 194 11.22 -7.83 -64.46
N PHE L 195 10.88 -8.96 -63.83
CA PHE L 195 11.81 -9.63 -62.91
C PHE L 195 12.90 -10.31 -63.71
N GLU L 196 14.14 -9.86 -63.55
CA GLU L 196 15.29 -10.40 -64.25
C GLU L 196 16.15 -11.22 -63.29
N LYS L 197 16.65 -12.35 -63.79
CA LYS L 197 17.50 -13.26 -63.03
C LYS L 197 16.79 -13.73 -61.75
N LEU L 198 15.78 -14.57 -61.96
CA LEU L 198 14.99 -15.14 -60.88
C LEU L 198 15.64 -16.45 -60.47
N LYS L 199 16.45 -16.41 -59.42
CA LYS L 199 17.16 -17.58 -58.90
C LYS L 199 16.91 -17.69 -57.41
N ALA L 200 17.32 -18.84 -56.86
CA ALA L 200 17.16 -19.12 -55.44
C ALA L 200 18.48 -19.60 -54.86
N THR L 201 18.66 -19.37 -53.56
CA THR L 201 19.88 -19.76 -52.88
C THR L 201 19.54 -20.03 -51.41
N THR L 202 20.48 -20.67 -50.72
CA THR L 202 20.33 -21.02 -49.31
C THR L 202 21.39 -20.30 -48.50
N VAL L 203 20.95 -19.47 -47.57
CA VAL L 203 21.84 -18.69 -46.71
C VAL L 203 22.10 -19.41 -45.39
N PHE L 204 21.03 -19.86 -44.72
CA PHE L 204 21.19 -20.57 -43.46
C PHE L 204 21.76 -21.96 -43.67
N GLY L 205 21.36 -22.62 -44.76
CA GLY L 205 21.85 -23.96 -45.06
C GLY L 205 21.19 -25.03 -44.24
N ASN L 206 19.98 -25.43 -44.63
CA ASN L 206 19.24 -26.47 -43.92
C ASN L 206 18.32 -27.22 -44.86
N TYR L 207 18.18 -26.72 -46.10
CA TYR L 207 17.33 -27.35 -47.09
C TYR L 207 18.05 -27.35 -48.44
N ASP L 208 17.81 -28.39 -49.22
CA ASP L 208 18.49 -28.54 -50.50
C ASP L 208 17.99 -27.52 -51.52
N VAL L 209 18.71 -27.41 -52.62
CA VAL L 209 18.37 -26.48 -53.69
C VAL L 209 17.67 -27.26 -54.80
N LYS L 210 16.42 -26.89 -55.08
CA LYS L 210 15.63 -27.54 -56.12
C LYS L 210 15.42 -26.64 -57.32
N THR L 211 14.73 -25.52 -57.15
CA THR L 211 14.49 -24.60 -58.26
C THR L 211 15.71 -23.74 -58.52
N LEU L 212 15.73 -23.12 -59.70
CA LEU L 212 16.84 -22.26 -60.11
C LEU L 212 16.38 -21.24 -61.15
N ASN L 213 15.51 -21.65 -62.06
CA ASN L 213 15.01 -20.75 -63.09
C ASN L 213 13.48 -20.75 -63.10
PG ATP M . -23.56 -2.46 37.95
O1G ATP M . -24.05 -3.47 36.95
O2G ATP M . -22.30 -1.73 37.54
O3G ATP M . -24.64 -1.56 38.49
PB ATP M . -21.97 -4.47 39.08
O1B ATP M . -22.51 -5.58 38.22
O2B ATP M . -20.67 -3.79 38.73
O3B ATP M . -23.11 -3.34 39.22
PA ATP M . -20.68 -6.05 40.99
O1A ATP M . -19.38 -5.29 41.01
O2A ATP M . -20.81 -7.29 40.14
O3A ATP M . -21.85 -5.03 40.59
O5' ATP M . -21.05 -6.44 42.51
C5' ATP M . -20.17 -7.25 43.29
C4' ATP M . -20.81 -7.54 44.63
O4' ATP M . -21.89 -8.46 44.48
C3' ATP M . -19.82 -8.18 45.60
O3' ATP M . -19.47 -7.25 46.63
C2' ATP M . -20.55 -9.37 46.20
O2' ATP M . -20.66 -9.20 47.62
C1' ATP M . -21.92 -9.40 45.57
N9 ATP M . -22.22 -10.76 45.06
C8 ATP M . -21.86 -11.25 43.86
N7 ATP M . -22.27 -12.53 43.71
C5 ATP M . -22.92 -12.88 44.84
C6 ATP M . -23.62 -14.09 45.34
N6 ATP M . -23.71 -15.21 44.58
N1 ATP M . -24.16 -14.04 46.58
C2 ATP M . -24.09 -12.92 47.33
N3 ATP M . -23.47 -11.80 46.95
C4 ATP M . -22.88 -11.71 45.73
#